data_6IUR
#
_entry.id   6IUR
#
_cell.length_a   107.094
_cell.length_b   201.743
_cell.length_c   116.055
_cell.angle_alpha   90.00
_cell.angle_beta   106.29
_cell.angle_gamma   90.00
#
_symmetry.space_group_name_H-M   'P 1 21 1'
#
loop_
_entity.id
_entity.type
_entity.pdbx_description
1 polymer 'PP2A scaffolding subunit'
2 polymer Striatin-3
3 non-polymer PROPANE
4 water water
#
loop_
_entity_poly.entity_id
_entity_poly.type
_entity_poly.pdbx_seq_one_letter_code
_entity_poly.pdbx_strand_id
1 'polypeptide(L)'
;GSPEFDSLYPIAVLIDELRNEDVQLRLNSIKKLSTIALALGVERTRSELLPFLTDTIYDEDEVLLALAEQLGTFTTLVGG
PEYVHCLLPPLESLATVEETVVRDKAVESLRAISHEHSPSDLEAHFVPLVKRLAGGDWFTSRTSACGLFSVCYPRVSSAV
KAELRQYFRNLCSDDTPMVRRAAASKLGEFAKVLELDNVKSEIIPMFSNLASDEQDSVRLLAVEACVNIAQLLPQEDLEA
LVMPTLRQAAEDKSWRVRYMVADKFTELQKAVGPEITKTDLVPAFQNLMKDCEAEVRAAASHKVKEFCENLSADCRENVI
MSQILPCIKELVSDANQHVKSALASVIMGLSPILGKDNTIEHLLPLFLAQLKDECPEVRLNIISNLDCVNEVIGIRQLSQ
SLLPAIVELAEDAKWRVRLAIIEYMPLLAGQLGVEFFDEKLNSLCMAWLVDHVYAIREAATSNLKKLVEKFGKEWAHATI
IPKVLAMSGDPNYLHRMTTLFCINVLSEVCGQDITTKHMLPTVLRMAGDPVANVRFNVAKSLQKIGPILDNSTLQSEVKP
ILEKLTQDQDVDVKYFAQEALTVLSLA
;
A,B,E,F
2 'polypeptide(L)' STMDWEVERAELQARIAFLQGERKGQENLKKDLVRRIKMLEYALKQERAK C,D,G,H
#
loop_
_chem_comp.id
_chem_comp.type
_chem_comp.name
_chem_comp.formula
TME non-polymer PROPANE 'C3 H8'
#
# COMPACT_ATOMS: atom_id res chain seq x y z
N ASP A 6 -0.40 37.30 3.34
CA ASP A 6 0.78 36.52 3.00
C ASP A 6 0.84 36.27 1.49
N SER A 7 0.93 34.99 1.12
CA SER A 7 0.85 34.58 -0.28
C SER A 7 -0.58 34.40 -0.75
N LEU A 8 -1.57 34.66 0.12
CA LEU A 8 -2.97 34.68 -0.27
C LEU A 8 -3.43 36.04 -0.76
N TYR A 9 -2.51 36.89 -1.19
CA TYR A 9 -2.88 38.22 -1.66
C TYR A 9 -3.44 38.13 -3.06
N PRO A 10 -4.65 38.64 -3.31
CA PRO A 10 -5.33 38.43 -4.60
C PRO A 10 -4.53 38.76 -5.86
N ILE A 11 -3.41 39.46 -5.75
CA ILE A 11 -2.53 39.71 -6.89
C ILE A 11 -1.40 38.70 -6.96
N ALA A 12 -0.77 38.38 -5.82
CA ALA A 12 0.25 37.35 -5.81
C ALA A 12 -0.32 36.02 -6.32
N VAL A 13 -1.52 35.67 -5.85
CA VAL A 13 -2.22 34.47 -6.34
C VAL A 13 -2.31 34.49 -7.87
N LEU A 14 -2.69 35.64 -8.43
CA LEU A 14 -2.89 35.72 -9.87
C LEU A 14 -1.57 35.59 -10.62
N ILE A 15 -0.49 36.20 -10.13
CA ILE A 15 0.82 36.03 -10.75
C ILE A 15 1.17 34.55 -10.79
N ASP A 16 1.02 33.84 -9.66
CA ASP A 16 1.37 32.43 -9.64
C ASP A 16 0.46 31.61 -10.56
N GLU A 17 -0.81 32.00 -10.66
CA GLU A 17 -1.72 31.36 -11.60
C GLU A 17 -1.22 31.53 -13.03
N LEU A 18 -0.73 32.73 -13.37
CA LEU A 18 -0.30 32.99 -14.74
C LEU A 18 1.06 32.37 -15.05
N ARG A 19 1.83 32.00 -14.02
CA ARG A 19 3.11 31.36 -14.27
C ARG A 19 2.98 29.90 -14.68
N ASN A 20 1.87 29.24 -14.35
CA ASN A 20 1.67 27.84 -14.70
C ASN A 20 1.76 27.64 -16.22
N GLU A 21 2.23 26.46 -16.62
CA GLU A 21 2.46 26.18 -18.03
C GLU A 21 1.21 25.66 -18.74
N ASP A 22 0.41 24.84 -18.06
CA ASP A 22 -0.79 24.31 -18.68
C ASP A 22 -1.70 25.46 -19.09
N VAL A 23 -1.88 25.62 -20.40
CA VAL A 23 -2.62 26.77 -20.92
C VAL A 23 -4.05 26.78 -20.41
N GLN A 24 -4.67 25.60 -20.30
CA GLN A 24 -6.04 25.54 -19.79
C GLN A 24 -6.12 26.04 -18.35
N LEU A 25 -5.03 25.96 -17.60
CA LEU A 25 -5.04 26.41 -16.22
C LEU A 25 -5.05 27.94 -16.15
N ARG A 26 -4.20 28.60 -16.95
CA ARG A 26 -4.25 30.06 -17.04
C ARG A 26 -5.59 30.52 -17.61
N LEU A 27 -6.12 29.79 -18.59
CA LEU A 27 -7.43 30.11 -19.14
C LEU A 27 -8.50 30.10 -18.06
N ASN A 28 -8.53 29.04 -17.25
CA ASN A 28 -9.49 28.97 -16.16
C ASN A 28 -9.18 29.99 -15.08
N SER A 29 -7.95 30.53 -15.07
CA SER A 29 -7.63 31.63 -14.16
C SER A 29 -8.26 32.93 -14.63
N ILE A 30 -8.12 33.25 -15.92
CA ILE A 30 -8.70 34.47 -16.46
C ILE A 30 -10.22 34.38 -16.48
N LYS A 31 -10.78 33.23 -16.88
CA LYS A 31 -12.23 33.07 -16.94
C LYS A 31 -12.91 33.40 -15.62
N LYS A 32 -12.23 33.16 -14.50
CA LYS A 32 -12.77 33.48 -13.18
C LYS A 32 -11.97 34.61 -12.56
N LEU A 33 -11.71 35.65 -13.34
CA LEU A 33 -10.99 36.81 -12.82
C LEU A 33 -11.87 37.64 -11.89
N SER A 34 -13.19 37.63 -12.10
CA SER A 34 -14.11 38.27 -11.18
C SER A 34 -13.86 37.89 -9.73
N THR A 35 -13.43 36.64 -9.49
CA THR A 35 -13.16 36.24 -8.11
C THR A 35 -11.97 37.00 -7.54
N ILE A 36 -10.98 37.28 -8.39
CA ILE A 36 -9.79 37.99 -7.92
C ILE A 36 -10.14 39.43 -7.56
N ALA A 37 -10.86 40.11 -8.44
CA ALA A 37 -11.26 41.48 -8.17
C ALA A 37 -12.21 41.55 -6.97
N LEU A 38 -13.15 40.62 -6.87
CA LEU A 38 -14.06 40.60 -5.72
C LEU A 38 -13.29 40.42 -4.42
N ALA A 39 -12.20 39.64 -4.45
CA ALA A 39 -11.32 39.56 -3.28
C ALA A 39 -10.66 40.91 -3.02
N LEU A 40 -10.13 41.53 -4.08
CA LEU A 40 -9.46 42.82 -3.95
C LEU A 40 -10.41 43.90 -3.44
N GLY A 41 -11.70 43.77 -3.73
CA GLY A 41 -12.69 44.76 -3.38
C GLY A 41 -12.95 45.68 -4.55
N VAL A 42 -13.00 46.98 -4.29
CA VAL A 42 -13.23 47.98 -5.31
C VAL A 42 -12.11 49.01 -5.35
N GLU A 43 -11.64 49.47 -4.19
CA GLU A 43 -10.53 50.40 -4.16
C GLU A 43 -9.30 49.74 -4.73
N ARG A 44 -8.95 48.56 -4.20
CA ARG A 44 -7.74 47.88 -4.63
C ARG A 44 -7.89 47.30 -6.03
N THR A 45 -9.12 47.01 -6.46
CA THR A 45 -9.30 46.58 -7.83
C THR A 45 -8.81 47.64 -8.80
N ARG A 46 -9.39 48.85 -8.69
CA ARG A 46 -9.00 49.96 -9.56
C ARG A 46 -7.52 50.30 -9.40
N SER A 47 -7.05 50.37 -8.16
CA SER A 47 -5.68 50.84 -7.92
C SER A 47 -4.62 49.85 -8.38
N GLU A 48 -4.82 48.56 -8.12
CA GLU A 48 -3.75 47.56 -8.29
C GLU A 48 -3.98 46.61 -9.46
N LEU A 49 -5.20 46.14 -9.70
CA LEU A 49 -5.37 45.06 -10.66
C LEU A 49 -5.27 45.58 -12.09
N LEU A 50 -6.13 46.53 -12.44
CA LEU A 50 -6.22 46.98 -13.83
C LEU A 50 -4.91 47.51 -14.41
N PRO A 51 -4.04 48.23 -13.68
CA PRO A 51 -2.72 48.52 -14.25
C PRO A 51 -1.92 47.28 -14.55
N PHE A 52 -1.99 46.27 -13.67
CA PHE A 52 -1.29 45.02 -13.93
C PHE A 52 -1.81 44.32 -15.18
N LEU A 53 -3.11 44.46 -15.49
CA LEU A 53 -3.67 43.86 -16.68
C LEU A 53 -3.38 44.68 -17.93
N THR A 54 -3.23 45.99 -17.81
CA THR A 54 -3.09 46.84 -18.99
C THR A 54 -1.70 46.73 -19.60
N ASP A 55 -0.70 47.24 -18.89
CA ASP A 55 0.64 47.32 -19.45
C ASP A 55 1.15 45.94 -19.86
N THR A 56 1.16 45.00 -18.92
CA THR A 56 1.96 43.79 -19.02
C THR A 56 1.10 42.55 -18.84
N ILE A 57 0.55 42.05 -19.94
CA ILE A 57 -0.08 40.73 -19.93
C ILE A 57 -0.04 40.16 -21.34
N TYR A 58 0.70 39.07 -21.52
CA TYR A 58 0.87 38.47 -22.83
C TYR A 58 0.67 36.97 -22.74
N ASP A 59 -0.10 36.44 -23.68
CA ASP A 59 -0.51 35.04 -23.66
C ASP A 59 -1.09 34.68 -25.02
N GLU A 60 -1.46 33.41 -25.18
CA GLU A 60 -2.08 32.94 -26.40
C GLU A 60 -3.46 33.58 -26.57
N ASP A 61 -4.00 33.47 -27.78
CA ASP A 61 -5.17 34.26 -28.16
C ASP A 61 -6.40 33.93 -27.32
N GLU A 62 -6.56 32.67 -26.90
CA GLU A 62 -7.75 32.29 -26.15
C GLU A 62 -7.78 32.97 -24.78
N VAL A 63 -6.62 33.10 -24.13
CA VAL A 63 -6.55 33.77 -22.84
C VAL A 63 -6.87 35.25 -22.99
N LEU A 64 -6.25 35.92 -23.97
CA LEU A 64 -6.55 37.32 -24.26
C LEU A 64 -8.04 37.52 -24.52
N LEU A 65 -8.66 36.59 -25.25
CA LEU A 65 -10.08 36.70 -25.54
C LEU A 65 -10.92 36.51 -24.28
N ALA A 66 -10.51 35.58 -23.41
CA ALA A 66 -11.20 35.43 -22.14
C ALA A 66 -11.10 36.71 -21.31
N LEU A 67 -9.94 37.37 -21.35
CA LEU A 67 -9.77 38.62 -20.62
C LEU A 67 -10.67 39.72 -21.18
N ALA A 68 -10.74 39.81 -22.52
CA ALA A 68 -11.63 40.79 -23.15
C ALA A 68 -13.08 40.51 -22.78
N GLU A 69 -13.48 39.24 -22.74
CA GLU A 69 -14.81 38.87 -22.24
C GLU A 69 -15.01 39.38 -20.82
N GLN A 70 -14.07 39.04 -19.93
CA GLN A 70 -14.24 39.34 -18.52
C GLN A 70 -14.37 40.84 -18.28
N LEU A 71 -13.57 41.64 -18.98
CA LEU A 71 -13.56 43.08 -18.74
C LEU A 71 -14.91 43.75 -19.02
N GLY A 72 -15.75 43.16 -19.86
CA GLY A 72 -17.05 43.75 -20.14
C GLY A 72 -18.00 43.75 -18.95
N THR A 73 -17.80 42.86 -17.99
CA THR A 73 -18.68 42.70 -16.85
C THR A 73 -18.17 43.39 -15.59
N PHE A 74 -17.04 44.06 -15.67
CA PHE A 74 -16.37 44.59 -14.50
C PHE A 74 -16.95 45.91 -14.01
N THR A 75 -17.98 46.44 -14.67
CA THR A 75 -18.55 47.72 -14.29
C THR A 75 -18.82 47.80 -12.79
N THR A 76 -19.46 46.77 -12.24
CA THR A 76 -19.76 46.76 -10.81
C THR A 76 -18.52 46.50 -9.96
N LEU A 77 -17.59 45.71 -10.46
CA LEU A 77 -16.41 45.34 -9.67
C LEU A 77 -15.39 46.47 -9.57
N VAL A 78 -15.66 47.63 -10.15
CA VAL A 78 -14.76 48.77 -10.07
C VAL A 78 -15.43 50.00 -9.49
N GLY A 79 -16.73 49.95 -9.19
CA GLY A 79 -17.36 51.01 -8.44
C GLY A 79 -18.66 51.53 -9.02
N GLY A 80 -19.30 50.75 -9.88
CA GLY A 80 -20.48 51.21 -10.56
C GLY A 80 -20.13 52.10 -11.74
N PRO A 81 -21.15 52.71 -12.36
CA PRO A 81 -20.88 53.55 -13.55
C PRO A 81 -19.89 54.67 -13.29
N GLU A 82 -19.91 55.28 -12.09
CA GLU A 82 -19.08 56.45 -11.83
C GLU A 82 -17.61 56.22 -12.16
N TYR A 83 -17.16 54.96 -12.10
CA TYR A 83 -15.76 54.63 -12.33
C TYR A 83 -15.55 53.68 -13.51
N VAL A 84 -16.58 53.38 -14.29
CA VAL A 84 -16.46 52.38 -15.35
C VAL A 84 -15.29 52.69 -16.28
N HIS A 85 -14.94 53.97 -16.44
CA HIS A 85 -13.89 54.34 -17.39
C HIS A 85 -12.54 53.74 -17.04
N CYS A 86 -12.36 53.25 -15.81
CA CYS A 86 -11.09 52.60 -15.48
C CYS A 86 -10.85 51.36 -16.31
N LEU A 87 -11.92 50.77 -16.86
CA LEU A 87 -11.81 49.60 -17.73
C LEU A 87 -11.25 49.92 -19.11
N LEU A 88 -11.07 51.20 -19.44
CA LEU A 88 -10.75 51.57 -20.81
C LEU A 88 -9.31 51.30 -21.24
N PRO A 89 -8.29 51.53 -20.39
CA PRO A 89 -6.90 51.25 -20.83
C PRO A 89 -6.71 49.83 -21.33
N PRO A 90 -6.93 48.79 -20.50
CA PRO A 90 -6.55 47.44 -20.97
C PRO A 90 -7.29 47.02 -22.22
N LEU A 91 -8.59 47.29 -22.29
CA LEU A 91 -9.37 46.94 -23.48
C LEU A 91 -8.77 47.56 -24.72
N GLU A 92 -8.23 48.78 -24.61
CA GLU A 92 -7.64 49.41 -25.79
C GLU A 92 -6.43 48.63 -26.27
N SER A 93 -5.61 48.13 -25.32
CA SER A 93 -4.55 47.20 -25.69
C SER A 93 -5.13 46.04 -26.49
N LEU A 94 -6.21 45.45 -25.97
CA LEU A 94 -6.80 44.29 -26.62
C LEU A 94 -7.50 44.67 -27.92
N ALA A 95 -7.80 45.95 -28.13
CA ALA A 95 -8.36 46.34 -29.41
C ALA A 95 -7.30 46.54 -30.47
N THR A 96 -6.02 46.48 -30.11
CA THR A 96 -4.93 46.64 -31.06
C THR A 96 -4.18 45.35 -31.32
N VAL A 97 -4.62 44.23 -30.72
CA VAL A 97 -3.99 42.95 -30.99
C VAL A 97 -4.17 42.59 -32.46
N GLU A 98 -3.25 41.79 -32.97
CA GLU A 98 -3.31 41.38 -34.37
C GLU A 98 -4.43 40.39 -34.63
N GLU A 99 -4.80 39.58 -33.63
CA GLU A 99 -5.77 38.50 -33.84
C GLU A 99 -7.18 39.06 -33.86
N THR A 100 -7.96 38.62 -34.86
CA THR A 100 -9.25 39.25 -35.14
C THR A 100 -10.27 39.01 -34.05
N VAL A 101 -10.27 37.81 -33.45
CA VAL A 101 -11.33 37.51 -32.49
C VAL A 101 -11.08 38.20 -31.16
N VAL A 102 -9.81 38.38 -30.78
CA VAL A 102 -9.50 39.14 -29.57
C VAL A 102 -9.93 40.59 -29.73
N ARG A 103 -9.59 41.20 -30.86
CA ARG A 103 -10.05 42.55 -31.17
C ARG A 103 -11.57 42.64 -31.12
N ASP A 104 -12.25 41.70 -31.76
CA ASP A 104 -13.70 41.80 -31.86
C ASP A 104 -14.36 41.64 -30.51
N LYS A 105 -13.79 40.80 -29.62
CA LYS A 105 -14.39 40.68 -28.29
C LYS A 105 -14.07 41.90 -27.44
N ALA A 106 -12.89 42.50 -27.61
CA ALA A 106 -12.62 43.75 -26.91
C ALA A 106 -13.58 44.86 -27.35
N VAL A 107 -13.83 44.96 -28.65
CA VAL A 107 -14.81 45.90 -29.17
C VAL A 107 -16.20 45.59 -28.60
N GLU A 108 -16.55 44.31 -28.54
CA GLU A 108 -17.81 43.89 -27.92
C GLU A 108 -17.93 44.46 -26.51
N SER A 109 -16.90 44.25 -25.69
CA SER A 109 -16.95 44.71 -24.31
C SER A 109 -16.98 46.24 -24.24
N LEU A 110 -16.32 46.91 -25.18
CA LEU A 110 -16.34 48.36 -25.20
C LEU A 110 -17.73 48.89 -25.51
N ARG A 111 -18.36 48.38 -26.57
CA ARG A 111 -19.75 48.75 -26.85
C ARG A 111 -20.66 48.42 -25.67
N ALA A 112 -20.38 47.33 -24.96
CA ALA A 112 -21.22 46.94 -23.83
C ALA A 112 -21.13 47.96 -22.70
N ILE A 113 -19.91 48.33 -22.31
CA ILE A 113 -19.74 49.28 -21.20
C ILE A 113 -19.86 50.73 -21.63
N SER A 114 -20.05 50.99 -22.92
CA SER A 114 -20.31 52.36 -23.37
C SER A 114 -21.54 52.95 -22.69
N HIS A 115 -22.65 52.20 -22.71
CA HIS A 115 -23.92 52.68 -22.15
C HIS A 115 -23.88 52.82 -20.63
N GLU A 116 -22.85 52.31 -19.96
CA GLU A 116 -22.70 52.48 -18.51
C GLU A 116 -21.81 53.67 -18.18
N HIS A 117 -21.65 54.59 -19.14
CA HIS A 117 -20.90 55.82 -18.98
C HIS A 117 -21.87 56.98 -18.82
N SER A 118 -21.58 57.88 -17.90
CA SER A 118 -22.25 59.16 -17.94
C SER A 118 -21.76 59.92 -19.17
N PRO A 119 -22.63 60.73 -19.80
CA PRO A 119 -22.18 61.48 -20.99
C PRO A 119 -20.91 62.28 -20.73
N SER A 120 -20.78 62.84 -19.52
CA SER A 120 -19.54 63.50 -19.13
C SER A 120 -18.35 62.55 -19.26
N ASP A 121 -18.48 61.34 -18.69
CA ASP A 121 -17.41 60.35 -18.83
C ASP A 121 -17.25 59.91 -20.28
N LEU A 122 -18.34 59.89 -21.04
CA LEU A 122 -18.26 59.56 -22.47
C LEU A 122 -17.33 60.53 -23.20
N GLU A 123 -17.54 61.84 -22.99
CA GLU A 123 -16.66 62.82 -23.61
C GLU A 123 -15.25 62.77 -23.01
N ALA A 124 -15.16 62.48 -21.71
CA ALA A 124 -13.88 62.60 -21.02
C ALA A 124 -12.92 61.49 -21.41
N HIS A 125 -13.40 60.24 -21.43
CA HIS A 125 -12.51 59.10 -21.57
C HIS A 125 -12.82 58.21 -22.76
N PHE A 126 -14.09 58.06 -23.15
CA PHE A 126 -14.44 57.10 -24.19
C PHE A 126 -14.16 57.66 -25.58
N VAL A 127 -14.74 58.81 -25.90
CA VAL A 127 -14.56 59.41 -27.22
C VAL A 127 -13.08 59.63 -27.55
N PRO A 128 -12.24 60.14 -26.64
CA PRO A 128 -10.81 60.22 -26.97
C PRO A 128 -10.20 58.88 -27.30
N LEU A 129 -10.70 57.79 -26.70
CA LEU A 129 -10.19 56.47 -27.06
C LEU A 129 -10.62 56.09 -28.47
N VAL A 130 -11.85 56.45 -28.85
CA VAL A 130 -12.30 56.22 -30.22
C VAL A 130 -11.40 56.96 -31.20
N LYS A 131 -11.01 58.20 -30.87
CA LYS A 131 -10.14 58.95 -31.79
C LYS A 131 -8.74 58.33 -31.83
N ARG A 132 -8.22 57.94 -30.67
CA ARG A 132 -6.93 57.25 -30.62
C ARG A 132 -6.93 56.03 -31.52
N LEU A 133 -7.95 55.18 -31.40
CA LEU A 133 -8.02 53.97 -32.22
C LEU A 133 -8.22 54.31 -33.69
N ALA A 134 -8.97 55.37 -33.98
CA ALA A 134 -9.20 55.75 -35.38
C ALA A 134 -7.91 56.21 -36.05
N GLY A 135 -7.01 56.84 -35.30
CA GLY A 135 -5.78 57.32 -35.90
C GLY A 135 -4.55 56.47 -35.65
N GLY A 136 -4.75 55.17 -35.45
CA GLY A 136 -3.63 54.28 -35.22
C GLY A 136 -2.81 54.03 -36.48
N ASP A 137 -1.53 53.76 -36.29
CA ASP A 137 -0.64 53.52 -37.43
C ASP A 137 -0.93 52.17 -38.08
N TRP A 138 -1.37 51.20 -37.30
CA TRP A 138 -1.65 49.86 -37.80
C TRP A 138 -3.16 49.69 -37.92
N PHE A 139 -3.57 49.07 -39.04
CA PHE A 139 -4.99 49.03 -39.41
C PHE A 139 -5.88 48.36 -38.37
N THR A 140 -5.33 47.51 -37.49
CA THR A 140 -6.18 46.87 -36.50
C THR A 140 -6.86 47.92 -35.61
N SER A 141 -6.12 48.97 -35.25
CA SER A 141 -6.69 50.04 -34.46
C SER A 141 -7.89 50.67 -35.17
N ARG A 142 -7.76 50.93 -36.47
CA ARG A 142 -8.84 51.60 -37.20
C ARG A 142 -10.05 50.69 -37.35
N THR A 143 -9.82 49.42 -37.69
CA THR A 143 -10.92 48.46 -37.77
C THR A 143 -11.66 48.37 -36.44
N SER A 144 -10.92 48.28 -35.33
CA SER A 144 -11.56 48.26 -34.01
C SER A 144 -12.33 49.56 -33.76
N ALA A 145 -11.79 50.69 -34.23
CA ALA A 145 -12.43 51.98 -33.99
C ALA A 145 -13.77 52.08 -34.71
N CYS A 146 -13.86 51.48 -35.90
CA CYS A 146 -15.08 51.59 -36.69
C CYS A 146 -16.32 51.15 -35.90
N GLY A 147 -16.20 50.08 -35.11
CA GLY A 147 -17.36 49.54 -34.41
C GLY A 147 -17.83 50.35 -33.21
N LEU A 148 -17.09 51.39 -32.82
CA LEU A 148 -17.36 52.10 -31.58
C LEU A 148 -18.13 53.40 -31.78
N PHE A 149 -18.56 53.69 -33.00
CA PHE A 149 -19.15 55.00 -33.28
C PHE A 149 -20.61 55.06 -32.85
N SER A 150 -21.41 54.07 -33.25
CA SER A 150 -22.85 54.13 -33.05
C SER A 150 -23.26 54.09 -31.59
N VAL A 151 -22.37 53.75 -30.66
CA VAL A 151 -22.77 53.64 -29.27
C VAL A 151 -22.57 54.94 -28.48
N CYS A 152 -21.66 55.80 -28.91
CA CYS A 152 -21.32 57.01 -28.16
C CYS A 152 -21.86 58.29 -28.78
N TYR A 153 -22.19 58.28 -30.06
CA TYR A 153 -22.81 59.43 -30.72
C TYR A 153 -24.07 59.95 -30.04
N PRO A 154 -25.08 59.13 -29.74
CA PRO A 154 -26.40 59.69 -29.38
C PRO A 154 -26.44 60.49 -28.09
N ARG A 155 -25.48 60.31 -27.18
CA ARG A 155 -25.54 60.94 -25.87
C ARG A 155 -24.39 61.93 -25.67
N VAL A 156 -23.86 62.49 -26.74
CA VAL A 156 -22.70 63.35 -26.66
C VAL A 156 -23.01 64.66 -27.38
N SER A 157 -22.36 65.74 -26.96
CA SER A 157 -22.72 67.08 -27.42
C SER A 157 -22.54 67.21 -28.94
N SER A 158 -23.15 68.25 -29.50
CA SER A 158 -23.18 68.44 -30.94
C SER A 158 -21.78 68.56 -31.52
N ALA A 159 -20.88 69.25 -30.80
CA ALA A 159 -19.52 69.42 -31.30
C ALA A 159 -18.81 68.07 -31.42
N VAL A 160 -18.95 67.23 -30.39
CA VAL A 160 -18.34 65.91 -30.46
C VAL A 160 -19.02 65.06 -31.53
N LYS A 161 -20.34 65.25 -31.74
CA LYS A 161 -21.00 64.59 -32.86
C LYS A 161 -20.34 64.94 -34.18
N ALA A 162 -19.98 66.22 -34.38
CA ALA A 162 -19.30 66.63 -35.60
C ALA A 162 -17.92 65.99 -35.71
N GLU A 163 -17.15 66.02 -34.62
CA GLU A 163 -15.84 65.38 -34.63
C GLU A 163 -15.95 63.92 -35.05
N LEU A 164 -16.89 63.20 -34.44
CA LEU A 164 -17.09 61.79 -34.72
C LEU A 164 -17.44 61.58 -36.19
N ARG A 165 -18.39 62.36 -36.71
CA ARG A 165 -18.77 62.28 -38.12
C ARG A 165 -17.54 62.40 -39.02
N GLN A 166 -16.65 63.34 -38.73
CA GLN A 166 -15.53 63.54 -39.64
C GLN A 166 -14.46 62.45 -39.48
N TYR A 167 -14.23 61.98 -38.25
CA TYR A 167 -13.32 60.84 -38.07
C TYR A 167 -13.82 59.63 -38.85
N PHE A 168 -15.13 59.40 -38.82
CA PHE A 168 -15.72 58.28 -39.55
C PHE A 168 -15.55 58.48 -41.06
N ARG A 169 -15.74 59.71 -41.53
CA ARG A 169 -15.48 60.02 -42.94
C ARG A 169 -14.05 59.66 -43.31
N ASN A 170 -13.09 59.99 -42.43
CA ASN A 170 -11.69 59.65 -42.72
C ASN A 170 -11.46 58.15 -42.69
N LEU A 171 -12.29 57.40 -41.96
CA LEU A 171 -12.16 55.95 -42.03
C LEU A 171 -12.69 55.37 -43.33
N CYS A 172 -13.84 55.87 -43.81
CA CYS A 172 -14.39 55.36 -45.06
C CYS A 172 -13.51 55.61 -46.28
N SER A 173 -12.58 56.57 -46.21
CA SER A 173 -11.70 56.90 -47.32
C SER A 173 -10.27 56.42 -47.07
N ASP A 174 -10.10 55.49 -46.13
CA ASP A 174 -8.78 54.99 -45.77
C ASP A 174 -8.10 54.31 -46.96
N ASP A 175 -6.76 54.30 -46.93
CA ASP A 175 -5.99 53.69 -48.01
C ASP A 175 -6.01 52.18 -47.95
N THR A 176 -6.30 51.61 -46.81
CA THR A 176 -6.39 50.16 -46.68
C THR A 176 -7.81 49.70 -46.98
N PRO A 177 -7.99 48.72 -47.86
CA PRO A 177 -9.32 48.14 -48.03
C PRO A 177 -9.81 47.44 -46.77
N MET A 178 -8.87 47.03 -45.92
CA MET A 178 -9.19 46.25 -44.73
C MET A 178 -10.02 47.04 -43.73
N VAL A 179 -9.88 48.36 -43.72
CA VAL A 179 -10.71 49.17 -42.83
C VAL A 179 -11.83 49.90 -43.57
N ARG A 180 -11.67 50.14 -44.88
CA ARG A 180 -12.82 50.53 -45.69
C ARG A 180 -13.93 49.50 -45.55
N ARG A 181 -13.56 48.22 -45.45
CA ARG A 181 -14.56 47.17 -45.27
C ARG A 181 -15.28 47.32 -43.94
N ALA A 182 -14.54 47.58 -42.85
CA ALA A 182 -15.17 47.80 -41.55
C ALA A 182 -16.11 49.00 -41.60
N ALA A 183 -15.68 50.08 -42.26
CA ALA A 183 -16.54 51.25 -42.39
C ALA A 183 -17.83 50.91 -43.14
N ALA A 184 -17.71 50.16 -44.24
CA ALA A 184 -18.90 49.76 -44.98
C ALA A 184 -19.78 48.82 -44.16
N SER A 185 -19.18 48.01 -43.28
CA SER A 185 -19.95 47.15 -42.40
C SER A 185 -20.79 47.98 -41.44
N LYS A 186 -20.17 48.95 -40.78
CA LYS A 186 -20.85 49.75 -39.77
C LYS A 186 -21.60 50.94 -40.36
N LEU A 187 -21.61 51.09 -41.68
CA LEU A 187 -22.25 52.26 -42.30
C LEU A 187 -23.73 52.38 -41.89
N GLY A 188 -24.51 51.32 -42.08
CA GLY A 188 -25.93 51.40 -41.74
C GLY A 188 -26.16 51.51 -40.25
N GLU A 189 -25.40 50.73 -39.46
CA GLU A 189 -25.50 50.80 -38.01
C GLU A 189 -25.22 52.21 -37.50
N PHE A 190 -24.38 52.96 -38.21
CA PHE A 190 -24.06 54.33 -37.86
C PHE A 190 -25.07 55.33 -38.40
N ALA A 191 -25.63 55.09 -39.58
CA ALA A 191 -26.65 55.98 -40.12
C ALA A 191 -27.94 55.91 -39.34
N LYS A 192 -28.21 54.78 -38.68
CA LYS A 192 -29.44 54.68 -37.90
C LYS A 192 -29.41 55.55 -36.65
N VAL A 193 -28.26 56.07 -36.26
CA VAL A 193 -28.14 56.95 -35.11
C VAL A 193 -27.88 58.39 -35.52
N LEU A 194 -27.89 58.67 -36.82
CA LEU A 194 -27.60 60.00 -37.33
C LEU A 194 -28.89 60.77 -37.63
N GLU A 195 -28.82 62.08 -37.42
CA GLU A 195 -29.93 62.96 -37.77
C GLU A 195 -30.15 62.94 -39.28
N LEU A 196 -31.41 63.12 -39.69
CA LEU A 196 -31.78 62.87 -41.08
C LEU A 196 -30.96 63.73 -42.05
N ASP A 197 -30.60 64.94 -41.65
CA ASP A 197 -29.84 65.79 -42.55
C ASP A 197 -28.38 65.40 -42.63
N ASN A 198 -27.84 64.70 -41.63
CA ASN A 198 -26.49 64.16 -41.75
C ASN A 198 -26.46 62.86 -42.54
N VAL A 199 -27.55 62.09 -42.54
CA VAL A 199 -27.56 60.91 -43.40
C VAL A 199 -27.75 61.33 -44.84
N LYS A 200 -28.51 62.42 -45.08
CA LYS A 200 -28.55 62.96 -46.43
C LYS A 200 -27.23 63.63 -46.79
N SER A 201 -26.53 64.19 -45.80
CA SER A 201 -25.35 65.03 -46.04
C SER A 201 -24.04 64.25 -46.09
N GLU A 202 -23.82 63.31 -45.16
CA GLU A 202 -22.55 62.59 -45.09
C GLU A 202 -22.68 61.09 -45.28
N ILE A 203 -23.76 60.45 -44.79
CA ILE A 203 -23.91 59.01 -44.97
C ILE A 203 -24.07 58.67 -46.45
N ILE A 204 -24.98 59.36 -47.14
CA ILE A 204 -25.23 59.07 -48.56
C ILE A 204 -23.95 59.21 -49.40
N PRO A 205 -23.14 60.26 -49.25
CA PRO A 205 -21.89 60.31 -50.04
C PRO A 205 -20.92 59.18 -49.73
N MET A 206 -20.78 58.79 -48.47
CA MET A 206 -19.90 57.67 -48.15
C MET A 206 -20.46 56.37 -48.72
N PHE A 207 -21.78 56.22 -48.70
CA PHE A 207 -22.42 55.05 -49.28
C PHE A 207 -22.14 54.99 -50.78
N SER A 208 -22.20 56.13 -51.47
CA SER A 208 -21.91 56.14 -52.90
C SER A 208 -20.43 55.91 -53.18
N ASN A 209 -19.54 56.39 -52.31
CA ASN A 209 -18.12 56.22 -52.54
C ASN A 209 -17.68 54.79 -52.25
N LEU A 210 -18.17 54.20 -51.17
CA LEU A 210 -17.81 52.83 -50.83
C LEU A 210 -18.49 51.83 -51.74
N ALA A 211 -19.69 52.14 -52.23
CA ALA A 211 -20.39 51.21 -53.11
C ALA A 211 -19.75 51.11 -54.48
N SER A 212 -18.96 52.12 -54.88
CA SER A 212 -18.20 52.07 -56.13
C SER A 212 -16.69 52.05 -55.88
N ASP A 213 -16.27 51.42 -54.79
CA ASP A 213 -14.86 51.32 -54.46
C ASP A 213 -14.13 50.39 -55.45
N GLU A 214 -12.81 50.29 -55.28
CA GLU A 214 -11.94 49.51 -56.15
C GLU A 214 -11.86 48.04 -55.75
N GLN A 215 -12.57 47.62 -54.72
CA GLN A 215 -12.55 46.23 -54.28
C GLN A 215 -13.96 45.67 -54.26
N ASP A 216 -14.12 44.43 -54.72
CA ASP A 216 -15.44 43.79 -54.72
C ASP A 216 -16.01 43.70 -53.31
N SER A 217 -15.14 43.44 -52.32
CA SER A 217 -15.60 43.25 -50.95
C SER A 217 -16.29 44.49 -50.39
N VAL A 218 -15.67 45.66 -50.55
CA VAL A 218 -16.23 46.88 -50.00
C VAL A 218 -17.53 47.24 -50.72
N ARG A 219 -17.57 47.04 -52.04
CA ARG A 219 -18.78 47.28 -52.80
C ARG A 219 -19.94 46.42 -52.28
N LEU A 220 -19.70 45.11 -52.10
CA LEU A 220 -20.78 44.26 -51.60
C LEU A 220 -21.17 44.65 -50.17
N LEU A 221 -20.19 45.05 -49.34
CA LEU A 221 -20.54 45.45 -47.98
C LEU A 221 -21.38 46.73 -47.96
N ALA A 222 -21.09 47.67 -48.86
CA ALA A 222 -21.90 48.88 -48.92
C ALA A 222 -23.30 48.58 -49.40
N VAL A 223 -23.43 47.75 -50.44
CA VAL A 223 -24.78 47.43 -50.89
C VAL A 223 -25.51 46.58 -49.85
N GLU A 224 -24.79 45.88 -48.98
CA GLU A 224 -25.43 45.28 -47.80
C GLU A 224 -26.01 46.36 -46.90
N ALA A 225 -25.17 47.30 -46.47
CA ALA A 225 -25.66 48.33 -45.56
C ALA A 225 -26.57 49.35 -46.26
N CYS A 226 -26.95 49.04 -47.50
CA CYS A 226 -27.91 49.88 -48.22
C CYS A 226 -29.36 49.67 -47.78
N VAL A 227 -29.74 48.44 -47.42
CA VAL A 227 -31.13 48.19 -47.03
C VAL A 227 -31.49 48.98 -45.80
N ASN A 228 -30.52 49.22 -44.91
CA ASN A 228 -30.76 50.09 -43.76
C ASN A 228 -30.86 51.55 -44.18
N ILE A 229 -30.06 51.96 -45.15
CA ILE A 229 -30.07 53.35 -45.61
C ILE A 229 -31.42 53.70 -46.19
N ALA A 230 -31.94 52.84 -47.07
CA ALA A 230 -33.22 53.13 -47.73
C ALA A 230 -34.35 53.33 -46.72
N GLN A 231 -34.28 52.66 -45.57
CA GLN A 231 -35.33 52.75 -44.57
C GLN A 231 -35.15 53.94 -43.64
N LEU A 232 -34.27 54.89 -43.97
CA LEU A 232 -34.07 56.07 -43.15
C LEU A 232 -34.49 57.37 -43.83
N LEU A 233 -34.35 57.45 -45.16
CA LEU A 233 -34.86 58.60 -45.88
C LEU A 233 -36.37 58.48 -46.08
N PRO A 234 -37.07 59.58 -46.31
CA PRO A 234 -38.46 59.51 -46.78
C PRO A 234 -38.54 59.37 -48.29
N GLN A 235 -39.56 58.63 -48.74
CA GLN A 235 -39.60 58.01 -50.07
C GLN A 235 -38.97 58.80 -51.20
N GLU A 236 -39.38 60.06 -51.38
CA GLU A 236 -38.87 60.86 -52.49
C GLU A 236 -37.35 61.00 -52.44
N ASP A 237 -36.79 61.21 -51.25
CA ASP A 237 -35.34 61.33 -51.15
C ASP A 237 -34.66 60.03 -51.53
N LEU A 238 -35.26 58.87 -51.20
CA LEU A 238 -34.70 57.58 -51.57
C LEU A 238 -34.32 57.52 -53.03
N GLU A 239 -35.19 58.03 -53.90
CA GLU A 239 -34.99 57.93 -55.34
C GLU A 239 -33.71 58.65 -55.77
N ALA A 240 -33.66 59.96 -55.52
CA ALA A 240 -32.51 60.76 -55.95
C ALA A 240 -31.20 60.19 -55.45
N LEU A 241 -31.18 59.71 -54.21
CA LEU A 241 -29.94 59.29 -53.56
C LEU A 241 -29.64 57.80 -53.74
N VAL A 242 -30.51 56.93 -53.23
CA VAL A 242 -30.19 55.51 -53.18
C VAL A 242 -30.23 54.88 -54.58
N MET A 243 -31.20 55.26 -55.41
CA MET A 243 -31.44 54.55 -56.66
C MET A 243 -30.28 54.62 -57.66
N PRO A 244 -29.56 55.73 -57.82
CA PRO A 244 -28.37 55.66 -58.69
C PRO A 244 -27.37 54.63 -58.20
N THR A 245 -27.13 54.59 -56.90
CA THR A 245 -26.16 53.63 -56.35
C THR A 245 -26.67 52.20 -56.50
N LEU A 246 -27.93 51.96 -56.17
CA LEU A 246 -28.48 50.61 -56.29
C LEU A 246 -28.52 50.15 -57.74
N ARG A 247 -28.88 51.05 -58.67
CA ARG A 247 -28.83 50.74 -60.09
C ARG A 247 -27.43 50.34 -60.49
N GLN A 248 -26.43 51.13 -60.09
CA GLN A 248 -25.04 50.84 -60.41
C GLN A 248 -24.60 49.50 -59.84
N ALA A 249 -25.10 49.17 -58.65
CA ALA A 249 -24.78 47.88 -58.02
C ALA A 249 -25.38 46.72 -58.82
N ALA A 250 -26.61 46.89 -59.31
CA ALA A 250 -27.27 45.81 -60.02
C ALA A 250 -26.57 45.43 -61.31
N GLU A 251 -25.61 46.23 -61.78
CA GLU A 251 -24.81 45.91 -62.95
C GLU A 251 -23.33 45.89 -62.61
N ASP A 252 -23.01 45.63 -61.34
CA ASP A 252 -21.62 45.55 -60.92
C ASP A 252 -20.91 44.45 -61.70
N LYS A 253 -19.58 44.48 -61.66
CA LYS A 253 -18.79 43.54 -62.42
C LYS A 253 -18.34 42.33 -61.60
N SER A 254 -18.35 42.45 -60.27
CA SER A 254 -18.23 41.28 -59.41
C SER A 254 -19.59 40.60 -59.32
N TRP A 255 -19.67 39.36 -59.78
CA TRP A 255 -20.92 38.61 -59.66
C TRP A 255 -21.36 38.49 -58.21
N ARG A 256 -20.43 38.63 -57.26
CA ARG A 256 -20.80 38.62 -55.85
C ARG A 256 -21.68 39.81 -55.50
N VAL A 257 -21.43 40.97 -56.13
CA VAL A 257 -22.26 42.14 -55.83
C VAL A 257 -23.63 42.03 -56.48
N ARG A 258 -23.70 41.49 -57.70
CA ARG A 258 -25.00 41.25 -58.31
C ARG A 258 -25.78 40.21 -57.51
N TYR A 259 -25.10 39.21 -56.97
CA TYR A 259 -25.73 38.26 -56.06
C TYR A 259 -26.24 38.97 -54.81
N MET A 260 -25.46 39.90 -54.28
CA MET A 260 -25.89 40.66 -53.12
C MET A 260 -27.17 41.42 -53.42
N VAL A 261 -27.24 42.05 -54.58
CA VAL A 261 -28.45 42.78 -54.96
C VAL A 261 -29.62 41.82 -55.11
N ALA A 262 -29.39 40.66 -55.72
CA ALA A 262 -30.45 39.68 -55.92
C ALA A 262 -31.00 39.14 -54.59
N ASP A 263 -30.12 38.90 -53.62
CA ASP A 263 -30.55 38.22 -52.40
C ASP A 263 -31.35 39.14 -51.49
N LYS A 264 -30.98 40.42 -51.45
CA LYS A 264 -31.67 41.41 -50.62
C LYS A 264 -32.87 42.03 -51.33
N PHE A 265 -33.37 41.38 -52.39
CA PHE A 265 -34.24 42.08 -53.33
C PHE A 265 -35.61 42.40 -52.73
N THR A 266 -36.28 41.42 -52.13
CA THR A 266 -37.60 41.69 -51.57
C THR A 266 -37.53 42.71 -50.44
N GLU A 267 -36.45 42.68 -49.66
CA GLU A 267 -36.24 43.71 -48.66
C GLU A 267 -36.10 45.08 -49.31
N LEU A 268 -35.48 45.13 -50.48
CA LEU A 268 -35.33 46.40 -51.18
C LEU A 268 -36.65 46.88 -51.75
N GLN A 269 -37.49 45.99 -52.25
CA GLN A 269 -38.77 46.46 -52.77
C GLN A 269 -39.70 46.92 -51.63
N LYS A 270 -39.71 46.21 -50.49
CA LYS A 270 -40.56 46.65 -49.40
C LYS A 270 -39.84 47.60 -48.44
N ALA A 271 -38.68 48.13 -48.84
CA ALA A 271 -38.09 49.32 -48.25
C ALA A 271 -38.19 50.54 -49.14
N VAL A 272 -38.02 50.35 -50.45
CA VAL A 272 -37.98 51.44 -51.42
C VAL A 272 -39.37 51.93 -51.83
N GLY A 273 -40.42 51.16 -51.53
CA GLY A 273 -41.77 51.56 -51.88
C GLY A 273 -42.20 51.06 -53.24
N PRO A 274 -43.48 50.68 -53.37
CA PRO A 274 -43.91 49.97 -54.58
C PRO A 274 -43.75 50.76 -55.87
N GLU A 275 -43.98 52.07 -55.84
CA GLU A 275 -43.91 52.89 -57.04
C GLU A 275 -42.58 52.70 -57.75
N ILE A 276 -41.49 52.97 -57.03
CA ILE A 276 -40.20 52.93 -57.67
C ILE A 276 -39.66 51.51 -57.82
N THR A 277 -40.27 50.53 -57.14
CA THR A 277 -40.02 49.14 -57.54
C THR A 277 -40.53 48.91 -58.95
N LYS A 278 -41.79 49.27 -59.20
CA LYS A 278 -42.33 49.20 -60.56
C LYS A 278 -41.45 49.94 -61.56
N THR A 279 -40.91 51.10 -61.17
CA THR A 279 -40.10 51.87 -62.11
C THR A 279 -38.78 51.18 -62.41
N ASP A 280 -38.04 50.76 -61.39
CA ASP A 280 -36.65 50.35 -61.59
C ASP A 280 -36.35 48.90 -61.23
N LEU A 281 -36.96 48.35 -60.18
CA LEU A 281 -36.59 47.01 -59.75
C LEU A 281 -37.01 45.96 -60.77
N VAL A 282 -38.18 46.13 -61.37
CA VAL A 282 -38.66 45.15 -62.35
C VAL A 282 -37.69 45.01 -63.52
N PRO A 283 -37.26 46.11 -64.19
CA PRO A 283 -36.29 45.91 -65.29
C PRO A 283 -34.96 45.35 -64.81
N ALA A 284 -34.50 45.80 -63.63
CA ALA A 284 -33.28 45.24 -63.07
C ALA A 284 -33.48 43.79 -62.67
N PHE A 285 -34.68 43.43 -62.22
CA PHE A 285 -34.98 42.02 -61.95
C PHE A 285 -34.89 41.18 -63.22
N GLN A 286 -35.45 41.69 -64.32
CA GLN A 286 -35.32 40.99 -65.60
C GLN A 286 -33.86 40.83 -65.99
N ASN A 287 -33.06 41.89 -65.86
CA ASN A 287 -31.64 41.79 -66.18
C ASN A 287 -30.88 40.87 -65.23
N LEU A 288 -31.41 40.65 -64.03
CA LEU A 288 -30.80 39.70 -63.11
C LEU A 288 -31.21 38.26 -63.40
N MET A 289 -32.37 38.06 -64.03
CA MET A 289 -32.77 36.72 -64.42
C MET A 289 -32.08 36.26 -65.69
N LYS A 290 -31.46 37.17 -66.44
CA LYS A 290 -30.68 36.82 -67.62
C LYS A 290 -29.18 36.96 -67.37
N ASP A 291 -28.74 36.88 -66.11
CA ASP A 291 -27.37 37.19 -65.77
C ASP A 291 -26.42 36.08 -66.22
N CYS A 292 -25.22 36.48 -66.64
CA CYS A 292 -24.23 35.52 -67.12
C CYS A 292 -23.91 34.47 -66.06
N GLU A 293 -23.39 34.90 -64.91
CA GLU A 293 -23.05 33.96 -63.85
C GLU A 293 -24.31 33.31 -63.29
N ALA A 294 -24.23 31.99 -63.07
CA ALA A 294 -25.43 31.20 -62.77
C ALA A 294 -25.98 31.45 -61.39
N GLU A 295 -25.12 31.71 -60.39
CA GLU A 295 -25.60 31.89 -59.02
C GLU A 295 -26.48 33.12 -58.90
N VAL A 296 -26.27 34.14 -59.74
CA VAL A 296 -27.13 35.31 -59.73
C VAL A 296 -28.53 34.93 -60.19
N ARG A 297 -28.61 34.15 -61.28
CA ARG A 297 -29.90 33.64 -61.72
C ARG A 297 -30.54 32.75 -60.66
N ALA A 298 -29.70 31.99 -59.94
CA ALA A 298 -30.20 31.14 -58.87
C ALA A 298 -30.89 31.96 -57.79
N ALA A 299 -30.22 33.00 -57.29
CA ALA A 299 -30.83 33.85 -56.26
C ALA A 299 -32.06 34.59 -56.80
N ALA A 300 -31.99 35.06 -58.05
CA ALA A 300 -33.11 35.81 -58.63
C ALA A 300 -34.36 34.94 -58.74
N SER A 301 -34.22 33.75 -59.32
CA SER A 301 -35.35 32.81 -59.35
C SER A 301 -35.75 32.40 -57.94
N HIS A 302 -34.77 32.28 -57.04
CA HIS A 302 -35.01 31.87 -55.67
C HIS A 302 -35.94 32.85 -54.96
N LYS A 303 -35.94 34.10 -55.40
CA LYS A 303 -36.82 35.11 -54.81
C LYS A 303 -37.81 35.64 -55.84
N VAL A 304 -38.71 34.80 -56.35
CA VAL A 304 -39.71 35.22 -57.33
C VAL A 304 -41.10 35.33 -56.71
N LYS A 305 -41.55 34.30 -55.99
CA LYS A 305 -42.90 34.32 -55.45
C LYS A 305 -43.11 35.51 -54.51
N GLU A 306 -42.19 35.72 -53.58
CA GLU A 306 -42.38 36.80 -52.62
C GLU A 306 -42.18 38.17 -53.27
N PHE A 307 -41.32 38.27 -54.28
CA PHE A 307 -41.17 39.54 -54.98
C PHE A 307 -42.48 39.97 -55.60
N CYS A 308 -43.17 39.05 -56.27
CA CYS A 308 -44.41 39.37 -56.96
C CYS A 308 -45.58 39.51 -56.00
N GLU A 309 -45.46 38.95 -54.80
CA GLU A 309 -46.49 39.08 -53.79
C GLU A 309 -46.47 40.46 -53.14
N ASN A 310 -45.33 41.16 -53.20
CA ASN A 310 -45.19 42.50 -52.64
C ASN A 310 -45.20 43.59 -53.71
N LEU A 311 -45.68 43.28 -54.92
CA LEU A 311 -45.79 44.31 -55.94
C LEU A 311 -47.03 45.16 -55.72
N SER A 312 -47.13 46.22 -56.50
CA SER A 312 -48.30 47.09 -56.44
C SER A 312 -49.53 46.26 -56.77
N ALA A 313 -50.48 46.23 -55.82
CA ALA A 313 -51.68 45.43 -55.96
C ALA A 313 -52.45 45.74 -57.24
N ASP A 314 -52.28 46.94 -57.80
CA ASP A 314 -53.14 47.35 -58.91
C ASP A 314 -52.68 46.75 -60.23
N CYS A 315 -51.37 46.56 -60.38
CA CYS A 315 -50.79 46.14 -61.64
C CYS A 315 -50.20 44.73 -61.62
N ARG A 316 -50.29 44.01 -60.49
CA ARG A 316 -49.70 42.66 -60.40
C ARG A 316 -49.92 41.85 -61.65
N GLU A 317 -51.18 41.53 -61.97
CA GLU A 317 -51.45 40.68 -63.12
C GLU A 317 -50.74 41.23 -64.34
N ASN A 318 -51.00 42.51 -64.63
CA ASN A 318 -50.44 43.12 -65.81
C ASN A 318 -48.93 42.93 -65.82
N VAL A 319 -48.24 43.39 -64.78
CA VAL A 319 -46.79 43.35 -64.82
C VAL A 319 -46.32 41.90 -64.86
N ILE A 320 -46.99 41.02 -64.10
CA ILE A 320 -46.57 39.63 -64.05
C ILE A 320 -46.64 39.02 -65.44
N MET A 321 -47.71 39.30 -66.17
CA MET A 321 -47.84 38.73 -67.49
C MET A 321 -46.95 39.45 -68.49
N SER A 322 -46.75 40.77 -68.31
CA SER A 322 -46.07 41.54 -69.34
C SER A 322 -44.57 41.31 -69.35
N GLN A 323 -43.93 41.30 -68.18
CA GLN A 323 -42.48 41.27 -68.13
C GLN A 323 -41.88 40.15 -67.30
N ILE A 324 -42.54 39.69 -66.24
CA ILE A 324 -41.93 38.68 -65.37
C ILE A 324 -42.07 37.27 -65.94
N LEU A 325 -43.22 36.94 -66.52
CA LEU A 325 -43.51 35.56 -66.88
C LEU A 325 -42.63 34.96 -67.98
N PRO A 326 -42.37 35.65 -69.10
CA PRO A 326 -41.45 35.08 -70.10
C PRO A 326 -40.04 34.84 -69.57
N CYS A 327 -39.62 35.61 -68.55
CA CYS A 327 -38.34 35.33 -67.94
C CYS A 327 -38.37 34.01 -67.20
N ILE A 328 -39.51 33.66 -66.59
CA ILE A 328 -39.61 32.37 -65.91
C ILE A 328 -39.79 31.26 -66.94
N LYS A 329 -40.46 31.57 -68.06
CA LYS A 329 -40.58 30.61 -69.15
C LYS A 329 -39.23 30.24 -69.75
N GLU A 330 -38.28 31.18 -69.72
CA GLU A 330 -36.93 30.84 -70.17
C GLU A 330 -36.02 30.37 -69.04
N LEU A 331 -36.38 30.64 -67.79
CA LEU A 331 -35.67 30.03 -66.65
C LEU A 331 -36.05 28.58 -66.43
N VAL A 332 -37.21 28.14 -66.92
CA VAL A 332 -37.55 26.72 -66.85
C VAL A 332 -36.58 25.91 -67.72
N SER A 333 -36.20 26.45 -68.88
CA SER A 333 -35.26 25.81 -69.79
C SER A 333 -33.83 26.28 -69.56
N ASP A 334 -33.47 26.63 -68.33
CA ASP A 334 -32.14 27.13 -68.04
C ASP A 334 -31.13 26.00 -68.17
N ALA A 335 -29.85 26.35 -68.15
CA ALA A 335 -28.80 25.33 -68.22
C ALA A 335 -28.46 24.77 -66.85
N ASN A 336 -28.31 25.63 -65.85
CA ASN A 336 -27.94 25.19 -64.51
C ASN A 336 -29.07 24.38 -63.88
N GLN A 337 -28.67 23.43 -63.02
CA GLN A 337 -29.65 22.61 -62.30
C GLN A 337 -30.06 23.26 -60.98
N HIS A 338 -29.20 24.11 -60.41
CA HIS A 338 -29.59 24.85 -59.23
C HIS A 338 -30.55 25.98 -59.57
N VAL A 339 -30.41 26.59 -60.75
CA VAL A 339 -31.39 27.58 -61.20
C VAL A 339 -32.74 26.92 -61.40
N LYS A 340 -32.77 25.79 -62.13
CA LYS A 340 -34.02 25.07 -62.33
C LYS A 340 -34.68 24.70 -61.00
N SER A 341 -33.90 24.18 -60.06
CA SER A 341 -34.50 23.69 -58.82
C SER A 341 -34.92 24.84 -57.90
N ALA A 342 -34.13 25.91 -57.85
CA ALA A 342 -34.51 27.09 -57.08
C ALA A 342 -35.80 27.69 -57.62
N LEU A 343 -35.95 27.74 -58.94
CA LEU A 343 -37.22 28.16 -59.52
C LEU A 343 -38.33 27.20 -59.08
N ALA A 344 -38.10 25.89 -59.21
CA ALA A 344 -39.14 24.90 -58.93
C ALA A 344 -39.63 24.95 -57.50
N SER A 345 -38.80 25.42 -56.57
CA SER A 345 -39.25 25.47 -55.18
C SER A 345 -40.27 26.58 -54.94
N VAL A 346 -40.35 27.57 -55.82
CA VAL A 346 -41.18 28.74 -55.57
C VAL A 346 -42.18 29.02 -56.69
N ILE A 347 -42.02 28.42 -57.87
CA ILE A 347 -42.92 28.68 -58.98
C ILE A 347 -44.36 28.34 -58.60
N MET A 348 -44.53 27.56 -57.52
CA MET A 348 -45.85 27.21 -57.02
C MET A 348 -46.59 28.43 -56.49
N GLY A 349 -45.91 29.28 -55.74
CA GLY A 349 -46.60 30.37 -55.06
C GLY A 349 -47.18 31.44 -55.97
N LEU A 350 -47.09 31.28 -57.29
CA LEU A 350 -47.68 32.23 -58.22
C LEU A 350 -49.08 31.87 -58.67
N SER A 351 -49.65 30.78 -58.15
CA SER A 351 -51.02 30.44 -58.50
C SER A 351 -52.02 31.22 -57.65
N PRO A 352 -51.84 31.33 -56.33
CA PRO A 352 -52.71 32.22 -55.55
C PRO A 352 -52.60 33.69 -55.94
N ILE A 353 -51.61 34.06 -56.74
CA ILE A 353 -51.45 35.45 -57.17
C ILE A 353 -52.12 35.70 -58.52
N LEU A 354 -52.01 34.78 -59.47
CA LEU A 354 -52.66 34.95 -60.76
C LEU A 354 -54.09 34.40 -60.82
N GLY A 355 -54.56 33.70 -59.79
CA GLY A 355 -55.91 33.20 -59.82
C GLY A 355 -56.13 32.08 -60.82
N LYS A 356 -57.23 31.34 -60.63
CA LYS A 356 -57.42 30.03 -61.25
C LYS A 356 -57.13 30.06 -62.76
N ASP A 357 -57.82 30.91 -63.50
CA ASP A 357 -57.74 30.85 -64.97
C ASP A 357 -56.32 31.15 -65.45
N ASN A 358 -55.74 32.25 -64.99
CA ASN A 358 -54.40 32.63 -65.44
C ASN A 358 -53.37 31.57 -65.07
N THR A 359 -53.53 30.94 -63.90
CA THR A 359 -52.62 29.86 -63.54
C THR A 359 -52.77 28.66 -64.47
N ILE A 360 -54.01 28.31 -64.82
CA ILE A 360 -54.23 27.16 -65.69
C ILE A 360 -53.58 27.39 -67.04
N GLU A 361 -53.78 28.59 -67.62
CA GLU A 361 -53.28 28.81 -68.97
C GLU A 361 -51.75 28.87 -69.03
N HIS A 362 -51.13 29.62 -68.11
CA HIS A 362 -49.70 29.90 -68.22
C HIS A 362 -48.84 29.13 -67.24
N LEU A 363 -49.34 28.81 -66.05
CA LEU A 363 -48.47 28.15 -65.09
C LEU A 363 -48.41 26.64 -65.30
N LEU A 364 -49.47 26.03 -65.82
CA LEU A 364 -49.47 24.58 -65.99
C LEU A 364 -48.44 24.09 -67.01
N PRO A 365 -48.26 24.76 -68.16
CA PRO A 365 -47.14 24.37 -69.03
C PRO A 365 -45.79 24.40 -68.33
N LEU A 366 -45.51 25.50 -67.62
CA LEU A 366 -44.23 25.60 -66.91
C LEU A 366 -44.12 24.53 -65.83
N PHE A 367 -45.22 24.20 -65.17
CA PHE A 367 -45.18 23.20 -64.11
C PHE A 367 -44.90 21.81 -64.67
N LEU A 368 -45.58 21.45 -65.76
CA LEU A 368 -45.36 20.14 -66.36
C LEU A 368 -43.93 20.04 -66.89
N ALA A 369 -43.47 21.06 -67.63
CA ALA A 369 -42.11 21.03 -68.14
C ALA A 369 -41.11 20.89 -66.99
N GLN A 370 -41.41 21.50 -65.84
CA GLN A 370 -40.55 21.34 -64.66
C GLN A 370 -40.58 19.91 -64.14
N LEU A 371 -41.75 19.26 -64.18
CA LEU A 371 -41.88 17.86 -63.81
C LEU A 371 -41.15 16.93 -64.78
N LYS A 372 -40.90 17.37 -66.01
CA LYS A 372 -40.21 16.57 -67.01
C LYS A 372 -38.68 16.66 -66.89
N ASP A 373 -38.17 17.47 -65.96
CA ASP A 373 -36.73 17.65 -65.81
C ASP A 373 -36.05 16.39 -65.27
N GLU A 374 -34.79 16.22 -65.66
CA GLU A 374 -34.02 15.03 -65.34
C GLU A 374 -33.48 15.05 -63.92
N CYS A 375 -34.16 15.74 -63.00
CA CYS A 375 -33.46 15.82 -61.73
C CYS A 375 -34.25 15.21 -60.59
N PRO A 376 -33.57 14.53 -59.66
CA PRO A 376 -34.23 14.16 -58.39
C PRO A 376 -34.47 15.37 -57.50
N GLU A 377 -34.04 16.55 -57.92
CA GLU A 377 -34.24 17.79 -57.18
C GLU A 377 -35.27 18.72 -57.81
N VAL A 378 -35.29 18.84 -59.13
CA VAL A 378 -36.30 19.66 -59.79
C VAL A 378 -37.67 18.99 -59.68
N ARG A 379 -37.76 17.72 -60.05
CA ARG A 379 -39.01 16.99 -60.00
C ARG A 379 -39.54 16.91 -58.57
N LEU A 380 -38.66 16.54 -57.64
CA LEU A 380 -39.01 16.49 -56.23
C LEU A 380 -39.54 17.83 -55.75
N ASN A 381 -38.89 18.93 -56.14
CA ASN A 381 -39.32 20.24 -55.69
C ASN A 381 -40.66 20.63 -56.30
N ILE A 382 -40.93 20.18 -57.54
CA ILE A 382 -42.23 20.47 -58.16
C ILE A 382 -43.35 19.70 -57.48
N ILE A 383 -43.07 18.52 -56.95
CA ILE A 383 -44.18 17.76 -56.37
C ILE A 383 -44.32 18.00 -54.87
N SER A 384 -43.22 18.35 -54.21
CA SER A 384 -43.25 18.62 -52.77
C SER A 384 -44.33 19.63 -52.42
N ASN A 385 -44.34 20.77 -53.10
CA ASN A 385 -45.23 21.89 -52.79
C ASN A 385 -46.37 21.91 -53.80
N LEU A 386 -47.43 21.14 -53.53
CA LEU A 386 -48.54 21.00 -54.46
C LEU A 386 -49.88 21.50 -53.95
N ASP A 387 -50.01 21.82 -52.66
CA ASP A 387 -51.31 22.18 -52.12
C ASP A 387 -51.70 23.63 -52.39
N CYS A 388 -50.74 24.53 -52.59
CA CYS A 388 -51.10 25.91 -52.88
C CYS A 388 -51.75 26.02 -54.25
N VAL A 389 -51.21 25.33 -55.24
CA VAL A 389 -51.85 25.33 -56.56
C VAL A 389 -53.07 24.41 -56.58
N ASN A 390 -53.14 23.44 -55.68
CA ASN A 390 -54.31 22.56 -55.63
C ASN A 390 -55.56 23.34 -55.23
N GLU A 391 -55.49 24.09 -54.13
CA GLU A 391 -56.64 24.85 -53.66
C GLU A 391 -56.92 26.09 -54.49
N VAL A 392 -56.12 26.36 -55.52
CA VAL A 392 -56.38 27.47 -56.43
C VAL A 392 -57.05 26.98 -57.71
N ILE A 393 -56.72 25.76 -58.15
CA ILE A 393 -57.21 25.30 -59.44
C ILE A 393 -58.06 24.02 -59.34
N GLY A 394 -58.59 23.72 -58.16
CA GLY A 394 -59.34 22.50 -57.97
C GLY A 394 -58.66 21.17 -58.23
N ILE A 395 -59.07 20.15 -57.47
CA ILE A 395 -58.43 18.84 -57.52
C ILE A 395 -58.58 18.20 -58.89
N ARG A 396 -59.77 18.33 -59.50
CA ARG A 396 -60.01 17.72 -60.80
C ARG A 396 -59.15 18.35 -61.89
N GLN A 397 -59.19 19.68 -62.03
CA GLN A 397 -58.39 20.33 -63.06
C GLN A 397 -56.90 20.21 -62.78
N LEU A 398 -56.48 20.04 -61.52
CA LEU A 398 -55.08 19.76 -61.25
C LEU A 398 -54.69 18.37 -61.75
N SER A 399 -55.42 17.34 -61.31
CA SER A 399 -55.14 15.98 -61.75
C SER A 399 -55.51 15.75 -63.20
N GLN A 400 -56.29 16.64 -63.80
CA GLN A 400 -56.50 16.65 -65.25
C GLN A 400 -55.18 16.77 -65.99
N SER A 401 -54.21 17.49 -65.41
CA SER A 401 -52.93 17.78 -66.07
C SER A 401 -51.78 17.19 -65.26
N LEU A 402 -52.01 16.05 -64.63
CA LEU A 402 -50.97 15.35 -63.89
C LEU A 402 -50.85 13.91 -64.37
N LEU A 403 -51.99 13.23 -64.50
CA LEU A 403 -52.00 11.90 -65.11
C LEU A 403 -51.36 11.84 -66.49
N PRO A 404 -51.63 12.78 -67.42
CA PRO A 404 -50.91 12.73 -68.71
C PRO A 404 -49.46 13.16 -68.59
N ALA A 405 -48.90 13.05 -67.39
CA ALA A 405 -47.49 13.28 -67.15
C ALA A 405 -46.97 12.18 -66.25
N ILE A 406 -47.73 11.89 -65.19
CA ILE A 406 -47.40 10.79 -64.31
C ILE A 406 -47.36 9.49 -65.09
N VAL A 407 -48.41 9.22 -65.88
CA VAL A 407 -48.42 8.02 -66.71
C VAL A 407 -47.27 8.05 -67.72
N GLU A 408 -46.97 9.21 -68.29
CA GLU A 408 -45.90 9.28 -69.27
C GLU A 408 -44.54 8.91 -68.65
N LEU A 409 -44.36 9.19 -67.37
CA LEU A 409 -43.13 8.78 -66.71
C LEU A 409 -43.22 7.37 -66.14
N ALA A 410 -44.39 6.96 -65.67
CA ALA A 410 -44.56 5.64 -65.06
C ALA A 410 -44.33 4.55 -66.09
N GLU A 411 -44.89 4.72 -67.27
CA GLU A 411 -44.69 3.81 -68.38
C GLU A 411 -43.78 4.50 -69.38
N ASP A 412 -42.52 4.65 -68.98
CA ASP A 412 -41.52 5.28 -69.83
C ASP A 412 -40.55 4.21 -70.29
N ALA A 413 -39.93 4.45 -71.45
CA ALA A 413 -39.03 3.46 -72.01
C ALA A 413 -37.82 3.22 -71.12
N LYS A 414 -37.44 4.20 -70.32
CA LYS A 414 -36.19 4.15 -69.59
C LYS A 414 -36.29 3.28 -68.34
N TRP A 415 -35.18 3.18 -67.63
CA TRP A 415 -35.03 2.39 -66.41
C TRP A 415 -34.97 3.27 -65.16
N ARG A 416 -34.16 4.33 -65.20
CA ARG A 416 -34.08 5.25 -64.07
C ARG A 416 -35.33 6.11 -63.95
N VAL A 417 -36.01 6.37 -65.06
CA VAL A 417 -37.15 7.29 -65.05
C VAL A 417 -38.32 6.67 -64.29
N ARG A 418 -38.63 5.40 -64.59
CA ARG A 418 -39.75 4.75 -63.93
C ARG A 418 -39.52 4.63 -62.43
N LEU A 419 -38.29 4.35 -62.02
CA LEU A 419 -37.97 4.32 -60.60
C LEU A 419 -38.02 5.70 -59.98
N ALA A 420 -37.64 6.72 -60.75
CA ALA A 420 -37.51 8.08 -60.22
C ALA A 420 -38.82 8.61 -59.67
N ILE A 421 -39.96 8.21 -60.27
CA ILE A 421 -41.24 8.77 -59.90
C ILE A 421 -42.00 7.90 -58.92
N ILE A 422 -41.40 6.77 -58.49
CA ILE A 422 -42.04 5.98 -57.46
C ILE A 422 -41.70 6.52 -56.09
N GLU A 423 -40.50 7.09 -55.94
CA GLU A 423 -40.07 7.64 -54.65
C GLU A 423 -41.08 8.66 -54.14
N TYR A 424 -41.64 9.46 -55.03
CA TYR A 424 -42.58 10.51 -54.64
C TYR A 424 -44.02 10.16 -55.03
N MET A 425 -44.35 8.87 -55.09
CA MET A 425 -45.73 8.46 -55.30
C MET A 425 -46.58 8.58 -54.03
N PRO A 426 -46.05 8.28 -52.82
CA PRO A 426 -46.88 8.43 -51.61
C PRO A 426 -47.27 9.87 -51.33
N LEU A 427 -46.28 10.77 -51.30
CA LEU A 427 -46.59 12.16 -50.97
C LEU A 427 -47.43 12.81 -52.06
N LEU A 428 -47.30 12.36 -53.31
CA LEU A 428 -48.21 12.81 -54.35
C LEU A 428 -49.63 12.35 -54.06
N ALA A 429 -49.79 11.24 -53.34
CA ALA A 429 -51.10 10.69 -53.05
C ALA A 429 -51.62 11.06 -51.67
N GLY A 430 -50.74 11.37 -50.71
CA GLY A 430 -51.18 11.84 -49.41
C GLY A 430 -52.05 13.07 -49.55
N GLN A 431 -51.42 14.19 -49.90
CA GLN A 431 -52.16 15.32 -50.44
C GLN A 431 -52.77 14.92 -51.79
N LEU A 432 -53.54 15.76 -52.40
CA LEU A 432 -54.05 15.44 -53.75
C LEU A 432 -55.00 14.25 -53.78
N GLY A 433 -55.71 14.00 -52.74
CA GLY A 433 -56.83 13.07 -52.78
C GLY A 433 -56.60 11.59 -52.92
N VAL A 434 -57.37 10.80 -52.16
CA VAL A 434 -57.44 9.35 -52.33
C VAL A 434 -58.42 8.97 -53.43
N GLU A 435 -59.56 9.68 -53.51
CA GLU A 435 -60.54 9.39 -54.56
C GLU A 435 -59.93 9.57 -55.94
N PHE A 436 -59.02 10.52 -56.11
CA PHE A 436 -58.19 10.55 -57.30
C PHE A 436 -57.37 9.28 -57.45
N PHE A 437 -56.69 8.87 -56.38
CA PHE A 437 -55.78 7.74 -56.44
C PHE A 437 -56.46 6.49 -57.00
N ASP A 438 -57.67 6.19 -56.51
CA ASP A 438 -58.23 4.87 -56.75
C ASP A 438 -58.58 4.63 -58.21
N GLU A 439 -58.85 5.69 -58.98
CA GLU A 439 -59.26 5.47 -60.36
C GLU A 439 -58.09 5.03 -61.23
N LYS A 440 -57.23 5.97 -61.64
CA LYS A 440 -56.15 5.65 -62.57
C LYS A 440 -54.81 5.44 -61.89
N LEU A 441 -54.55 6.11 -60.76
CA LEU A 441 -53.22 6.11 -60.18
C LEU A 441 -52.88 4.84 -59.40
N ASN A 442 -53.83 3.93 -59.22
CA ASN A 442 -53.51 2.67 -58.55
C ASN A 442 -53.13 1.56 -59.52
N SER A 443 -53.57 1.67 -60.78
CA SER A 443 -53.13 0.71 -61.78
C SER A 443 -51.63 0.83 -62.04
N LEU A 444 -51.08 2.04 -61.92
CA LEU A 444 -49.64 2.20 -62.06
C LEU A 444 -48.92 1.61 -60.87
N CYS A 445 -49.45 1.83 -59.66
CA CYS A 445 -48.84 1.27 -58.47
C CYS A 445 -48.92 -0.25 -58.43
N MET A 446 -49.85 -0.83 -59.17
CA MET A 446 -49.86 -2.30 -59.28
C MET A 446 -48.88 -2.76 -60.35
N ALA A 447 -48.99 -2.20 -61.57
CA ALA A 447 -48.08 -2.56 -62.65
C ALA A 447 -46.61 -2.35 -62.29
N TRP A 448 -46.32 -1.48 -61.31
CA TRP A 448 -44.97 -1.39 -60.76
C TRP A 448 -44.45 -2.76 -60.36
N LEU A 449 -45.28 -3.57 -59.71
CA LEU A 449 -44.85 -4.77 -59.00
C LEU A 449 -44.49 -5.92 -59.93
N VAL A 450 -44.83 -5.85 -61.21
CA VAL A 450 -44.50 -6.93 -62.15
C VAL A 450 -43.52 -6.39 -63.19
N ASP A 451 -42.64 -5.50 -62.76
CA ASP A 451 -41.65 -4.93 -63.66
C ASP A 451 -40.48 -5.90 -63.82
N HIS A 452 -39.89 -5.89 -65.02
CA HIS A 452 -38.76 -6.77 -65.30
C HIS A 452 -37.63 -6.53 -64.29
N VAL A 453 -37.19 -5.27 -64.18
CA VAL A 453 -36.12 -4.92 -63.27
C VAL A 453 -36.60 -5.02 -61.83
N TYR A 454 -35.71 -5.51 -60.96
CA TYR A 454 -36.04 -5.78 -59.56
C TYR A 454 -36.13 -4.51 -58.72
N ALA A 455 -35.32 -3.49 -59.03
CA ALA A 455 -35.29 -2.29 -58.19
C ALA A 455 -36.66 -1.61 -58.16
N ILE A 456 -37.33 -1.53 -59.31
CA ILE A 456 -38.66 -0.95 -59.35
C ILE A 456 -39.63 -1.77 -58.52
N ARG A 457 -39.49 -3.09 -58.53
CA ARG A 457 -40.38 -3.93 -57.74
C ARG A 457 -40.19 -3.69 -56.25
N GLU A 458 -38.93 -3.59 -55.80
CA GLU A 458 -38.68 -3.25 -54.39
C GLU A 458 -39.30 -1.91 -54.04
N ALA A 459 -39.08 -0.92 -54.90
CA ALA A 459 -39.63 0.41 -54.66
C ALA A 459 -41.15 0.34 -54.47
N ALA A 460 -41.83 -0.42 -55.32
CA ALA A 460 -43.29 -0.52 -55.22
C ALA A 460 -43.73 -1.27 -53.97
N THR A 461 -43.04 -2.36 -53.64
CA THR A 461 -43.40 -3.12 -52.44
C THR A 461 -43.30 -2.25 -51.20
N SER A 462 -42.22 -1.47 -51.09
CA SER A 462 -42.09 -0.57 -49.94
C SER A 462 -43.03 0.62 -50.04
N ASN A 463 -43.36 1.04 -51.26
CA ASN A 463 -44.37 2.07 -51.50
C ASN A 463 -45.71 1.68 -50.89
N LEU A 464 -46.03 0.40 -50.95
CA LEU A 464 -47.32 -0.07 -50.45
C LEU A 464 -47.51 0.27 -48.98
N LYS A 465 -46.47 0.09 -48.17
CA LYS A 465 -46.52 0.42 -46.75
C LYS A 465 -46.86 1.89 -46.55
N LYS A 466 -46.20 2.77 -47.31
CA LYS A 466 -46.46 4.21 -47.19
C LYS A 466 -47.91 4.53 -47.56
N LEU A 467 -48.41 3.92 -48.63
CA LEU A 467 -49.80 4.16 -49.04
C LEU A 467 -50.79 3.70 -47.98
N VAL A 468 -50.50 2.60 -47.28
CA VAL A 468 -51.42 2.18 -46.22
C VAL A 468 -51.24 3.04 -44.99
N GLU A 469 -50.09 3.70 -44.85
CA GLU A 469 -49.94 4.69 -43.79
C GLU A 469 -50.85 5.88 -44.04
N LYS A 470 -50.89 6.38 -45.27
CA LYS A 470 -51.72 7.56 -45.54
C LYS A 470 -53.20 7.20 -45.56
N PHE A 471 -53.60 6.19 -46.35
CA PHE A 471 -55.00 5.98 -46.69
C PHE A 471 -55.77 5.18 -45.66
N GLY A 472 -55.12 4.35 -44.86
CA GLY A 472 -55.86 3.61 -43.88
C GLY A 472 -55.80 2.11 -44.11
N LYS A 473 -56.06 1.38 -43.02
CA LYS A 473 -56.10 -0.07 -43.04
C LYS A 473 -57.14 -0.59 -44.03
N GLU A 474 -58.33 0.00 -44.03
CA GLU A 474 -59.45 -0.56 -44.77
C GLU A 474 -59.38 -0.25 -46.27
N TRP A 475 -58.79 0.88 -46.65
CA TRP A 475 -58.53 1.13 -48.06
C TRP A 475 -57.61 0.05 -48.63
N ALA A 476 -56.54 -0.27 -47.88
CA ALA A 476 -55.66 -1.37 -48.26
C ALA A 476 -56.43 -2.68 -48.35
N HIS A 477 -57.31 -2.93 -47.39
CA HIS A 477 -58.16 -4.12 -47.46
C HIS A 477 -58.97 -4.14 -48.74
N ALA A 478 -59.46 -2.97 -49.16
CA ALA A 478 -60.34 -2.88 -50.33
C ALA A 478 -59.57 -3.14 -51.63
N THR A 479 -58.59 -2.28 -51.94
CA THR A 479 -57.98 -2.26 -53.28
C THR A 479 -56.71 -3.07 -53.41
N ILE A 480 -55.83 -3.05 -52.40
CA ILE A 480 -54.51 -3.65 -52.57
C ILE A 480 -54.55 -5.16 -52.39
N ILE A 481 -55.11 -5.62 -51.28
CA ILE A 481 -54.99 -7.04 -50.92
C ILE A 481 -55.61 -7.95 -51.97
N PRO A 482 -56.80 -7.66 -52.53
CA PRO A 482 -57.30 -8.53 -53.61
C PRO A 482 -56.35 -8.63 -54.80
N LYS A 483 -55.73 -7.52 -55.20
CA LYS A 483 -54.79 -7.55 -56.30
C LYS A 483 -53.44 -8.15 -55.91
N VAL A 484 -53.11 -8.14 -54.62
CA VAL A 484 -51.85 -8.75 -54.18
C VAL A 484 -51.99 -10.25 -54.08
N LEU A 485 -53.15 -10.74 -53.67
CA LEU A 485 -53.37 -12.18 -53.55
C LEU A 485 -53.54 -12.83 -54.92
N ALA A 486 -54.16 -12.14 -55.88
CA ALA A 486 -54.27 -12.70 -57.22
C ALA A 486 -52.92 -12.72 -57.93
N MET A 487 -51.97 -11.91 -57.46
CA MET A 487 -50.61 -12.00 -57.97
C MET A 487 -49.99 -13.34 -57.61
N SER A 488 -50.40 -13.92 -56.49
CA SER A 488 -49.85 -15.21 -56.06
C SER A 488 -50.16 -16.30 -57.08
N GLY A 489 -51.25 -16.17 -57.84
CA GLY A 489 -51.66 -17.18 -58.79
C GLY A 489 -50.87 -17.19 -60.10
N ASP A 490 -49.62 -16.73 -60.08
CA ASP A 490 -48.98 -16.39 -61.35
C ASP A 490 -47.99 -17.47 -61.78
N PRO A 491 -47.90 -17.76 -63.09
CA PRO A 491 -46.98 -18.84 -63.52
C PRO A 491 -45.52 -18.49 -63.27
N ASN A 492 -45.13 -17.25 -63.51
CA ASN A 492 -43.80 -16.78 -63.15
C ASN A 492 -43.65 -16.77 -61.64
N TYR A 493 -42.64 -17.46 -61.13
CA TYR A 493 -42.51 -17.58 -59.68
C TYR A 493 -42.00 -16.31 -59.02
N LEU A 494 -41.36 -15.41 -59.77
CA LEU A 494 -40.94 -14.13 -59.21
C LEU A 494 -42.12 -13.36 -58.65
N HIS A 495 -43.26 -13.38 -59.37
CA HIS A 495 -44.42 -12.63 -58.93
C HIS A 495 -45.08 -13.31 -57.73
N ARG A 496 -45.05 -14.64 -57.70
CA ARG A 496 -45.49 -15.36 -56.51
C ARG A 496 -44.65 -14.99 -55.29
N MET A 497 -43.35 -14.75 -55.49
CA MET A 497 -42.50 -14.25 -54.41
C MET A 497 -42.87 -12.82 -54.01
N THR A 498 -43.14 -11.98 -55.01
CA THR A 498 -43.54 -10.60 -54.76
C THR A 498 -44.79 -10.53 -53.91
N THR A 499 -45.68 -11.52 -54.06
CA THR A 499 -46.86 -11.56 -53.19
C THR A 499 -46.45 -11.71 -51.73
N LEU A 500 -45.48 -12.59 -51.45
CA LEU A 500 -45.00 -12.75 -50.08
C LEU A 500 -44.40 -11.47 -49.55
N PHE A 501 -43.58 -10.81 -50.38
CA PHE A 501 -42.92 -9.57 -49.92
C PHE A 501 -43.94 -8.48 -49.63
N CYS A 502 -44.95 -8.35 -50.48
CA CYS A 502 -46.01 -7.38 -50.21
C CYS A 502 -46.78 -7.74 -48.95
N ILE A 503 -47.04 -9.03 -48.74
CA ILE A 503 -47.79 -9.43 -47.55
C ILE A 503 -47.02 -9.11 -46.28
N ASN A 504 -45.70 -9.32 -46.28
CA ASN A 504 -44.97 -9.00 -45.05
C ASN A 504 -44.74 -7.50 -44.86
N VAL A 505 -44.62 -6.72 -45.93
CA VAL A 505 -44.56 -5.27 -45.71
C VAL A 505 -45.93 -4.74 -45.29
N LEU A 506 -47.01 -5.40 -45.71
CA LEU A 506 -48.36 -5.03 -45.27
C LEU A 506 -48.73 -5.66 -43.94
N SER A 507 -47.94 -6.60 -43.42
CA SER A 507 -48.25 -7.25 -42.16
C SER A 507 -47.91 -6.39 -40.94
N GLU A 508 -47.12 -5.34 -41.12
CA GLU A 508 -46.75 -4.44 -40.05
C GLU A 508 -47.66 -3.22 -39.97
N VAL A 509 -48.66 -3.12 -40.84
CA VAL A 509 -49.49 -1.92 -40.89
C VAL A 509 -50.96 -2.26 -40.63
N CYS A 510 -51.39 -3.44 -41.07
CA CYS A 510 -52.80 -3.79 -41.12
C CYS A 510 -53.33 -4.45 -39.85
N GLY A 511 -52.52 -4.57 -38.81
CA GLY A 511 -53.02 -5.10 -37.55
C GLY A 511 -53.23 -6.60 -37.62
N GLN A 512 -53.65 -7.17 -36.49
CA GLN A 512 -53.79 -8.62 -36.40
C GLN A 512 -54.96 -9.13 -37.25
N ASP A 513 -56.11 -8.46 -37.19
CA ASP A 513 -57.32 -9.00 -37.81
C ASP A 513 -57.12 -9.14 -39.31
N ILE A 514 -56.68 -8.06 -39.97
CA ILE A 514 -56.57 -8.06 -41.42
C ILE A 514 -55.53 -9.08 -41.86
N THR A 515 -54.40 -9.12 -41.14
CA THR A 515 -53.31 -10.02 -41.54
C THR A 515 -53.64 -11.49 -41.31
N THR A 516 -54.33 -11.80 -40.21
CA THR A 516 -54.67 -13.19 -39.92
C THR A 516 -55.68 -13.75 -40.91
N LYS A 517 -56.74 -12.99 -41.19
CA LYS A 517 -57.83 -13.51 -42.01
C LYS A 517 -57.44 -13.65 -43.47
N HIS A 518 -57.01 -12.56 -44.10
CA HIS A 518 -56.89 -12.53 -45.55
C HIS A 518 -55.52 -12.88 -46.08
N MET A 519 -54.48 -12.86 -45.24
CA MET A 519 -53.12 -13.07 -45.71
C MET A 519 -52.49 -14.34 -45.16
N LEU A 520 -53.00 -14.91 -44.08
CA LEU A 520 -52.36 -16.11 -43.57
C LEU A 520 -52.82 -17.32 -44.39
N PRO A 521 -54.12 -17.48 -44.69
CA PRO A 521 -54.51 -18.53 -45.65
C PRO A 521 -53.76 -18.48 -46.98
N THR A 522 -53.53 -17.29 -47.52
CA THR A 522 -52.80 -17.20 -48.78
C THR A 522 -51.34 -17.56 -48.59
N VAL A 523 -50.73 -17.11 -47.50
CA VAL A 523 -49.31 -17.41 -47.26
C VAL A 523 -49.11 -18.91 -47.05
N LEU A 524 -50.08 -19.56 -46.40
CA LEU A 524 -49.95 -20.98 -46.12
C LEU A 524 -50.13 -21.83 -47.38
N ARG A 525 -51.01 -21.42 -48.29
CA ARG A 525 -51.14 -22.11 -49.57
C ARG A 525 -49.86 -22.09 -50.41
N MET A 526 -49.17 -20.95 -50.44
CA MET A 526 -47.90 -20.87 -51.17
C MET A 526 -46.82 -21.80 -50.62
N ALA A 527 -46.98 -22.27 -49.37
CA ALA A 527 -45.99 -23.19 -48.80
C ALA A 527 -45.88 -24.43 -49.68
N GLY A 528 -46.99 -24.84 -50.32
CA GLY A 528 -46.99 -26.01 -51.19
C GLY A 528 -46.24 -25.86 -52.50
N ASP A 529 -45.91 -24.60 -52.89
CA ASP A 529 -45.51 -24.22 -54.24
C ASP A 529 -44.39 -25.12 -54.77
N PRO A 530 -44.41 -25.47 -56.06
CA PRO A 530 -43.32 -26.28 -56.61
C PRO A 530 -41.94 -25.65 -56.49
N VAL A 531 -41.80 -24.38 -56.87
CA VAL A 531 -40.48 -23.76 -56.90
C VAL A 531 -39.95 -23.61 -55.47
N ALA A 532 -38.68 -23.98 -55.28
CA ALA A 532 -38.09 -23.98 -53.93
C ALA A 532 -37.97 -22.58 -53.36
N ASN A 533 -37.66 -21.60 -54.21
CA ASN A 533 -37.49 -20.22 -53.75
C ASN A 533 -38.74 -19.74 -53.03
N VAL A 534 -39.91 -19.96 -53.63
CA VAL A 534 -41.16 -19.52 -53.01
C VAL A 534 -41.37 -20.20 -51.66
N ARG A 535 -40.97 -21.47 -51.54
CA ARG A 535 -41.17 -22.20 -50.29
C ARG A 535 -40.32 -21.63 -49.16
N PHE A 536 -39.01 -21.45 -49.40
CA PHE A 536 -38.20 -20.92 -48.31
C PHE A 536 -38.58 -19.47 -48.01
N ASN A 537 -38.96 -18.70 -49.04
CA ASN A 537 -39.49 -17.38 -48.77
C ASN A 537 -40.79 -17.42 -47.98
N VAL A 538 -41.60 -18.46 -48.16
CA VAL A 538 -42.77 -18.61 -47.30
C VAL A 538 -42.34 -18.76 -45.86
N ALA A 539 -41.27 -19.54 -45.63
CA ALA A 539 -40.76 -19.66 -44.26
C ALA A 539 -40.29 -18.32 -43.71
N LYS A 540 -39.54 -17.57 -44.52
CA LYS A 540 -39.07 -16.24 -44.11
C LYS A 540 -40.23 -15.30 -43.82
N SER A 541 -41.24 -15.29 -44.71
CA SER A 541 -42.39 -14.42 -44.53
C SER A 541 -43.17 -14.80 -43.28
N LEU A 542 -43.31 -16.10 -43.01
CA LEU A 542 -43.98 -16.53 -41.80
C LEU A 542 -43.21 -16.08 -40.57
N GLN A 543 -41.88 -16.15 -40.62
CA GLN A 543 -41.07 -15.60 -39.53
C GLN A 543 -41.35 -14.12 -39.32
N LYS A 544 -41.46 -13.36 -40.41
CA LYS A 544 -41.71 -11.92 -40.28
C LYS A 544 -43.11 -11.63 -39.77
N ILE A 545 -44.11 -12.37 -40.27
CA ILE A 545 -45.50 -12.15 -39.86
C ILE A 545 -45.71 -12.55 -38.40
N GLY A 546 -45.13 -13.69 -37.98
CA GLY A 546 -45.32 -14.26 -36.68
C GLY A 546 -45.56 -13.32 -35.50
N PRO A 547 -44.62 -12.39 -35.27
CA PRO A 547 -44.76 -11.49 -34.11
C PRO A 547 -46.12 -10.82 -33.98
N ILE A 548 -46.69 -10.32 -35.08
CA ILE A 548 -47.95 -9.59 -34.98
C ILE A 548 -49.14 -10.52 -34.76
N LEU A 549 -48.97 -11.81 -35.04
CA LEU A 549 -50.04 -12.79 -34.86
C LEU A 549 -50.31 -12.98 -33.36
N ASP A 550 -51.33 -13.77 -33.04
CA ASP A 550 -51.55 -14.21 -31.67
C ASP A 550 -51.09 -15.65 -31.52
N ASN A 551 -51.01 -16.09 -30.26
CA ASN A 551 -50.46 -17.41 -29.98
C ASN A 551 -51.37 -18.52 -30.48
N SER A 552 -52.69 -18.38 -30.26
CA SER A 552 -53.60 -19.49 -30.53
C SER A 552 -53.63 -19.83 -32.02
N THR A 553 -53.76 -18.83 -32.89
CA THR A 553 -53.71 -19.09 -34.32
C THR A 553 -52.31 -19.52 -34.75
N LEU A 554 -51.28 -18.94 -34.12
CA LEU A 554 -49.90 -19.29 -34.44
C LEU A 554 -49.65 -20.77 -34.20
N GLN A 555 -49.81 -21.22 -32.95
CA GLN A 555 -49.51 -22.59 -32.59
C GLN A 555 -50.44 -23.59 -33.28
N SER A 556 -51.60 -23.16 -33.73
CA SER A 556 -52.56 -24.06 -34.36
C SER A 556 -52.36 -24.20 -35.85
N GLU A 557 -51.96 -23.12 -36.54
CA GLU A 557 -51.84 -23.13 -37.99
C GLU A 557 -50.45 -22.84 -38.51
N VAL A 558 -49.66 -22.02 -37.82
CA VAL A 558 -48.32 -21.68 -38.30
C VAL A 558 -47.33 -22.79 -37.98
N LYS A 559 -47.19 -23.13 -36.70
CA LYS A 559 -46.19 -24.10 -36.26
C LYS A 559 -46.23 -25.42 -37.02
N PRO A 560 -47.39 -26.05 -37.25
CA PRO A 560 -47.38 -27.30 -38.03
C PRO A 560 -46.85 -27.13 -39.45
N ILE A 561 -47.09 -25.97 -40.07
CA ILE A 561 -46.63 -25.78 -41.44
C ILE A 561 -45.13 -25.49 -41.48
N LEU A 562 -44.60 -24.78 -40.48
CA LEU A 562 -43.16 -24.62 -40.39
C LEU A 562 -42.49 -25.96 -40.13
N GLU A 563 -43.12 -26.83 -39.33
CA GLU A 563 -42.59 -28.18 -39.13
C GLU A 563 -42.60 -28.97 -40.43
N LYS A 564 -43.67 -28.89 -41.21
CA LYS A 564 -43.71 -29.62 -42.47
C LYS A 564 -42.68 -29.09 -43.45
N LEU A 565 -42.35 -27.79 -43.37
CA LEU A 565 -41.27 -27.25 -44.20
C LEU A 565 -39.89 -27.70 -43.73
N THR A 566 -39.72 -27.96 -42.43
CA THR A 566 -38.39 -28.26 -41.90
C THR A 566 -37.79 -29.55 -42.48
N GLN A 567 -38.59 -30.46 -43.02
CA GLN A 567 -38.08 -31.63 -43.72
C GLN A 567 -38.45 -31.47 -45.20
N ASP A 568 -37.51 -30.93 -45.98
CA ASP A 568 -37.80 -30.52 -47.34
C ASP A 568 -36.83 -31.04 -48.39
N GLN A 569 -35.78 -31.78 -47.99
CA GLN A 569 -34.63 -32.12 -48.83
C GLN A 569 -34.21 -30.97 -49.74
N ASP A 570 -34.38 -29.75 -49.26
CA ASP A 570 -33.70 -28.56 -49.79
C ASP A 570 -33.07 -27.86 -48.59
N VAL A 571 -31.75 -27.65 -48.66
CA VAL A 571 -31.02 -27.14 -47.51
C VAL A 571 -31.50 -25.74 -47.12
N ASP A 572 -31.87 -24.92 -48.10
CA ASP A 572 -32.27 -23.55 -47.82
C ASP A 572 -33.63 -23.49 -47.13
N VAL A 573 -34.59 -24.29 -47.61
CA VAL A 573 -35.89 -24.33 -46.96
C VAL A 573 -35.76 -24.82 -45.52
N LYS A 574 -34.90 -25.81 -45.29
CA LYS A 574 -34.67 -26.29 -43.93
C LYS A 574 -34.09 -25.18 -43.06
N TYR A 575 -33.03 -24.53 -43.55
CA TYR A 575 -32.39 -23.44 -42.80
C TYR A 575 -33.42 -22.40 -42.39
N PHE A 576 -34.18 -21.88 -43.36
CA PHE A 576 -35.05 -20.75 -43.06
C PHE A 576 -36.29 -21.17 -42.28
N ALA A 577 -36.80 -22.38 -42.52
CA ALA A 577 -37.91 -22.88 -41.72
C ALA A 577 -37.51 -23.01 -40.25
N GLN A 578 -36.30 -23.50 -39.99
CA GLN A 578 -35.93 -23.59 -38.57
C GLN A 578 -35.56 -22.22 -37.99
N GLU A 579 -35.00 -21.30 -38.77
CA GLU A 579 -34.76 -19.98 -38.20
C GLU A 579 -36.09 -19.33 -37.81
N ALA A 580 -37.12 -19.51 -38.65
CA ALA A 580 -38.47 -19.10 -38.30
C ALA A 580 -38.92 -19.76 -37.00
N LEU A 581 -38.85 -21.10 -36.95
CA LEU A 581 -39.28 -21.84 -35.76
C LEU A 581 -38.52 -21.43 -34.50
N THR A 582 -37.24 -21.07 -34.66
CA THR A 582 -36.44 -20.66 -33.51
C THR A 582 -36.93 -19.32 -32.99
N VAL A 583 -37.16 -18.36 -33.88
CA VAL A 583 -37.65 -17.08 -33.39
C VAL A 583 -39.08 -17.20 -32.86
N LEU A 584 -39.91 -18.06 -33.47
CA LEU A 584 -41.34 -18.07 -33.14
C LEU A 584 -41.81 -19.11 -32.13
N SER A 585 -41.79 -20.38 -32.54
CA SER A 585 -42.36 -21.44 -31.71
C SER A 585 -41.50 -21.73 -30.49
N LEU A 586 -40.26 -22.16 -30.71
CA LEU A 586 -39.37 -22.49 -29.62
C LEU A 586 -38.44 -21.31 -29.34
N PHE B 5 -27.35 33.00 -3.74
CA PHE B 5 -28.79 32.74 -3.93
C PHE B 5 -29.26 31.72 -2.89
N ASP B 6 -30.53 31.33 -2.91
CA ASP B 6 -30.99 30.37 -1.91
C ASP B 6 -30.16 29.10 -1.92
N SER B 7 -29.60 28.72 -3.06
CA SER B 7 -28.82 27.50 -3.14
C SER B 7 -27.38 27.68 -2.67
N LEU B 8 -27.02 28.88 -2.20
CA LEU B 8 -25.69 29.15 -1.67
C LEU B 8 -25.71 29.44 -0.18
N TYR B 9 -26.83 29.21 0.50
CA TYR B 9 -26.85 29.30 1.95
C TYR B 9 -25.99 28.17 2.49
N PRO B 10 -24.83 28.46 3.11
CA PRO B 10 -23.87 27.42 3.50
C PRO B 10 -24.46 26.16 4.10
N ILE B 11 -25.59 26.27 4.81
CA ILE B 11 -26.26 25.08 5.32
C ILE B 11 -26.76 24.23 4.16
N ALA B 12 -27.45 24.86 3.20
CA ALA B 12 -27.90 24.12 2.01
C ALA B 12 -26.72 23.57 1.21
N VAL B 13 -25.60 24.30 1.19
CA VAL B 13 -24.42 23.81 0.50
C VAL B 13 -23.90 22.54 1.17
N LEU B 14 -23.79 22.56 2.49
CA LEU B 14 -23.31 21.38 3.21
C LEU B 14 -24.27 20.21 3.02
N ILE B 15 -25.57 20.47 3.06
CA ILE B 15 -26.56 19.42 2.82
C ILE B 15 -26.35 18.79 1.45
N ASP B 16 -26.33 19.61 0.39
CA ASP B 16 -26.18 19.05 -0.95
C ASP B 16 -24.81 18.42 -1.17
N GLU B 17 -23.81 18.74 -0.33
CA GLU B 17 -22.57 17.97 -0.36
C GLU B 17 -22.68 16.67 0.41
N LEU B 18 -23.65 16.55 1.31
CA LEU B 18 -23.79 15.35 2.12
C LEU B 18 -24.72 14.30 1.52
N ARG B 19 -25.47 14.61 0.46
CA ARG B 19 -26.24 13.59 -0.23
C ARG B 19 -25.44 12.90 -1.32
N ASN B 20 -24.12 12.98 -1.25
CA ASN B 20 -23.28 12.29 -2.22
C ASN B 20 -23.20 10.80 -1.90
N GLU B 21 -23.18 9.97 -2.94
CA GLU B 21 -23.00 8.53 -2.74
C GLU B 21 -21.59 8.19 -2.25
N ASP B 22 -20.57 8.88 -2.76
CA ASP B 22 -19.20 8.57 -2.37
C ASP B 22 -18.91 9.10 -0.98
N VAL B 23 -18.09 8.37 -0.24
CA VAL B 23 -17.72 8.80 1.11
C VAL B 23 -16.53 9.74 1.09
N GLN B 24 -15.68 9.66 0.07
CA GLN B 24 -14.54 10.57 0.01
C GLN B 24 -14.99 12.01 -0.22
N LEU B 25 -16.13 12.20 -0.88
CA LEU B 25 -16.68 13.53 -1.11
C LEU B 25 -17.49 14.07 0.05
N ARG B 26 -17.91 13.22 0.99
CA ARG B 26 -18.40 13.69 2.27
C ARG B 26 -17.26 13.90 3.27
N LEU B 27 -16.22 13.09 3.18
CA LEU B 27 -15.04 13.28 4.02
C LEU B 27 -14.36 14.60 3.69
N ASN B 28 -14.16 14.88 2.40
CA ASN B 28 -13.57 16.16 2.02
C ASN B 28 -14.54 17.32 2.20
N SER B 29 -15.82 17.04 2.47
CA SER B 29 -16.76 18.08 2.84
C SER B 29 -16.63 18.44 4.32
N ILE B 30 -16.52 17.42 5.17
CA ILE B 30 -16.41 17.66 6.60
C ILE B 30 -15.02 18.13 6.99
N LYS B 31 -13.99 17.73 6.23
CA LYS B 31 -12.64 18.20 6.50
C LYS B 31 -12.51 19.70 6.24
N LYS B 32 -13.31 20.25 5.34
CA LYS B 32 -13.34 21.69 5.15
C LYS B 32 -14.62 22.27 5.75
N LEU B 33 -14.94 21.88 6.99
CA LEU B 33 -16.09 22.48 7.66
C LEU B 33 -15.75 23.84 8.23
N SER B 34 -14.45 24.10 8.43
CA SER B 34 -13.96 25.43 8.75
C SER B 34 -14.51 26.48 7.80
N THR B 35 -14.51 26.17 6.49
CA THR B 35 -15.01 27.12 5.50
C THR B 35 -16.50 27.36 5.67
N ILE B 36 -17.30 26.32 5.92
CA ILE B 36 -18.73 26.51 6.08
C ILE B 36 -19.03 27.38 7.30
N ALA B 37 -18.33 27.11 8.41
CA ALA B 37 -18.55 27.90 9.61
C ALA B 37 -18.10 29.34 9.41
N LEU B 38 -17.02 29.54 8.67
CA LEU B 38 -16.50 30.89 8.46
C LEU B 38 -17.39 31.69 7.51
N ALA B 39 -18.01 31.02 6.54
CA ALA B 39 -18.95 31.70 5.66
C ALA B 39 -20.24 32.06 6.38
N LEU B 40 -20.73 31.19 7.26
CA LEU B 40 -21.89 31.53 8.07
C LEU B 40 -21.62 32.61 9.12
N GLY B 41 -20.37 32.90 9.44
CA GLY B 41 -20.11 33.85 10.50
C GLY B 41 -20.12 33.13 11.84
N VAL B 42 -20.25 33.90 12.92
CA VAL B 42 -20.43 33.32 14.24
C VAL B 42 -21.87 33.33 14.74
N GLU B 43 -22.74 34.17 14.18
CA GLU B 43 -24.13 34.16 14.63
C GLU B 43 -24.88 32.93 14.11
N ARG B 44 -24.67 32.58 12.85
CA ARG B 44 -25.38 31.46 12.25
C ARG B 44 -24.68 30.14 12.45
N THR B 45 -23.38 30.15 12.78
CA THR B 45 -22.70 28.93 13.19
C THR B 45 -23.35 28.36 14.44
N ARG B 46 -23.72 29.23 15.38
CA ARG B 46 -24.48 28.78 16.55
C ARG B 46 -25.96 28.62 16.24
N SER B 47 -26.52 29.52 15.42
CA SER B 47 -27.96 29.48 15.17
C SER B 47 -28.39 28.18 14.52
N GLU B 48 -27.64 27.71 13.52
CA GLU B 48 -28.11 26.58 12.72
C GLU B 48 -27.06 25.52 12.43
N LEU B 49 -25.76 25.84 12.39
CA LEU B 49 -24.77 24.83 12.00
C LEU B 49 -24.57 23.79 13.10
N LEU B 50 -24.34 24.23 14.33
CA LEU B 50 -24.10 23.29 15.43
C LEU B 50 -25.35 22.48 15.77
N PRO B 51 -26.56 23.06 15.77
CA PRO B 51 -27.75 22.22 15.87
C PRO B 51 -27.82 21.17 14.77
N PHE B 52 -27.42 21.54 13.56
CA PHE B 52 -27.40 20.59 12.45
C PHE B 52 -26.44 19.43 12.74
N LEU B 53 -25.19 19.74 13.10
CA LEU B 53 -24.20 18.70 13.34
C LEU B 53 -24.45 17.89 14.61
N THR B 54 -25.26 18.38 15.54
CA THR B 54 -25.38 17.64 16.81
C THR B 54 -26.23 16.38 16.65
N ASP B 55 -27.43 16.51 16.08
CA ASP B 55 -28.35 15.37 16.05
C ASP B 55 -28.32 14.61 14.73
N THR B 56 -28.05 15.29 13.61
CA THR B 56 -28.42 14.76 12.31
C THR B 56 -27.42 13.76 11.72
N ILE B 57 -26.17 13.78 12.14
CA ILE B 57 -25.11 13.09 11.41
C ILE B 57 -25.04 11.64 11.87
N TYR B 58 -25.22 10.72 10.93
CA TYR B 58 -25.02 9.29 11.17
C TYR B 58 -24.27 8.75 9.95
N ASP B 59 -22.98 8.53 10.09
CA ASP B 59 -22.16 8.15 8.95
C ASP B 59 -21.04 7.23 9.43
N GLU B 60 -20.11 6.92 8.53
CA GLU B 60 -19.08 5.93 8.79
C GLU B 60 -17.96 6.55 9.63
N ASP B 61 -17.12 5.67 10.18
CA ASP B 61 -16.00 6.04 11.04
C ASP B 61 -15.22 7.24 10.53
N GLU B 62 -14.75 7.13 9.29
CA GLU B 62 -13.88 8.13 8.68
C GLU B 62 -14.47 9.53 8.79
N VAL B 63 -15.78 9.68 8.57
CA VAL B 63 -16.40 10.99 8.59
C VAL B 63 -16.51 11.53 10.01
N LEU B 64 -17.01 10.71 10.94
CA LEU B 64 -17.18 11.16 12.32
C LEU B 64 -15.86 11.54 12.97
N LEU B 65 -14.77 10.84 12.62
CA LEU B 65 -13.47 11.22 13.16
C LEU B 65 -13.10 12.64 12.74
N ALA B 66 -13.23 12.95 11.44
CA ALA B 66 -12.94 14.29 10.96
C ALA B 66 -13.88 15.32 11.58
N LEU B 67 -15.13 14.93 11.88
CA LEU B 67 -16.06 15.86 12.50
C LEU B 67 -15.61 16.21 13.91
N ALA B 68 -15.15 15.21 14.67
CA ALA B 68 -14.61 15.48 15.99
C ALA B 68 -13.37 16.36 15.90
N GLU B 69 -12.48 16.08 14.94
CA GLU B 69 -11.30 16.92 14.76
C GLU B 69 -11.68 18.36 14.45
N GLN B 70 -12.68 18.55 13.61
CA GLN B 70 -13.10 19.90 13.25
C GLN B 70 -13.72 20.62 14.43
N LEU B 71 -14.64 19.96 15.14
CA LEU B 71 -15.20 20.57 16.35
C LEU B 71 -14.12 20.93 17.35
N GLY B 72 -12.97 20.23 17.31
CA GLY B 72 -11.87 20.59 18.18
C GLY B 72 -11.27 21.96 17.92
N THR B 73 -11.47 22.52 16.73
CA THR B 73 -10.82 23.76 16.32
C THR B 73 -11.78 24.92 16.15
N PHE B 74 -13.07 24.73 16.38
CA PHE B 74 -14.10 25.71 16.07
C PHE B 74 -14.22 26.82 17.13
N THR B 75 -13.24 27.02 18.00
CA THR B 75 -13.42 27.98 19.09
C THR B 75 -13.54 29.41 18.56
N THR B 76 -12.63 29.82 17.68
CA THR B 76 -12.71 31.16 17.12
C THR B 76 -13.91 31.29 16.19
N LEU B 77 -14.19 30.26 15.39
CA LEU B 77 -15.27 30.31 14.42
C LEU B 77 -16.64 30.32 15.07
N VAL B 78 -16.73 30.19 16.39
CA VAL B 78 -18.02 30.11 17.06
C VAL B 78 -18.35 31.37 17.86
N GLY B 79 -17.42 32.30 17.98
CA GLY B 79 -17.71 33.55 18.65
C GLY B 79 -16.66 33.89 19.69
N GLY B 80 -15.66 33.02 19.82
CA GLY B 80 -14.67 33.14 20.86
C GLY B 80 -15.07 32.38 22.12
N PRO B 81 -14.24 32.50 23.17
CA PRO B 81 -14.43 31.65 24.36
C PRO B 81 -15.66 31.98 25.19
N GLU B 82 -16.31 33.14 24.98
CA GLU B 82 -17.56 33.38 25.70
C GLU B 82 -18.67 32.46 25.21
N TYR B 83 -18.55 31.93 23.99
CA TYR B 83 -19.56 31.07 23.39
C TYR B 83 -19.03 29.67 23.13
N VAL B 84 -17.85 29.32 23.63
CA VAL B 84 -17.25 28.02 23.34
C VAL B 84 -18.13 26.88 23.85
N HIS B 85 -18.91 27.12 24.90
CA HIS B 85 -19.69 26.07 25.57
C HIS B 85 -20.79 25.46 24.70
N CYS B 86 -20.96 25.90 23.45
CA CYS B 86 -21.95 25.30 22.56
C CYS B 86 -21.35 24.24 21.64
N LEU B 87 -20.03 24.11 21.59
CA LEU B 87 -19.39 23.00 20.90
C LEU B 87 -19.53 21.69 21.65
N LEU B 88 -20.16 21.70 22.82
CA LEU B 88 -20.19 20.53 23.69
C LEU B 88 -21.23 19.48 23.29
N PRO B 89 -22.47 19.83 22.95
CA PRO B 89 -23.48 18.79 22.63
C PRO B 89 -23.07 17.85 21.50
N PRO B 90 -22.57 18.34 20.36
CA PRO B 90 -22.26 17.38 19.29
C PRO B 90 -21.04 16.54 19.60
N LEU B 91 -20.04 17.14 20.24
CA LEU B 91 -18.89 16.37 20.69
C LEU B 91 -19.27 15.38 21.78
N GLU B 92 -20.34 15.67 22.52
CA GLU B 92 -20.86 14.73 23.50
C GLU B 92 -21.50 13.54 22.80
N SER B 93 -22.32 13.80 21.77
CA SER B 93 -22.83 12.72 20.94
C SER B 93 -21.69 11.85 20.42
N LEU B 94 -20.64 12.48 19.90
CA LEU B 94 -19.51 11.74 19.35
C LEU B 94 -18.70 11.02 20.42
N ALA B 95 -18.77 11.45 21.68
CA ALA B 95 -18.00 10.80 22.73
C ALA B 95 -18.64 9.50 23.20
N THR B 96 -19.76 9.10 22.62
CA THR B 96 -20.45 7.87 23.01
C THR B 96 -20.61 6.88 21.86
N VAL B 97 -20.15 7.22 20.66
CA VAL B 97 -20.38 6.35 19.51
C VAL B 97 -19.62 5.04 19.68
N GLU B 98 -19.99 4.05 18.86
CA GLU B 98 -19.46 2.70 19.04
C GLU B 98 -18.01 2.59 18.58
N GLU B 99 -17.66 3.23 17.46
CA GLU B 99 -16.29 3.15 16.97
C GLU B 99 -15.35 3.91 17.89
N THR B 100 -14.21 3.29 18.19
CA THR B 100 -13.39 3.72 19.32
C THR B 100 -12.51 4.93 18.99
N VAL B 101 -11.97 5.00 17.77
CA VAL B 101 -11.09 6.11 17.43
C VAL B 101 -11.87 7.40 17.32
N VAL B 102 -13.17 7.32 17.01
CA VAL B 102 -13.99 8.53 16.99
C VAL B 102 -14.26 9.02 18.40
N ARG B 103 -14.55 8.09 19.32
CA ARG B 103 -14.65 8.45 20.73
C ARG B 103 -13.39 9.14 21.21
N ASP B 104 -12.23 8.58 20.88
CA ASP B 104 -11.00 9.15 21.42
C ASP B 104 -10.63 10.47 20.76
N LYS B 105 -10.98 10.65 19.48
CA LYS B 105 -10.76 11.96 18.87
C LYS B 105 -11.69 12.99 19.46
N ALA B 106 -12.93 12.60 19.78
CA ALA B 106 -13.84 13.53 20.42
C ALA B 106 -13.37 13.90 21.82
N VAL B 107 -12.84 12.94 22.57
CA VAL B 107 -12.31 13.24 23.90
C VAL B 107 -11.11 14.16 23.81
N GLU B 108 -10.22 13.92 22.84
CA GLU B 108 -9.09 14.81 22.64
C GLU B 108 -9.55 16.23 22.33
N SER B 109 -10.57 16.37 21.48
CA SER B 109 -11.08 17.69 21.16
C SER B 109 -11.75 18.35 22.37
N LEU B 110 -12.43 17.56 23.21
CA LEU B 110 -13.03 18.11 24.42
C LEU B 110 -11.97 18.62 25.39
N ARG B 111 -10.91 17.83 25.60
CA ARG B 111 -9.83 18.30 26.45
C ARG B 111 -9.17 19.53 25.86
N ALA B 112 -9.11 19.64 24.53
CA ALA B 112 -8.53 20.81 23.90
C ALA B 112 -9.37 22.06 24.17
N ILE B 113 -10.68 21.98 23.93
CA ILE B 113 -11.54 23.15 24.16
C ILE B 113 -11.91 23.33 25.62
N SER B 114 -11.46 22.44 26.50
CA SER B 114 -11.61 22.67 27.93
C SER B 114 -10.93 23.97 28.34
N HIS B 115 -9.66 24.13 27.97
CA HIS B 115 -8.89 25.33 28.29
C HIS B 115 -9.57 26.62 27.84
N GLU B 116 -10.55 26.53 26.96
CA GLU B 116 -11.24 27.72 26.46
C GLU B 116 -12.45 28.08 27.30
N HIS B 117 -12.87 27.21 28.20
CA HIS B 117 -13.91 27.55 29.17
C HIS B 117 -13.29 28.33 30.31
N SER B 118 -13.77 29.55 30.55
CA SER B 118 -13.41 30.24 31.76
C SER B 118 -14.05 29.54 32.96
N PRO B 119 -13.35 29.45 34.10
CA PRO B 119 -13.86 28.67 35.24
C PRO B 119 -15.35 28.84 35.53
N SER B 120 -15.87 30.06 35.35
CA SER B 120 -17.28 30.31 35.64
C SER B 120 -18.20 29.47 34.77
N ASP B 121 -17.95 29.43 33.45
CA ASP B 121 -18.76 28.57 32.58
C ASP B 121 -18.21 27.15 32.47
N LEU B 122 -16.93 26.94 32.83
CA LEU B 122 -16.43 25.58 33.02
C LEU B 122 -17.31 24.83 34.01
N GLU B 123 -17.51 25.40 35.21
CA GLU B 123 -18.42 24.78 36.17
C GLU B 123 -19.82 24.63 35.61
N ALA B 124 -20.22 25.54 34.71
CA ALA B 124 -21.62 25.64 34.30
C ALA B 124 -22.00 24.59 33.26
N HIS B 125 -21.23 24.46 32.19
CA HIS B 125 -21.59 23.54 31.11
C HIS B 125 -20.62 22.40 30.88
N PHE B 126 -19.32 22.58 31.16
CA PHE B 126 -18.36 21.54 30.81
C PHE B 126 -18.34 20.40 31.83
N VAL B 127 -18.55 20.70 33.11
CA VAL B 127 -18.53 19.65 34.14
C VAL B 127 -19.81 18.81 34.13
N PRO B 128 -21.00 19.40 33.91
CA PRO B 128 -22.18 18.54 33.74
C PRO B 128 -22.07 17.57 32.58
N LEU B 129 -21.29 17.93 31.56
CA LEU B 129 -21.02 16.99 30.47
C LEU B 129 -20.24 15.78 30.97
N VAL B 130 -19.16 16.01 31.73
CA VAL B 130 -18.38 14.91 32.29
C VAL B 130 -19.24 14.07 33.22
N LYS B 131 -20.13 14.70 33.99
CA LYS B 131 -21.06 13.94 34.82
C LYS B 131 -21.96 13.04 33.98
N ARG B 132 -22.63 13.62 32.99
CA ARG B 132 -23.51 12.84 32.12
C ARG B 132 -22.79 11.67 31.48
N LEU B 133 -21.53 11.87 31.06
CA LEU B 133 -20.80 10.77 30.44
C LEU B 133 -20.42 9.72 31.48
N ALA B 134 -20.01 10.16 32.67
CA ALA B 134 -19.64 9.21 33.72
C ALA B 134 -20.81 8.40 34.22
N GLY B 135 -22.04 8.88 34.02
CA GLY B 135 -23.22 8.14 34.46
C GLY B 135 -24.04 7.52 33.35
N GLY B 136 -23.51 7.44 32.13
CA GLY B 136 -24.28 6.92 31.03
C GLY B 136 -24.59 5.45 31.18
N ASP B 137 -25.66 5.02 30.50
CA ASP B 137 -26.07 3.62 30.54
C ASP B 137 -25.00 2.72 29.95
N TRP B 138 -24.66 2.94 28.68
CA TRP B 138 -23.67 2.12 28.00
C TRP B 138 -22.27 2.71 28.25
N PHE B 139 -21.29 1.82 28.39
CA PHE B 139 -20.00 2.13 29.03
C PHE B 139 -19.09 3.04 28.22
N THR B 140 -19.29 3.16 26.91
CA THR B 140 -18.41 4.00 26.10
C THR B 140 -18.39 5.44 26.62
N SER B 141 -19.56 5.94 27.03
CA SER B 141 -19.64 7.25 27.67
C SER B 141 -18.72 7.32 28.87
N ARG B 142 -18.67 6.24 29.65
CA ARG B 142 -17.89 6.24 30.88
C ARG B 142 -16.39 6.24 30.61
N THR B 143 -15.93 5.53 29.58
CA THR B 143 -14.51 5.63 29.23
C THR B 143 -14.15 7.04 28.77
N SER B 144 -15.04 7.65 27.97
CA SER B 144 -14.80 9.04 27.58
C SER B 144 -14.72 9.96 28.80
N ALA B 145 -15.65 9.77 29.75
CA ALA B 145 -15.61 10.57 30.97
C ALA B 145 -14.29 10.40 31.69
N CYS B 146 -13.76 9.16 31.72
CA CYS B 146 -12.45 8.94 32.33
C CYS B 146 -11.42 9.82 31.67
N GLY B 147 -11.52 9.98 30.34
CA GLY B 147 -10.60 10.87 29.67
C GLY B 147 -10.78 12.32 30.08
N LEU B 148 -12.01 12.72 30.42
CA LEU B 148 -12.31 14.14 30.66
C LEU B 148 -12.03 14.63 32.08
N PHE B 149 -11.70 13.75 33.03
CA PHE B 149 -11.59 14.21 34.42
C PHE B 149 -10.35 15.08 34.64
N SER B 150 -9.20 14.62 34.16
CA SER B 150 -7.94 15.29 34.51
C SER B 150 -7.88 16.73 34.01
N VAL B 151 -8.51 17.03 32.88
CA VAL B 151 -8.29 18.33 32.25
C VAL B 151 -8.98 19.47 33.02
N CYS B 152 -10.20 19.25 33.51
CA CYS B 152 -10.99 20.34 34.06
C CYS B 152 -10.91 20.47 35.57
N TYR B 153 -10.39 19.46 36.27
CA TYR B 153 -10.32 19.51 37.73
C TYR B 153 -9.58 20.73 38.28
N PRO B 154 -8.36 21.05 37.85
CA PRO B 154 -7.55 22.03 38.61
C PRO B 154 -8.15 23.43 38.69
N ARG B 155 -8.85 23.91 37.66
CA ARG B 155 -9.25 25.30 37.61
C ARG B 155 -10.70 25.50 38.03
N VAL B 156 -11.23 24.57 38.81
CA VAL B 156 -12.63 24.60 39.21
C VAL B 156 -12.68 24.74 40.72
N SER B 157 -13.86 25.09 41.24
CA SER B 157 -13.98 25.36 42.66
C SER B 157 -13.71 24.10 43.49
N SER B 158 -13.45 24.32 44.79
CA SER B 158 -13.04 23.21 45.65
C SER B 158 -14.16 22.20 45.87
N ALA B 159 -15.39 22.68 45.98
CA ALA B 159 -16.53 21.77 46.17
C ALA B 159 -16.69 20.85 44.96
N VAL B 160 -16.59 21.39 43.76
CA VAL B 160 -16.73 20.54 42.59
C VAL B 160 -15.48 19.71 42.35
N LYS B 161 -14.31 20.16 42.84
CA LYS B 161 -13.17 19.25 42.88
C LYS B 161 -13.50 18.01 43.67
N ALA B 162 -14.16 18.19 44.82
CA ALA B 162 -14.57 17.03 45.63
C ALA B 162 -15.59 16.18 44.90
N GLU B 163 -16.56 16.82 44.24
CA GLU B 163 -17.58 16.08 43.48
C GLU B 163 -16.93 15.25 42.37
N LEU B 164 -16.03 15.85 41.59
CA LEU B 164 -15.33 15.11 40.54
C LEU B 164 -14.53 13.95 41.12
N ARG B 165 -13.86 14.18 42.24
CA ARG B 165 -13.14 13.09 42.89
C ARG B 165 -14.09 11.94 43.22
N GLN B 166 -15.31 12.27 43.65
CA GLN B 166 -16.28 11.21 43.96
C GLN B 166 -16.71 10.46 42.70
N TYR B 167 -16.98 11.19 41.62
CA TYR B 167 -17.40 10.52 40.39
C TYR B 167 -16.30 9.62 39.84
N PHE B 168 -15.04 10.04 39.95
CA PHE B 168 -13.94 9.18 39.50
C PHE B 168 -13.83 7.94 40.38
N ARG B 169 -13.93 8.12 41.69
CA ARG B 169 -13.98 6.97 42.60
C ARG B 169 -15.07 6.00 42.19
N ASN B 170 -16.25 6.52 41.83
CA ASN B 170 -17.33 5.68 41.34
C ASN B 170 -16.92 4.92 40.08
N LEU B 171 -16.20 5.59 39.18
CA LEU B 171 -15.79 4.92 37.95
C LEU B 171 -14.78 3.82 38.20
N CYS B 172 -13.94 3.95 39.24
CA CYS B 172 -12.97 2.90 39.50
C CYS B 172 -13.60 1.65 40.10
N SER B 173 -14.77 1.75 40.71
CA SER B 173 -15.51 0.59 41.18
C SER B 173 -16.64 0.21 40.25
N ASP B 174 -16.43 0.40 38.95
CA ASP B 174 -17.45 0.09 37.95
C ASP B 174 -17.58 -1.42 37.78
N ASP B 175 -18.74 -1.84 37.27
CA ASP B 175 -18.96 -3.27 37.03
C ASP B 175 -18.18 -3.78 35.83
N THR B 176 -18.17 -3.00 34.75
CA THR B 176 -17.56 -3.50 33.51
C THR B 176 -16.04 -3.36 33.54
N PRO B 177 -15.31 -4.38 33.11
CA PRO B 177 -13.84 -4.25 33.07
C PRO B 177 -13.34 -3.15 32.14
N MET B 178 -14.11 -2.81 31.13
CA MET B 178 -13.67 -1.78 30.16
C MET B 178 -13.57 -0.42 30.83
N VAL B 179 -14.54 -0.02 31.61
CA VAL B 179 -14.49 1.24 32.36
C VAL B 179 -13.38 1.21 33.39
N ARG B 180 -13.20 0.09 34.09
CA ARG B 180 -12.15 -0.01 35.08
C ARG B 180 -10.77 0.10 34.45
N ARG B 181 -10.58 -0.50 33.27
CA ARG B 181 -9.33 -0.33 32.54
C ARG B 181 -9.07 1.14 32.21
N ALA B 182 -10.10 1.81 31.69
CA ALA B 182 -9.95 3.21 31.30
C ALA B 182 -9.54 4.06 32.50
N ALA B 183 -10.27 3.92 33.61
CA ALA B 183 -9.94 4.70 34.80
C ALA B 183 -8.55 4.35 35.31
N ALA B 184 -8.19 3.06 35.32
CA ALA B 184 -6.85 2.66 35.75
C ALA B 184 -5.77 3.33 34.92
N SER B 185 -5.97 3.42 33.61
CA SER B 185 -5.00 4.11 32.77
C SER B 185 -4.92 5.59 33.16
N LYS B 186 -6.06 6.26 33.28
CA LYS B 186 -6.07 7.70 33.57
C LYS B 186 -5.78 8.02 35.04
N LEU B 187 -5.48 7.02 35.86
CA LEU B 187 -5.23 7.26 37.28
C LEU B 187 -4.07 8.23 37.51
N GLY B 188 -2.95 8.03 36.83
CA GLY B 188 -1.82 8.94 37.01
C GLY B 188 -2.12 10.34 36.51
N GLU B 189 -2.78 10.45 35.36
CA GLU B 189 -3.16 11.75 34.82
C GLU B 189 -4.08 12.49 35.78
N PHE B 190 -4.95 11.77 36.50
CA PHE B 190 -5.80 12.43 37.49
C PHE B 190 -5.01 12.80 38.74
N ALA B 191 -4.13 11.91 39.18
CA ALA B 191 -3.32 12.19 40.37
C ALA B 191 -2.48 13.46 40.20
N LYS B 192 -2.02 13.73 38.97
CA LYS B 192 -1.17 14.90 38.77
C LYS B 192 -1.89 16.22 39.04
N VAL B 193 -3.24 16.26 38.96
CA VAL B 193 -3.98 17.49 39.23
C VAL B 193 -4.58 17.52 40.63
N LEU B 194 -4.32 16.53 41.46
CA LEU B 194 -4.88 16.51 42.80
C LEU B 194 -3.89 17.08 43.80
N GLU B 195 -4.43 17.58 44.91
CA GLU B 195 -3.60 18.05 46.01
C GLU B 195 -3.07 16.85 46.78
N LEU B 196 -1.87 17.01 47.34
CA LEU B 196 -1.12 15.86 47.87
C LEU B 196 -1.93 15.11 48.93
N ASP B 197 -2.65 15.86 49.78
CA ASP B 197 -3.48 15.23 50.79
C ASP B 197 -4.54 14.34 50.14
N ASN B 198 -5.11 14.78 49.02
CA ASN B 198 -6.06 13.97 48.29
C ASN B 198 -5.39 12.85 47.48
N VAL B 199 -4.10 12.98 47.15
CA VAL B 199 -3.42 11.87 46.51
C VAL B 199 -3.28 10.72 47.50
N LYS B 200 -2.91 11.03 48.74
CA LYS B 200 -2.87 9.97 49.75
C LYS B 200 -4.27 9.52 50.15
N SER B 201 -5.20 10.46 50.30
CA SER B 201 -6.54 10.12 50.78
C SER B 201 -7.31 9.29 49.75
N GLU B 202 -7.35 9.74 48.51
CA GLU B 202 -8.23 9.14 47.50
C GLU B 202 -7.51 8.32 46.45
N ILE B 203 -6.34 8.76 45.97
CA ILE B 203 -5.70 8.11 44.83
C ILE B 203 -5.09 6.77 45.24
N ILE B 204 -4.29 6.75 46.30
CA ILE B 204 -3.57 5.53 46.67
C ILE B 204 -4.54 4.39 47.04
N PRO B 205 -5.71 4.62 47.64
CA PRO B 205 -6.66 3.49 47.81
C PRO B 205 -7.19 2.95 46.49
N MET B 206 -7.58 3.82 45.56
CA MET B 206 -8.03 3.34 44.25
C MET B 206 -6.91 2.61 43.53
N PHE B 207 -5.68 3.10 43.70
CA PHE B 207 -4.50 2.46 43.11
C PHE B 207 -4.35 1.04 43.62
N SER B 208 -4.40 0.85 44.94
CA SER B 208 -4.27 -0.50 45.49
C SER B 208 -5.48 -1.36 45.11
N ASN B 209 -6.66 -0.76 44.98
CA ASN B 209 -7.85 -1.53 44.59
C ASN B 209 -7.75 -2.03 43.16
N LEU B 210 -7.24 -1.21 42.25
CA LEU B 210 -7.14 -1.64 40.85
C LEU B 210 -6.01 -2.65 40.69
N ALA B 211 -4.89 -2.44 41.36
CA ALA B 211 -3.78 -3.38 41.30
C ALA B 211 -4.09 -4.70 41.99
N SER B 212 -5.23 -4.83 42.66
CA SER B 212 -5.65 -6.06 43.30
C SER B 212 -7.01 -6.50 42.75
N ASP B 213 -7.22 -6.25 41.46
CA ASP B 213 -8.49 -6.55 40.82
C ASP B 213 -8.55 -8.02 40.40
N GLU B 214 -9.69 -8.44 39.85
CA GLU B 214 -9.83 -9.80 39.34
C GLU B 214 -9.23 -9.93 37.94
N GLN B 215 -9.58 -9.02 37.04
CA GLN B 215 -9.00 -9.04 35.71
C GLN B 215 -7.54 -8.62 35.76
N ASP B 216 -6.72 -9.24 34.92
CA ASP B 216 -5.32 -8.83 34.82
C ASP B 216 -5.14 -7.57 33.96
N SER B 217 -6.07 -7.34 33.03
CA SER B 217 -6.00 -6.17 32.17
C SER B 217 -5.93 -4.88 32.97
N VAL B 218 -6.63 -4.82 34.10
CA VAL B 218 -6.63 -3.62 34.93
C VAL B 218 -5.43 -3.58 35.87
N ARG B 219 -5.03 -4.72 36.44
CA ARG B 219 -3.86 -4.75 37.32
C ARG B 219 -2.64 -4.25 36.57
N LEU B 220 -2.61 -4.64 35.33
CA LEU B 220 -1.55 -4.29 34.38
C LEU B 220 -1.48 -2.77 34.25
N LEU B 221 -2.59 -2.09 34.05
CA LEU B 221 -2.66 -0.66 33.84
C LEU B 221 -2.62 0.14 35.14
N ALA B 222 -2.81 -0.51 36.29
CA ALA B 222 -2.59 0.19 37.56
C ALA B 222 -1.13 0.17 37.95
N VAL B 223 -0.43 -0.93 37.72
CA VAL B 223 1.01 -0.90 37.96
C VAL B 223 1.67 0.06 36.99
N GLU B 224 1.05 0.33 35.84
CA GLU B 224 1.58 1.37 34.98
C GLU B 224 1.53 2.73 35.68
N ALA B 225 0.36 3.13 36.18
CA ALA B 225 0.20 4.40 36.88
C ALA B 225 1.03 4.48 38.16
N CYS B 226 1.50 3.33 38.64
CA CYS B 226 2.32 3.32 39.86
C CYS B 226 3.53 4.25 39.75
N VAL B 227 4.12 4.35 38.57
CA VAL B 227 5.32 5.17 38.43
C VAL B 227 4.98 6.66 38.52
N ASN B 228 3.78 7.06 38.10
CA ASN B 228 3.37 8.45 38.25
C ASN B 228 3.02 8.75 39.71
N ILE B 229 2.37 7.82 40.38
CA ILE B 229 2.04 8.04 41.79
C ILE B 229 3.30 8.14 42.64
N ALA B 230 4.28 7.25 42.39
CA ALA B 230 5.49 7.26 43.21
C ALA B 230 6.28 8.55 43.05
N GLN B 231 6.15 9.22 41.91
CA GLN B 231 6.82 10.49 41.69
C GLN B 231 6.11 11.65 42.37
N LEU B 232 4.89 11.44 42.84
CA LEU B 232 4.11 12.50 43.47
C LEU B 232 4.19 12.43 45.00
N LEU B 233 4.75 11.37 45.56
CA LEU B 233 4.87 11.16 47.00
C LEU B 233 6.32 11.26 47.45
N PRO B 234 6.57 11.79 48.64
CA PRO B 234 7.94 11.80 49.17
C PRO B 234 8.40 10.41 49.58
N GLN B 235 9.72 10.21 49.50
CA GLN B 235 10.32 8.89 49.69
C GLN B 235 9.94 8.25 51.03
N GLU B 236 9.53 9.04 52.02
CA GLU B 236 9.28 8.50 53.36
C GLU B 236 7.93 7.78 53.44
N ASP B 237 6.82 8.49 53.22
CA ASP B 237 5.53 7.82 53.17
C ASP B 237 5.40 6.92 51.94
N LEU B 238 6.28 7.11 50.95
CA LEU B 238 6.29 6.26 49.76
C LEU B 238 6.40 4.78 50.11
N GLU B 239 7.24 4.44 51.09
CA GLU B 239 7.45 3.04 51.42
C GLU B 239 6.16 2.38 51.90
N ALA B 240 5.42 3.05 52.78
CA ALA B 240 4.28 2.43 53.43
C ALA B 240 3.18 2.11 52.43
N LEU B 241 2.81 3.09 51.60
CA LEU B 241 1.64 2.92 50.73
C LEU B 241 1.98 2.16 49.45
N VAL B 242 3.01 2.60 48.73
CA VAL B 242 3.24 2.11 47.37
C VAL B 242 3.89 0.73 47.36
N MET B 243 4.72 0.40 48.35
CA MET B 243 5.52 -0.81 48.25
C MET B 243 4.77 -2.12 48.49
N PRO B 244 3.78 -2.19 49.39
CA PRO B 244 2.94 -3.40 49.42
C PRO B 244 2.32 -3.70 48.06
N THR B 245 1.71 -2.69 47.46
CA THR B 245 1.07 -2.86 46.16
C THR B 245 2.09 -3.28 45.11
N LEU B 246 3.27 -2.64 45.13
CA LEU B 246 4.27 -2.93 44.11
C LEU B 246 4.83 -4.33 44.28
N ARG B 247 5.15 -4.73 45.51
CA ARG B 247 5.72 -6.06 45.73
C ARG B 247 4.71 -7.15 45.38
N GLN B 248 3.43 -6.96 45.72
CA GLN B 248 2.47 -7.96 45.29
C GLN B 248 2.25 -7.92 43.78
N ALA B 249 2.51 -6.78 43.13
CA ALA B 249 2.42 -6.72 41.68
C ALA B 249 3.56 -7.48 41.02
N ALA B 250 4.75 -7.43 41.62
CA ALA B 250 5.89 -8.17 41.11
C ALA B 250 5.73 -9.68 41.26
N GLU B 251 4.88 -10.13 42.17
CA GLU B 251 4.63 -11.54 42.40
C GLU B 251 3.27 -11.97 41.85
N ASP B 252 2.63 -11.13 41.04
CA ASP B 252 1.32 -11.45 40.50
C ASP B 252 1.41 -12.72 39.65
N LYS B 253 0.35 -13.52 39.69
CA LYS B 253 0.33 -14.78 38.96
C LYS B 253 0.17 -14.60 37.46
N SER B 254 -0.14 -13.39 36.99
CA SER B 254 -0.27 -13.11 35.57
C SER B 254 1.04 -12.54 35.05
N TRP B 255 1.64 -13.22 34.06
CA TRP B 255 2.91 -12.75 33.52
C TRP B 255 2.78 -11.39 32.86
N ARG B 256 1.56 -10.97 32.49
CA ARG B 256 1.40 -9.66 31.88
C ARG B 256 1.75 -8.55 32.88
N VAL B 257 1.35 -8.71 34.14
CA VAL B 257 1.65 -7.72 35.16
C VAL B 257 3.14 -7.73 35.49
N ARG B 258 3.73 -8.91 35.61
CA ARG B 258 5.16 -8.99 35.88
C ARG B 258 5.95 -8.43 34.71
N TYR B 259 5.46 -8.64 33.48
CA TYR B 259 6.07 -8.02 32.32
C TYR B 259 5.97 -6.50 32.42
N MET B 260 4.84 -5.97 32.87
CA MET B 260 4.72 -4.52 32.96
C MET B 260 5.70 -3.94 33.99
N VAL B 261 5.91 -4.63 35.12
CA VAL B 261 6.87 -4.09 36.08
C VAL B 261 8.29 -4.21 35.52
N ALA B 262 8.60 -5.32 34.84
CA ALA B 262 9.92 -5.45 34.23
C ALA B 262 10.14 -4.34 33.21
N ASP B 263 9.13 -4.03 32.41
CA ASP B 263 9.23 -2.98 31.40
C ASP B 263 9.46 -1.63 32.05
N LYS B 264 8.57 -1.23 32.98
CA LYS B 264 8.72 0.07 33.61
C LYS B 264 9.65 0.01 34.82
N PHE B 265 10.59 -0.93 34.82
CA PHE B 265 11.48 -1.12 35.97
C PHE B 265 12.54 -0.03 36.08
N THR B 266 13.23 0.28 34.97
CA THR B 266 14.21 1.34 34.99
C THR B 266 13.59 2.68 35.35
N GLU B 267 12.28 2.83 35.16
CA GLU B 267 11.58 4.06 35.53
C GLU B 267 11.15 4.04 36.99
N LEU B 268 10.58 2.91 37.43
CA LEU B 268 10.24 2.72 38.83
C LEU B 268 11.44 2.97 39.74
N GLN B 269 12.62 2.51 39.31
CA GLN B 269 13.83 2.72 40.09
C GLN B 269 14.10 4.21 40.32
N LYS B 270 14.08 4.99 39.24
CA LYS B 270 14.28 6.43 39.37
C LYS B 270 13.16 7.09 40.15
N ALA B 271 11.96 6.51 40.12
CA ALA B 271 10.83 7.12 40.82
C ALA B 271 10.96 6.95 42.34
N VAL B 272 11.39 5.78 42.80
CA VAL B 272 11.39 5.53 44.25
C VAL B 272 12.74 5.88 44.86
N GLY B 273 13.65 6.43 44.07
CA GLY B 273 14.95 6.81 44.58
C GLY B 273 15.89 5.62 44.65
N PRO B 274 17.04 5.80 45.29
CA PRO B 274 18.04 4.73 45.38
C PRO B 274 18.04 3.94 46.69
N GLU B 275 17.21 4.32 47.66
CA GLU B 275 17.18 3.59 48.93
C GLU B 275 16.27 2.38 48.85
N ILE B 276 14.99 2.61 48.56
CA ILE B 276 14.05 1.51 48.40
C ILE B 276 14.48 0.60 47.25
N THR B 277 15.17 1.15 46.26
CA THR B 277 15.77 0.31 45.21
C THR B 277 16.69 -0.72 45.82
N LYS B 278 17.67 -0.26 46.61
CA LYS B 278 18.60 -1.17 47.26
C LYS B 278 17.87 -2.18 48.15
N THR B 279 16.83 -1.72 48.86
CA THR B 279 16.18 -2.59 49.83
C THR B 279 15.35 -3.70 49.20
N ASP B 280 14.19 -3.37 48.64
CA ASP B 280 13.25 -4.38 48.15
C ASP B 280 13.23 -4.53 46.64
N LEU B 281 13.72 -3.54 45.88
CA LEU B 281 13.54 -3.52 44.44
C LEU B 281 14.59 -4.37 43.71
N VAL B 282 15.79 -4.48 44.24
CA VAL B 282 16.85 -5.29 43.63
C VAL B 282 16.53 -6.79 43.69
N PRO B 283 16.07 -7.33 44.83
CA PRO B 283 15.66 -8.75 44.83
C PRO B 283 14.49 -9.05 43.92
N ALA B 284 13.58 -8.09 43.76
CA ALA B 284 12.50 -8.28 42.80
C ALA B 284 13.04 -8.35 41.38
N PHE B 285 14.07 -7.55 41.09
CA PHE B 285 14.77 -7.68 39.82
C PHE B 285 15.41 -9.06 39.67
N GLN B 286 15.97 -9.59 40.76
CA GLN B 286 16.63 -10.89 40.68
C GLN B 286 15.63 -12.00 40.37
N ASN B 287 14.53 -12.07 41.09
CA ASN B 287 13.57 -13.14 40.78
C ASN B 287 12.75 -12.86 39.53
N LEU B 288 12.75 -11.61 39.03
CA LEU B 288 12.19 -11.37 37.71
C LEU B 288 13.11 -11.88 36.61
N MET B 289 14.43 -11.86 36.84
CA MET B 289 15.34 -12.50 35.90
C MET B 289 15.28 -14.02 35.96
N LYS B 290 14.80 -14.58 37.07
CA LYS B 290 14.57 -16.01 37.22
C LYS B 290 13.10 -16.37 37.03
N ASP B 291 12.37 -15.57 36.26
CA ASP B 291 10.93 -15.73 36.13
C ASP B 291 10.60 -16.98 35.31
N CYS B 292 9.42 -17.55 35.55
CA CYS B 292 9.03 -18.78 34.87
C CYS B 292 8.66 -18.56 33.41
N GLU B 293 8.24 -17.35 33.03
CA GLU B 293 7.93 -17.04 31.65
C GLU B 293 9.13 -16.36 30.99
N ALA B 294 9.36 -16.70 29.72
CA ALA B 294 10.55 -16.22 29.01
C ALA B 294 10.40 -14.75 28.61
N GLU B 295 9.21 -14.35 28.19
CA GLU B 295 9.01 -13.01 27.68
C GLU B 295 9.13 -11.96 28.77
N VAL B 296 8.96 -12.32 30.03
CA VAL B 296 9.30 -11.43 31.15
C VAL B 296 10.81 -11.36 31.35
N ARG B 297 11.48 -12.52 31.27
CA ARG B 297 12.93 -12.56 31.40
C ARG B 297 13.62 -11.65 30.40
N ALA B 298 13.16 -11.65 29.15
CA ALA B 298 13.82 -10.82 28.14
C ALA B 298 13.64 -9.34 28.46
N ALA B 299 12.43 -8.94 28.87
CA ALA B 299 12.17 -7.55 29.21
C ALA B 299 13.03 -7.12 30.39
N ALA B 300 13.22 -8.00 31.37
CA ALA B 300 14.11 -7.68 32.48
C ALA B 300 15.55 -7.57 32.02
N SER B 301 15.99 -8.49 31.16
CA SER B 301 17.38 -8.49 30.69
C SER B 301 17.72 -7.21 29.96
N HIS B 302 16.77 -6.67 29.18
CA HIS B 302 17.03 -5.40 28.52
C HIS B 302 17.33 -4.29 29.52
N LYS B 303 16.81 -4.40 30.74
CA LYS B 303 16.96 -3.36 31.75
C LYS B 303 18.14 -3.56 32.68
N VAL B 304 19.16 -4.33 32.30
CA VAL B 304 20.28 -4.55 33.22
C VAL B 304 21.22 -3.33 33.24
N LYS B 305 21.65 -2.86 32.07
CA LYS B 305 22.60 -1.76 32.04
C LYS B 305 21.97 -0.47 32.55
N GLU B 306 20.76 -0.16 32.07
CA GLU B 306 20.03 0.99 32.58
C GLU B 306 19.85 0.92 34.08
N PHE B 307 19.79 -0.29 34.64
CA PHE B 307 19.60 -0.46 36.08
C PHE B 307 20.92 -0.35 36.83
N CYS B 308 22.01 -0.84 36.23
CA CYS B 308 23.27 -0.92 36.96
C CYS B 308 23.89 0.45 37.16
N GLU B 309 23.99 1.25 36.10
CA GLU B 309 24.60 2.56 36.27
C GLU B 309 23.72 3.48 37.10
N ASN B 310 22.42 3.22 37.14
CA ASN B 310 21.48 3.98 37.98
C ASN B 310 21.36 3.37 39.38
N LEU B 311 22.49 3.08 40.00
CA LEU B 311 22.53 2.55 41.36
C LEU B 311 23.29 3.51 42.27
N SER B 312 23.11 3.32 43.58
CA SER B 312 23.86 4.12 44.54
C SER B 312 25.32 3.71 44.48
N ALA B 313 26.20 4.68 44.18
CA ALA B 313 27.55 4.35 43.74
C ALA B 313 28.33 3.56 44.78
N ASP B 314 28.20 3.93 46.06
CA ASP B 314 28.82 3.16 47.14
C ASP B 314 28.44 1.67 47.08
N CYS B 315 27.15 1.38 47.09
CA CYS B 315 26.67 0.01 47.09
C CYS B 315 26.53 -0.58 45.70
N ARG B 316 26.63 0.26 44.66
CA ARG B 316 26.42 -0.17 43.28
C ARG B 316 27.34 -1.33 42.90
N GLU B 317 28.64 -1.21 43.19
CA GLU B 317 29.55 -2.25 42.73
C GLU B 317 29.41 -3.53 43.54
N ASN B 318 29.36 -3.41 44.87
CA ASN B 318 29.18 -4.57 45.73
C ASN B 318 27.91 -5.33 45.37
N VAL B 319 26.80 -4.60 45.19
CA VAL B 319 25.53 -5.22 44.86
C VAL B 319 25.54 -5.80 43.45
N ILE B 320 26.19 -5.12 42.50
CA ILE B 320 26.27 -5.65 41.15
C ILE B 320 26.99 -6.99 41.14
N MET B 321 28.14 -7.07 41.80
CA MET B 321 28.89 -8.31 41.81
C MET B 321 28.14 -9.42 42.54
N SER B 322 27.63 -9.12 43.74
CA SER B 322 27.06 -10.17 44.57
C SER B 322 25.68 -10.61 44.09
N GLN B 323 24.89 -9.66 43.59
CA GLN B 323 23.46 -9.84 43.37
C GLN B 323 23.04 -9.97 41.92
N ILE B 324 23.78 -9.38 40.97
CA ILE B 324 23.34 -9.36 39.59
C ILE B 324 24.20 -10.23 38.68
N LEU B 325 25.49 -10.33 38.96
CA LEU B 325 26.38 -11.11 38.11
C LEU B 325 26.10 -12.62 38.08
N PRO B 326 25.79 -13.27 39.20
CA PRO B 326 25.40 -14.70 39.11
C PRO B 326 24.20 -14.94 38.22
N CYS B 327 23.23 -14.02 38.26
CA CYS B 327 22.05 -14.17 37.43
C CYS B 327 22.38 -14.03 35.96
N ILE B 328 23.34 -13.16 35.61
CA ILE B 328 23.83 -13.13 34.24
C ILE B 328 24.54 -14.42 33.90
N LYS B 329 25.42 -14.89 34.80
CA LYS B 329 26.15 -16.14 34.61
C LYS B 329 25.21 -17.28 34.25
N GLU B 330 24.00 -17.26 34.77
CA GLU B 330 23.05 -18.29 34.34
C GLU B 330 22.20 -17.85 33.15
N LEU B 331 21.96 -16.55 32.97
CA LEU B 331 21.17 -16.07 31.84
C LEU B 331 21.90 -16.23 30.51
N VAL B 332 23.24 -16.27 30.52
CA VAL B 332 23.99 -16.42 29.28
C VAL B 332 23.69 -17.78 28.65
N SER B 333 23.41 -18.79 29.47
CA SER B 333 23.05 -20.09 28.96
C SER B 333 21.57 -20.35 29.22
N ASP B 334 20.73 -19.35 28.92
CA ASP B 334 19.30 -19.54 28.95
C ASP B 334 18.86 -20.41 27.77
N ALA B 335 17.58 -20.76 27.74
CA ALA B 335 17.07 -21.63 26.69
C ALA B 335 16.41 -20.86 25.54
N ASN B 336 15.91 -19.66 25.79
CA ASN B 336 15.19 -18.91 24.77
C ASN B 336 16.16 -18.02 24.01
N GLN B 337 16.14 -18.14 22.68
CA GLN B 337 17.04 -17.38 21.83
C GLN B 337 16.78 -15.88 21.86
N HIS B 338 15.79 -15.42 22.63
CA HIS B 338 15.46 -14.00 22.74
C HIS B 338 15.99 -13.36 24.01
N VAL B 339 15.83 -14.04 25.15
CA VAL B 339 16.47 -13.59 26.39
C VAL B 339 17.98 -13.44 26.17
N LYS B 340 18.60 -14.45 25.56
CA LYS B 340 20.03 -14.40 25.32
C LYS B 340 20.43 -13.20 24.48
N SER B 341 19.72 -12.95 23.38
CA SER B 341 20.08 -11.82 22.51
C SER B 341 19.76 -10.48 23.17
N ALA B 342 18.71 -10.42 23.98
CA ALA B 342 18.36 -9.18 24.66
C ALA B 342 19.43 -8.80 25.67
N LEU B 343 19.89 -9.77 26.47
CA LEU B 343 21.00 -9.49 27.38
C LEU B 343 22.31 -9.29 26.64
N ALA B 344 22.47 -9.92 25.48
CA ALA B 344 23.68 -9.74 24.69
C ALA B 344 23.77 -8.31 24.17
N SER B 345 22.63 -7.68 23.90
CA SER B 345 22.66 -6.32 23.39
C SER B 345 23.20 -5.35 24.43
N VAL B 346 22.90 -5.57 25.70
CA VAL B 346 23.13 -4.56 26.74
C VAL B 346 24.19 -4.95 27.76
N ILE B 347 24.64 -6.21 27.77
CA ILE B 347 25.59 -6.64 28.78
C ILE B 347 26.96 -6.01 28.58
N MET B 348 27.27 -5.57 27.36
CA MET B 348 28.56 -4.94 27.10
C MET B 348 28.73 -3.66 27.89
N GLY B 349 27.67 -2.87 28.05
CA GLY B 349 27.75 -1.62 28.77
C GLY B 349 28.02 -1.78 30.26
N LEU B 350 27.98 -3.00 30.78
CA LEU B 350 28.36 -3.25 32.17
C LEU B 350 29.87 -3.16 32.40
N SER B 351 30.66 -2.86 31.37
CA SER B 351 32.12 -2.95 31.49
C SER B 351 32.75 -1.65 31.99
N PRO B 352 32.36 -0.47 31.50
CA PRO B 352 32.84 0.76 32.15
C PRO B 352 32.30 0.93 33.56
N ILE B 353 31.21 0.25 33.90
CA ILE B 353 30.64 0.32 35.23
C ILE B 353 31.44 -0.49 36.25
N LEU B 354 32.20 -1.50 35.80
CA LEU B 354 32.91 -2.36 36.72
C LEU B 354 34.43 -2.17 36.71
N GLY B 355 34.99 -1.53 35.69
CA GLY B 355 36.43 -1.34 35.65
C GLY B 355 37.14 -2.42 34.86
N LYS B 356 38.36 -2.10 34.43
CA LYS B 356 39.19 -3.03 33.69
C LYS B 356 39.40 -4.36 34.42
N ASP B 357 39.79 -4.29 35.70
CA ASP B 357 40.12 -5.52 36.43
C ASP B 357 38.89 -6.40 36.64
N ASN B 358 37.78 -5.79 37.06
CA ASN B 358 36.57 -6.57 37.29
C ASN B 358 35.99 -7.09 36.00
N THR B 359 36.13 -6.34 34.91
CA THR B 359 35.67 -6.81 33.60
C THR B 359 36.48 -8.02 33.15
N ILE B 360 37.80 -7.98 33.33
CA ILE B 360 38.63 -9.12 32.97
C ILE B 360 38.28 -10.34 33.81
N GLU B 361 38.08 -10.15 35.11
CA GLU B 361 37.90 -11.30 36.00
C GLU B 361 36.51 -11.91 35.88
N HIS B 362 35.48 -11.08 35.71
CA HIS B 362 34.10 -11.55 35.83
C HIS B 362 33.24 -11.33 34.59
N LEU B 363 33.58 -10.37 33.73
CA LEU B 363 32.75 -10.09 32.55
C LEU B 363 33.28 -10.73 31.28
N LEU B 364 34.57 -10.96 31.17
CA LEU B 364 35.14 -11.51 29.95
C LEU B 364 34.72 -12.96 29.72
N PRO B 365 34.65 -13.82 30.75
CA PRO B 365 34.08 -15.15 30.49
C PRO B 365 32.65 -15.11 29.98
N LEU B 366 31.85 -14.13 30.40
CA LEU B 366 30.46 -14.07 29.98
C LEU B 366 30.33 -13.58 28.53
N PHE B 367 31.10 -12.55 28.16
CA PHE B 367 31.12 -12.08 26.77
C PHE B 367 31.72 -13.13 25.84
N LEU B 368 32.79 -13.80 26.27
CA LEU B 368 33.37 -14.87 25.45
C LEU B 368 32.41 -16.06 25.31
N ALA B 369 31.63 -16.34 26.36
CA ALA B 369 30.61 -17.39 26.24
C ALA B 369 29.53 -16.98 25.24
N GLN B 370 29.05 -15.74 25.33
CA GLN B 370 28.01 -15.29 24.40
C GLN B 370 28.55 -15.00 23.02
N LEU B 371 29.87 -14.98 22.84
CA LEU B 371 30.42 -14.89 21.48
C LEU B 371 30.29 -16.23 20.76
N LYS B 372 30.52 -17.33 21.48
CA LYS B 372 30.42 -18.66 20.88
C LYS B 372 28.99 -19.17 20.77
N ASP B 373 28.01 -18.40 21.22
CA ASP B 373 26.62 -18.84 21.11
C ASP B 373 26.23 -18.99 19.65
N GLU B 374 25.38 -19.98 19.37
CA GLU B 374 25.04 -20.32 18.00
C GLU B 374 24.08 -19.33 17.37
N CYS B 375 23.22 -18.69 18.17
CA CYS B 375 22.26 -17.74 17.63
C CYS B 375 23.00 -16.56 16.99
N PRO B 376 22.62 -16.15 15.77
CA PRO B 376 23.34 -15.03 15.13
C PRO B 376 23.08 -13.69 15.78
N GLU B 377 21.92 -13.51 16.41
CA GLU B 377 21.63 -12.22 17.05
C GLU B 377 22.52 -12.02 18.27
N VAL B 378 22.73 -13.08 19.06
CA VAL B 378 23.60 -12.98 20.23
C VAL B 378 25.02 -12.62 19.79
N ARG B 379 25.55 -13.36 18.82
CA ARG B 379 26.89 -13.06 18.32
C ARG B 379 26.97 -11.64 17.76
N LEU B 380 26.00 -11.26 16.92
CA LEU B 380 26.06 -9.94 16.31
C LEU B 380 25.90 -8.82 17.34
N ASN B 381 24.98 -8.99 18.29
CA ASN B 381 24.79 -7.98 19.32
C ASN B 381 26.02 -7.85 20.21
N ILE B 382 26.76 -8.95 20.40
CA ILE B 382 28.01 -8.90 21.15
C ILE B 382 29.07 -8.13 20.37
N ILE B 383 29.22 -8.44 19.08
CA ILE B 383 30.23 -7.77 18.27
C ILE B 383 29.87 -6.30 18.04
N SER B 384 28.58 -5.99 17.92
CA SER B 384 28.20 -4.61 17.66
C SER B 384 28.63 -3.68 18.78
N ASN B 385 28.61 -4.18 20.03
CA ASN B 385 29.01 -3.39 21.19
C ASN B 385 30.40 -3.75 21.69
N LEU B 386 31.36 -3.96 20.79
CA LEU B 386 32.70 -4.31 21.24
C LEU B 386 33.56 -3.10 21.58
N ASP B 387 33.29 -1.94 20.98
CA ASP B 387 34.00 -0.73 21.37
C ASP B 387 33.74 -0.38 22.83
N CYS B 388 32.57 -0.77 23.36
CA CYS B 388 32.21 -0.49 24.74
C CYS B 388 33.22 -1.06 25.72
N VAL B 389 33.72 -2.27 25.44
CA VAL B 389 34.75 -2.87 26.27
C VAL B 389 36.14 -2.62 25.68
N ASN B 390 36.23 -2.28 24.39
CA ASN B 390 37.52 -1.95 23.79
C ASN B 390 38.13 -0.72 24.45
N GLU B 391 37.30 0.23 24.87
CA GLU B 391 37.84 1.43 25.52
C GLU B 391 38.09 1.23 27.00
N VAL B 392 37.50 0.19 27.60
CA VAL B 392 37.69 -0.09 29.02
C VAL B 392 38.87 -1.04 29.27
N ILE B 393 39.17 -1.92 28.32
CA ILE B 393 40.17 -2.97 28.50
C ILE B 393 41.43 -2.71 27.68
N GLY B 394 41.29 -2.25 26.46
CA GLY B 394 42.45 -2.08 25.61
C GLY B 394 42.44 -3.07 24.47
N ILE B 395 42.97 -2.63 23.32
CA ILE B 395 42.98 -3.48 22.13
C ILE B 395 43.82 -4.73 22.34
N ARG B 396 44.95 -4.61 23.05
CA ARG B 396 45.79 -5.79 23.27
C ARG B 396 45.14 -6.77 24.24
N GLN B 397 44.77 -6.28 25.42
CA GLN B 397 44.14 -7.15 26.42
C GLN B 397 42.83 -7.75 25.92
N LEU B 398 42.19 -7.14 24.92
CA LEU B 398 40.93 -7.62 24.37
C LEU B 398 41.14 -8.63 23.24
N SER B 399 41.98 -8.28 22.27
CA SER B 399 42.28 -9.20 21.19
C SER B 399 42.92 -10.47 21.73
N GLN B 400 43.78 -10.34 22.73
CA GLN B 400 44.44 -11.50 23.31
C GLN B 400 43.48 -12.41 24.06
N SER B 401 42.34 -11.89 24.53
CA SER B 401 41.37 -12.72 25.21
C SER B 401 40.25 -13.24 24.30
N LEU B 402 40.05 -12.67 23.14
CA LEU B 402 39.01 -13.28 22.29
C LEU B 402 39.70 -14.16 21.25
N LEU B 403 40.89 -13.88 20.83
CA LEU B 403 41.53 -14.80 19.89
C LEU B 403 41.29 -16.26 20.22
N PRO B 404 41.40 -16.72 21.48
CA PRO B 404 41.11 -18.14 21.73
C PRO B 404 39.70 -18.54 21.36
N ALA B 405 38.72 -17.64 21.46
CA ALA B 405 37.36 -18.01 21.09
C ALA B 405 37.17 -18.02 19.57
N ILE B 406 37.78 -17.06 18.88
CA ILE B 406 37.76 -17.04 17.43
C ILE B 406 38.40 -18.32 16.88
N VAL B 407 39.53 -18.74 17.45
CA VAL B 407 40.17 -19.96 16.98
C VAL B 407 39.41 -21.21 17.47
N GLU B 408 38.72 -21.10 18.61
CA GLU B 408 37.93 -22.22 19.10
C GLU B 408 36.81 -22.56 18.14
N LEU B 409 35.95 -21.58 17.85
CA LEU B 409 34.90 -21.85 16.88
C LEU B 409 35.36 -21.67 15.45
N ALA B 410 36.66 -21.43 15.24
CA ALA B 410 37.24 -21.52 13.91
C ALA B 410 37.63 -22.95 13.55
N GLU B 411 37.98 -23.77 14.54
CA GLU B 411 38.37 -25.14 14.29
C GLU B 411 37.31 -26.09 14.84
N ASP B 412 36.11 -25.58 15.02
CA ASP B 412 34.97 -26.34 15.51
C ASP B 412 34.52 -27.37 14.47
N ALA B 413 34.02 -28.51 14.97
CA ALA B 413 33.71 -29.63 14.09
C ALA B 413 32.59 -29.30 13.10
N LYS B 414 31.54 -28.62 13.56
CA LYS B 414 30.42 -28.29 12.70
C LYS B 414 30.84 -27.28 11.63
N TRP B 415 30.63 -27.63 10.36
CA TRP B 415 30.94 -26.70 9.28
C TRP B 415 30.06 -25.46 9.37
N ARG B 416 28.84 -25.62 9.89
CA ARG B 416 27.95 -24.47 10.08
C ARG B 416 28.59 -23.42 10.98
N VAL B 417 29.27 -23.85 12.04
CA VAL B 417 29.90 -22.92 12.98
C VAL B 417 31.04 -22.17 12.30
N ARG B 418 31.90 -22.90 11.59
CA ARG B 418 33.00 -22.26 10.90
C ARG B 418 32.48 -21.25 9.87
N LEU B 419 31.43 -21.61 9.13
CA LEU B 419 30.84 -20.64 8.20
C LEU B 419 30.26 -19.44 8.94
N ALA B 420 29.66 -19.69 10.11
CA ALA B 420 29.09 -18.60 10.89
C ALA B 420 30.15 -17.58 11.26
N ILE B 421 31.35 -18.06 11.60
CA ILE B 421 32.37 -17.07 11.97
C ILE B 421 33.00 -16.43 10.72
N ILE B 422 33.17 -17.17 9.61
CA ILE B 422 33.65 -16.50 8.39
C ILE B 422 32.70 -15.37 8.02
N GLU B 423 31.41 -15.56 8.29
CA GLU B 423 30.42 -14.53 8.02
C GLU B 423 30.75 -13.24 8.75
N TYR B 424 31.02 -13.33 10.05
CA TYR B 424 31.24 -12.17 10.91
C TYR B 424 32.70 -11.74 11.00
N MET B 425 33.59 -12.42 10.28
CA MET B 425 35.00 -12.04 10.31
C MET B 425 35.25 -10.58 9.92
N PRO B 426 34.68 -10.04 8.83
CA PRO B 426 35.05 -8.66 8.45
C PRO B 426 34.49 -7.57 9.36
N LEU B 427 33.31 -7.75 9.96
CA LEU B 427 32.80 -6.75 10.88
C LEU B 427 33.44 -6.88 12.25
N LEU B 428 33.99 -8.05 12.58
CA LEU B 428 34.79 -8.22 13.77
C LEU B 428 36.22 -7.75 13.55
N ALA B 429 36.64 -7.61 12.29
CA ALA B 429 37.85 -6.89 11.93
C ALA B 429 37.64 -5.39 11.79
N GLY B 430 36.39 -4.93 11.76
CA GLY B 430 36.15 -3.51 11.78
C GLY B 430 36.47 -2.85 13.11
N GLN B 431 36.31 -3.59 14.21
CA GLN B 431 36.58 -3.07 15.54
C GLN B 431 37.85 -3.62 16.17
N LEU B 432 38.41 -4.72 15.66
CA LEU B 432 39.72 -5.14 16.13
C LEU B 432 40.80 -4.22 15.58
N GLY B 433 40.56 -3.62 14.41
CA GLY B 433 41.48 -2.71 13.79
C GLY B 433 42.38 -3.39 12.78
N VAL B 434 43.05 -2.54 11.98
CA VAL B 434 43.99 -3.01 10.97
C VAL B 434 45.07 -3.88 11.62
N GLU B 435 45.59 -3.43 12.75
CA GLU B 435 46.57 -4.20 13.50
C GLU B 435 45.85 -5.25 14.35
N PHE B 436 46.61 -5.95 15.15
CA PHE B 436 45.95 -6.96 16.01
C PHE B 436 45.11 -7.87 15.13
N PHE B 437 45.79 -8.40 14.16
CA PHE B 437 45.29 -9.38 13.19
C PHE B 437 46.57 -10.18 13.02
N ASP B 438 46.90 -10.48 11.81
CA ASP B 438 48.18 -11.19 11.48
C ASP B 438 48.30 -12.46 12.36
N GLU B 439 49.10 -12.34 13.38
CA GLU B 439 49.18 -13.41 14.41
C GLU B 439 48.89 -14.85 13.96
N LYS B 440 47.76 -15.38 14.39
CA LYS B 440 47.34 -16.74 14.02
C LYS B 440 46.01 -16.62 13.26
N LEU B 441 45.56 -15.41 12.97
CA LEU B 441 44.32 -15.28 12.18
C LEU B 441 44.81 -15.47 10.75
N ASN B 442 45.26 -14.40 10.17
CA ASN B 442 45.64 -14.68 8.79
C ASN B 442 45.80 -16.17 8.55
N SER B 443 46.45 -16.85 9.50
CA SER B 443 46.56 -18.30 9.42
C SER B 443 45.20 -18.97 9.43
N LEU B 444 44.25 -18.38 10.15
CA LEU B 444 42.89 -18.91 10.18
C LEU B 444 42.23 -18.76 8.82
N CYS B 445 42.40 -17.61 8.16
CA CYS B 445 41.83 -17.44 6.83
C CYS B 445 42.43 -18.43 5.82
N MET B 446 43.74 -18.69 5.93
CA MET B 446 44.35 -19.65 5.03
C MET B 446 43.86 -21.07 5.31
N ALA B 447 43.76 -21.44 6.59
CA ALA B 447 43.20 -22.75 6.94
C ALA B 447 41.76 -22.85 6.49
N TRP B 448 41.05 -21.73 6.40
CA TRP B 448 39.72 -21.72 5.80
C TRP B 448 39.81 -22.11 4.33
N LEU B 449 40.80 -21.54 3.64
CA LEU B 449 40.94 -21.84 2.21
C LEU B 449 41.29 -23.30 1.95
N VAL B 450 41.92 -24.00 2.89
CA VAL B 450 42.24 -25.42 2.65
C VAL B 450 41.15 -26.36 3.14
N ASP B 451 40.00 -25.83 3.57
CA ASP B 451 38.98 -26.65 4.21
C ASP B 451 38.34 -27.62 3.21
N HIS B 452 37.73 -28.68 3.75
CA HIS B 452 37.08 -29.69 2.92
C HIS B 452 35.74 -29.19 2.39
N VAL B 453 34.90 -28.63 3.26
CA VAL B 453 33.57 -28.20 2.85
C VAL B 453 33.69 -27.07 1.85
N TYR B 454 32.99 -27.20 0.71
CA TYR B 454 33.16 -26.23 -0.36
C TYR B 454 32.56 -24.88 0.01
N ALA B 455 31.46 -24.88 0.75
CA ALA B 455 30.86 -23.62 1.18
C ALA B 455 31.86 -22.79 1.99
N ILE B 456 32.69 -23.45 2.79
CA ILE B 456 33.66 -22.73 3.61
C ILE B 456 34.70 -22.05 2.73
N ARG B 457 35.23 -22.79 1.76
CA ARG B 457 36.23 -22.23 0.84
C ARG B 457 35.65 -21.10 0.00
N GLU B 458 34.41 -21.24 -0.47
CA GLU B 458 33.80 -20.18 -1.27
C GLU B 458 33.60 -18.93 -0.44
N ALA B 459 33.10 -19.10 0.80
CA ALA B 459 32.91 -17.96 1.67
C ALA B 459 34.24 -17.37 2.11
N ALA B 460 35.31 -18.16 2.13
CA ALA B 460 36.59 -17.62 2.58
C ALA B 460 37.34 -16.88 1.47
N THR B 461 37.21 -17.31 0.21
CA THR B 461 37.70 -16.48 -0.88
C THR B 461 36.91 -15.18 -0.97
N SER B 462 35.58 -15.28 -0.92
CA SER B 462 34.77 -14.06 -0.87
C SER B 462 34.98 -13.29 0.41
N ASN B 463 35.62 -13.89 1.42
CA ASN B 463 36.02 -13.17 2.63
C ASN B 463 37.32 -12.42 2.46
N LEU B 464 38.30 -13.01 1.78
CA LEU B 464 39.53 -12.27 1.50
C LEU B 464 39.24 -11.05 0.65
N LYS B 465 38.27 -11.17 -0.27
CA LYS B 465 37.92 -10.02 -1.10
C LYS B 465 37.43 -8.85 -0.24
N LYS B 466 36.50 -9.10 0.67
CA LYS B 466 36.03 -8.04 1.55
C LYS B 466 37.04 -7.66 2.62
N LEU B 467 37.99 -8.53 2.95
CA LEU B 467 38.96 -8.24 4.00
C LEU B 467 40.10 -7.36 3.51
N VAL B 468 40.36 -7.33 2.21
CA VAL B 468 41.23 -6.29 1.68
C VAL B 468 40.43 -5.08 1.24
N GLU B 469 39.12 -5.22 1.08
CA GLU B 469 38.22 -4.12 0.77
C GLU B 469 38.05 -3.16 1.95
N LYS B 470 38.56 -3.50 3.12
CA LYS B 470 38.45 -2.66 4.32
C LYS B 470 39.79 -2.17 4.85
N PHE B 471 40.89 -2.83 4.52
CA PHE B 471 42.21 -2.44 4.99
C PHE B 471 43.04 -1.75 3.90
N GLY B 472 43.00 -2.24 2.67
CA GLY B 472 43.63 -1.52 1.58
C GLY B 472 44.50 -2.38 0.70
N LYS B 473 44.71 -1.91 -0.54
CA LYS B 473 45.61 -2.62 -1.46
C LYS B 473 47.00 -2.76 -0.86
N GLU B 474 47.44 -1.74 -0.12
CA GLU B 474 48.75 -1.78 0.52
C GLU B 474 48.81 -2.92 1.54
N TRP B 475 47.80 -3.02 2.41
CA TRP B 475 47.79 -4.08 3.42
C TRP B 475 47.72 -5.46 2.76
N ALA B 476 46.82 -5.61 1.79
CA ALA B 476 46.70 -6.86 1.05
C ALA B 476 48.03 -7.27 0.44
N HIS B 477 48.70 -6.33 -0.23
CA HIS B 477 50.00 -6.58 -0.83
C HIS B 477 51.06 -6.92 0.22
N ALA B 478 50.92 -6.38 1.43
CA ALA B 478 51.92 -6.62 2.46
C ALA B 478 51.77 -7.99 3.12
N THR B 479 50.54 -8.44 3.38
CA THR B 479 50.41 -9.61 4.25
C THR B 479 49.60 -10.76 3.66
N ILE B 480 48.59 -10.47 2.85
CA ILE B 480 47.73 -11.53 2.31
C ILE B 480 48.29 -12.10 1.02
N ILE B 481 48.67 -11.23 0.08
CA ILE B 481 49.07 -11.70 -1.26
C ILE B 481 50.21 -12.71 -1.20
N PRO B 482 51.22 -12.59 -0.31
CA PRO B 482 52.24 -13.65 -0.28
C PRO B 482 51.70 -15.00 0.15
N LYS B 483 50.85 -15.05 1.18
CA LYS B 483 50.28 -16.32 1.60
C LYS B 483 49.45 -16.94 0.49
N VAL B 484 48.77 -16.12 -0.31
CA VAL B 484 47.98 -16.64 -1.42
C VAL B 484 48.90 -17.22 -2.50
N LEU B 485 49.89 -16.44 -2.92
CA LEU B 485 50.79 -16.90 -3.98
C LEU B 485 51.60 -18.13 -3.56
N ALA B 486 51.88 -18.27 -2.26
CA ALA B 486 52.62 -19.43 -1.79
C ALA B 486 51.85 -20.73 -2.00
N MET B 487 50.52 -20.67 -2.00
CA MET B 487 49.73 -21.89 -2.13
C MET B 487 49.74 -22.44 -3.56
N SER B 488 49.81 -21.56 -4.57
CA SER B 488 49.94 -22.02 -5.95
C SER B 488 51.25 -22.78 -6.15
N GLY B 489 51.15 -24.07 -6.40
CA GLY B 489 52.33 -24.90 -6.49
C GLY B 489 52.54 -25.68 -5.22
N ASP B 490 51.94 -26.87 -5.16
CA ASP B 490 51.97 -27.72 -3.98
C ASP B 490 51.39 -29.08 -4.37
N PRO B 491 51.65 -30.14 -3.56
CA PRO B 491 51.23 -31.49 -3.96
C PRO B 491 49.76 -31.61 -4.33
N ASN B 492 48.87 -31.48 -3.35
CA ASN B 492 47.43 -31.56 -3.57
C ASN B 492 47.00 -30.53 -4.62
N TYR B 493 46.66 -31.00 -5.82
CA TYR B 493 46.46 -30.10 -6.95
C TYR B 493 45.23 -29.22 -6.78
N LEU B 494 44.31 -29.56 -5.87
CA LEU B 494 43.11 -28.77 -5.65
C LEU B 494 43.43 -27.41 -5.04
N HIS B 495 44.50 -27.35 -4.25
CA HIS B 495 44.88 -26.09 -3.61
C HIS B 495 45.37 -25.07 -4.64
N ARG B 496 45.99 -25.53 -5.73
CA ARG B 496 46.37 -24.61 -6.80
C ARG B 496 45.13 -23.95 -7.41
N MET B 497 44.09 -24.76 -7.66
CA MET B 497 42.84 -24.22 -8.18
C MET B 497 42.23 -23.21 -7.22
N THR B 498 42.25 -23.50 -5.91
CA THR B 498 41.69 -22.53 -4.98
C THR B 498 42.52 -21.26 -4.90
N THR B 499 43.84 -21.38 -5.06
CA THR B 499 44.70 -20.20 -5.17
C THR B 499 44.27 -19.31 -6.32
N LEU B 500 44.07 -19.92 -7.49
CA LEU B 500 43.66 -19.10 -8.62
C LEU B 500 42.24 -18.55 -8.45
N PHE B 501 41.33 -19.30 -7.82
CA PHE B 501 40.00 -18.74 -7.55
C PHE B 501 40.08 -17.49 -6.70
N CYS B 502 40.84 -17.56 -5.59
CA CYS B 502 40.97 -16.38 -4.75
C CYS B 502 41.72 -15.25 -5.46
N ILE B 503 42.67 -15.57 -6.34
CA ILE B 503 43.32 -14.52 -7.12
C ILE B 503 42.32 -13.82 -8.03
N ASN B 504 41.42 -14.59 -8.65
CA ASN B 504 40.37 -14.00 -9.48
C ASN B 504 39.52 -13.03 -8.67
N VAL B 505 39.03 -13.48 -7.52
CA VAL B 505 38.14 -12.63 -6.73
C VAL B 505 38.93 -11.48 -6.08
N LEU B 506 40.25 -11.64 -5.96
CA LEU B 506 41.11 -10.64 -5.34
C LEU B 506 41.44 -9.49 -6.28
N SER B 507 41.57 -9.77 -7.59
CA SER B 507 41.90 -8.70 -8.52
C SER B 507 40.80 -7.65 -8.64
N GLU B 508 39.62 -7.90 -8.07
CA GLU B 508 38.47 -7.00 -8.22
C GLU B 508 38.55 -5.74 -7.37
N VAL B 509 39.56 -5.62 -6.52
CA VAL B 509 39.65 -4.49 -5.58
C VAL B 509 40.97 -3.74 -5.65
N CYS B 510 42.01 -4.30 -6.24
CA CYS B 510 43.32 -3.67 -6.28
C CYS B 510 43.54 -3.07 -7.66
N GLY B 511 44.05 -1.84 -7.70
CA GLY B 511 44.47 -1.21 -8.93
C GLY B 511 45.32 -2.08 -9.84
N GLN B 512 45.46 -1.67 -11.10
CA GLN B 512 46.12 -2.50 -12.10
C GLN B 512 47.54 -2.87 -11.69
N ASP B 513 48.29 -1.93 -11.14
CA ASP B 513 49.72 -2.15 -10.90
C ASP B 513 49.96 -3.29 -9.92
N ILE B 514 49.20 -3.32 -8.82
CA ILE B 514 49.45 -4.35 -7.80
C ILE B 514 48.95 -5.71 -8.26
N THR B 515 47.81 -5.74 -8.96
CA THR B 515 47.29 -6.98 -9.50
C THR B 515 48.21 -7.56 -10.57
N THR B 516 48.67 -6.72 -11.50
CA THR B 516 49.52 -7.19 -12.59
C THR B 516 50.78 -7.86 -12.07
N LYS B 517 51.62 -7.10 -11.37
CA LYS B 517 53.03 -7.45 -11.16
C LYS B 517 53.18 -8.78 -10.43
N HIS B 518 52.32 -9.06 -9.47
CA HIS B 518 52.53 -10.21 -8.59
C HIS B 518 51.55 -11.33 -8.86
N MET B 519 50.38 -11.03 -9.40
CA MET B 519 49.44 -12.08 -9.70
C MET B 519 49.69 -12.72 -11.06
N LEU B 520 50.18 -11.97 -12.05
CA LEU B 520 50.38 -12.62 -13.36
C LEU B 520 51.54 -13.60 -13.42
N PRO B 521 52.75 -13.30 -12.90
CA PRO B 521 53.87 -14.25 -13.07
C PRO B 521 53.63 -15.62 -12.43
N THR B 522 52.99 -15.68 -11.27
CA THR B 522 52.76 -16.96 -10.63
C THR B 522 51.49 -17.64 -11.13
N VAL B 523 50.54 -16.88 -11.67
CA VAL B 523 49.43 -17.51 -12.36
C VAL B 523 49.92 -18.19 -13.62
N LEU B 524 50.91 -17.60 -14.29
CA LEU B 524 51.44 -18.23 -15.50
C LEU B 524 52.44 -19.33 -15.17
N ARG B 525 53.20 -19.21 -14.09
CA ARG B 525 54.09 -20.29 -13.68
C ARG B 525 53.29 -21.51 -13.26
N MET B 526 52.31 -21.32 -12.36
CA MET B 526 51.43 -22.42 -11.99
C MET B 526 50.56 -22.86 -13.16
N ALA B 527 50.45 -22.03 -14.21
CA ALA B 527 49.72 -22.41 -15.42
C ALA B 527 50.51 -23.39 -16.26
N GLY B 528 51.84 -23.35 -16.23
CA GLY B 528 52.64 -24.34 -16.90
C GLY B 528 52.59 -25.72 -16.29
N ASP B 529 51.75 -25.93 -15.28
CA ASP B 529 51.73 -27.19 -14.56
C ASP B 529 51.09 -28.31 -15.41
N PRO B 530 51.51 -29.55 -15.21
CA PRO B 530 51.01 -30.65 -16.06
C PRO B 530 49.51 -30.88 -15.98
N VAL B 531 48.89 -30.71 -14.81
CA VAL B 531 47.49 -31.08 -14.67
C VAL B 531 46.62 -30.20 -15.56
N ALA B 532 45.63 -30.82 -16.20
CA ALA B 532 44.77 -30.10 -17.14
C ALA B 532 43.69 -29.30 -16.45
N ASN B 533 43.21 -29.75 -15.29
CA ASN B 533 42.15 -29.01 -14.59
C ASN B 533 42.68 -27.69 -14.03
N VAL B 534 43.93 -27.70 -13.55
CA VAL B 534 44.55 -26.48 -13.04
C VAL B 534 44.73 -25.47 -14.16
N ARG B 535 45.20 -25.91 -15.33
CA ARG B 535 45.33 -25.02 -16.48
C ARG B 535 43.97 -24.55 -17.00
N PHE B 536 42.99 -25.45 -16.98
CA PHE B 536 41.61 -25.15 -17.36
C PHE B 536 41.05 -23.97 -16.57
N ASN B 537 41.16 -24.05 -15.23
CA ASN B 537 40.79 -22.89 -14.43
C ASN B 537 41.78 -21.73 -14.58
N VAL B 538 43.02 -21.99 -14.98
CA VAL B 538 43.93 -20.88 -15.32
C VAL B 538 43.33 -20.03 -16.43
N ALA B 539 42.90 -20.68 -17.51
CA ALA B 539 42.30 -19.96 -18.62
C ALA B 539 41.04 -19.22 -18.16
N LYS B 540 40.16 -19.93 -17.44
CA LYS B 540 38.96 -19.29 -16.93
C LYS B 540 39.30 -18.08 -16.04
N SER B 541 40.43 -18.13 -15.35
CA SER B 541 40.84 -17.09 -14.42
C SER B 541 41.37 -15.86 -15.14
N LEU B 542 42.27 -16.06 -16.10
CA LEU B 542 42.75 -14.95 -16.91
C LEU B 542 41.62 -14.29 -17.68
N GLN B 543 40.55 -15.04 -17.97
CA GLN B 543 39.37 -14.43 -18.58
C GLN B 543 38.79 -13.33 -17.70
N LYS B 544 38.54 -13.66 -16.44
CA LYS B 544 37.87 -12.70 -15.53
C LYS B 544 38.80 -11.55 -15.17
N ILE B 545 40.09 -11.79 -15.13
CA ILE B 545 41.03 -10.68 -14.80
C ILE B 545 40.91 -9.66 -15.92
N GLY B 546 41.23 -10.11 -17.14
CA GLY B 546 41.27 -9.38 -18.44
C GLY B 546 40.75 -7.96 -18.36
N PRO B 547 39.49 -7.87 -18.02
CA PRO B 547 38.61 -6.75 -17.85
C PRO B 547 39.48 -5.81 -17.03
N ILE B 548 40.09 -6.23 -15.93
CA ILE B 548 40.89 -5.13 -15.32
C ILE B 548 41.83 -4.88 -16.51
N LEU B 549 41.74 -3.68 -17.05
CA LEU B 549 42.60 -3.39 -18.25
C LEU B 549 44.02 -3.80 -17.95
N ASP B 550 44.77 -4.18 -18.97
CA ASP B 550 46.19 -4.62 -18.90
C ASP B 550 46.79 -4.16 -20.24
N ASN B 551 45.93 -3.87 -21.23
CA ASN B 551 46.21 -3.42 -22.63
C ASN B 551 47.63 -3.74 -23.10
N SER B 552 48.63 -3.00 -22.64
CA SER B 552 50.04 -3.24 -23.04
C SER B 552 50.43 -4.68 -22.67
N THR B 553 50.06 -5.12 -21.48
CA THR B 553 50.37 -6.50 -21.01
C THR B 553 49.19 -7.41 -21.39
N LEU B 554 48.05 -6.82 -21.78
CA LEU B 554 46.90 -7.65 -22.19
C LEU B 554 47.39 -8.53 -23.34
N GLN B 555 47.95 -7.89 -24.36
CA GLN B 555 48.56 -8.62 -25.49
C GLN B 555 49.54 -9.61 -24.89
N SER B 556 50.49 -9.15 -24.12
CA SER B 556 51.37 -10.17 -23.54
C SER B 556 50.59 -11.25 -22.82
N GLU B 557 49.30 -11.03 -22.57
CA GLU B 557 48.44 -12.09 -22.06
C GLU B 557 47.93 -12.97 -23.18
N VAL B 558 47.63 -12.37 -24.34
CA VAL B 558 47.07 -13.11 -25.47
C VAL B 558 48.09 -14.10 -26.03
N LYS B 559 49.39 -13.82 -25.91
CA LYS B 559 50.37 -14.67 -26.57
C LYS B 559 50.59 -15.98 -25.80
N PRO B 560 50.90 -15.97 -24.49
CA PRO B 560 50.83 -17.24 -23.74
C PRO B 560 49.46 -17.89 -23.75
N ILE B 561 48.38 -17.11 -23.90
CA ILE B 561 47.05 -17.71 -23.98
C ILE B 561 46.92 -18.54 -25.25
N LEU B 562 47.44 -18.03 -26.38
CA LEU B 562 47.50 -18.82 -27.60
C LEU B 562 48.44 -20.00 -27.46
N GLU B 563 49.51 -19.84 -26.67
CA GLU B 563 50.47 -20.94 -26.49
C GLU B 563 49.81 -22.13 -25.80
N LYS B 564 48.96 -21.87 -24.80
CA LYS B 564 48.26 -22.97 -24.12
C LYS B 564 47.21 -23.58 -25.02
N LEU B 565 46.55 -22.75 -25.84
CA LEU B 565 45.47 -23.21 -26.71
C LEU B 565 45.92 -24.31 -27.65
N ASP B 570 42.10 -32.73 -22.44
CA ASP B 570 42.71 -31.52 -22.97
C ASP B 570 41.69 -30.68 -23.74
N VAL B 571 40.53 -31.28 -24.04
CA VAL B 571 39.51 -30.58 -24.82
C VAL B 571 38.86 -29.47 -23.99
N ASP B 572 38.61 -29.74 -22.70
CA ASP B 572 38.01 -28.74 -21.82
C ASP B 572 38.91 -27.51 -21.70
N VAL B 573 40.22 -27.73 -21.50
CA VAL B 573 41.18 -26.63 -21.49
C VAL B 573 41.01 -25.75 -22.72
N LYS B 574 40.92 -26.38 -23.90
CA LYS B 574 40.82 -25.61 -25.13
C LYS B 574 39.51 -24.86 -25.23
N TYR B 575 38.40 -25.48 -24.83
CA TYR B 575 37.13 -24.78 -24.75
C TYR B 575 37.28 -23.49 -23.93
N PHE B 576 37.75 -23.60 -22.69
CA PHE B 576 37.83 -22.41 -21.83
C PHE B 576 38.76 -21.36 -22.43
N ALA B 577 39.92 -21.79 -22.95
CA ALA B 577 40.89 -20.85 -23.49
C ALA B 577 40.36 -20.11 -24.72
N GLN B 578 39.74 -20.84 -25.65
CA GLN B 578 39.18 -20.19 -26.83
C GLN B 578 38.07 -19.22 -26.47
N GLU B 579 37.17 -19.62 -25.56
CA GLU B 579 36.11 -18.71 -25.14
C GLU B 579 36.69 -17.45 -24.49
N ALA B 580 37.73 -17.60 -23.67
CA ALA B 580 38.34 -16.45 -23.02
C ALA B 580 38.96 -15.51 -24.05
N LEU B 581 39.72 -16.07 -25.00
CA LEU B 581 40.41 -15.23 -25.98
C LEU B 581 39.42 -14.51 -26.89
N THR B 582 38.31 -15.17 -27.25
CA THR B 582 37.29 -14.50 -28.07
C THR B 582 36.67 -13.33 -27.33
N VAL B 583 36.26 -13.54 -26.07
CA VAL B 583 35.62 -12.48 -25.30
C VAL B 583 36.59 -11.36 -24.97
N LEU B 584 37.88 -11.67 -24.80
CA LEU B 584 38.83 -10.62 -24.42
C LEU B 584 39.19 -9.72 -25.61
N SER B 585 39.33 -10.32 -26.79
CA SER B 585 39.75 -9.58 -27.97
C SER B 585 38.56 -9.15 -28.82
N MET C 3 -1.85 -16.89 -22.14
CA MET C 3 -0.67 -16.78 -23.04
C MET C 3 0.25 -15.69 -22.50
N ASP C 4 0.64 -14.73 -23.34
CA ASP C 4 1.59 -13.66 -22.99
C ASP C 4 1.09 -12.28 -23.44
N TRP C 5 0.37 -12.20 -24.55
CA TRP C 5 -0.17 -10.96 -25.09
C TRP C 5 -1.58 -10.67 -24.61
N GLU C 6 -2.35 -11.71 -24.26
CA GLU C 6 -3.69 -11.51 -23.74
C GLU C 6 -3.73 -11.32 -22.22
N VAL C 7 -2.70 -11.78 -21.50
CA VAL C 7 -2.62 -11.46 -20.08
C VAL C 7 -2.28 -9.99 -19.88
N GLU C 8 -1.46 -9.42 -20.76
CA GLU C 8 -1.18 -8.00 -20.65
C GLU C 8 -2.39 -7.14 -20.97
N ARG C 9 -3.25 -7.61 -21.88
CA ARG C 9 -4.41 -6.79 -22.24
C ARG C 9 -5.38 -6.71 -21.08
N ALA C 10 -5.50 -7.78 -20.30
CA ALA C 10 -6.38 -7.71 -19.15
C ALA C 10 -5.80 -6.76 -18.13
N GLU C 11 -4.47 -6.73 -18.01
CA GLU C 11 -3.88 -5.79 -17.07
C GLU C 11 -4.19 -4.37 -17.52
N LEU C 12 -4.03 -4.13 -18.82
CA LEU C 12 -4.30 -2.79 -19.32
C LEU C 12 -5.76 -2.42 -19.08
N GLN C 13 -6.67 -3.37 -19.33
CA GLN C 13 -8.07 -3.03 -19.11
C GLN C 13 -8.31 -2.71 -17.65
N ALA C 14 -7.72 -3.51 -16.75
CA ALA C 14 -7.89 -3.23 -15.34
C ALA C 14 -7.39 -1.84 -14.99
N ARG C 15 -6.25 -1.43 -15.57
CA ARG C 15 -5.74 -0.08 -15.30
C ARG C 15 -6.76 0.97 -15.72
N ILE C 16 -7.29 0.84 -16.94
CA ILE C 16 -8.25 1.83 -17.43
C ILE C 16 -9.50 1.80 -16.56
N ALA C 17 -9.89 0.64 -16.06
CA ALA C 17 -11.06 0.61 -15.18
C ALA C 17 -10.79 1.43 -13.92
N PHE C 18 -9.63 1.22 -13.30
CA PHE C 18 -9.35 1.90 -12.03
C PHE C 18 -9.30 3.40 -12.25
N LEU C 19 -8.56 3.82 -13.27
CA LEU C 19 -8.43 5.24 -13.54
C LEU C 19 -9.80 5.86 -13.77
N GLN C 20 -10.67 5.15 -14.49
CA GLN C 20 -11.98 5.72 -14.76
C GLN C 20 -12.75 5.97 -13.48
N GLY C 21 -12.70 5.04 -12.53
CA GLY C 21 -13.43 5.28 -11.30
C GLY C 21 -12.90 6.51 -10.59
N GLU C 22 -11.58 6.59 -10.49
CA GLU C 22 -10.99 7.71 -9.78
C GLU C 22 -11.32 9.00 -10.52
N ARG C 23 -11.30 8.93 -11.85
CA ARG C 23 -11.52 10.13 -12.64
C ARG C 23 -12.86 10.76 -12.26
N LYS C 24 -13.92 9.94 -12.20
CA LYS C 24 -15.23 10.53 -11.94
C LYS C 24 -15.22 11.28 -10.62
N GLY C 25 -14.69 10.66 -9.58
CA GLY C 25 -14.72 11.32 -8.29
C GLY C 25 -14.04 12.67 -8.34
N GLN C 26 -12.84 12.69 -8.93
CA GLN C 26 -12.09 13.93 -8.94
C GLN C 26 -12.87 15.00 -9.66
N GLU C 27 -13.54 14.62 -10.74
CA GLU C 27 -14.26 15.62 -11.52
C GLU C 27 -15.35 16.24 -10.66
N ASN C 28 -16.21 15.41 -10.06
CA ASN C 28 -17.29 15.97 -9.29
C ASN C 28 -16.84 16.38 -7.89
N LEU C 29 -15.54 16.25 -7.60
CA LEU C 29 -15.01 16.96 -6.45
C LEU C 29 -14.76 18.43 -6.82
N LYS C 30 -14.18 18.68 -7.99
CA LYS C 30 -13.99 20.06 -8.41
C LYS C 30 -15.33 20.78 -8.50
N LYS C 31 -16.39 20.05 -8.85
CA LYS C 31 -17.74 20.60 -8.86
C LYS C 31 -18.07 21.25 -7.52
N ASP C 32 -17.82 20.55 -6.42
CA ASP C 32 -18.10 21.14 -5.11
C ASP C 32 -17.18 22.31 -4.83
N LEU C 33 -15.91 22.21 -5.23
CA LEU C 33 -14.94 23.25 -4.90
C LEU C 33 -15.36 24.59 -5.49
N VAL C 34 -15.72 24.60 -6.77
CA VAL C 34 -16.18 25.83 -7.40
C VAL C 34 -17.41 26.37 -6.68
N ARG C 35 -18.33 25.47 -6.31
CA ARG C 35 -19.50 25.93 -5.55
C ARG C 35 -19.07 26.64 -4.28
N ARG C 36 -18.08 26.09 -3.58
CA ARG C 36 -17.62 26.74 -2.37
C ARG C 36 -17.07 28.14 -2.66
N ILE C 37 -16.30 28.30 -3.75
CA ILE C 37 -15.84 29.65 -4.06
C ILE C 37 -17.04 30.55 -4.32
N LYS C 38 -18.03 30.04 -5.05
CA LYS C 38 -19.25 30.81 -5.28
C LYS C 38 -19.90 31.14 -3.94
N MET C 39 -19.97 30.14 -3.05
CA MET C 39 -20.54 30.39 -1.73
C MET C 39 -19.78 31.50 -1.01
N LEU C 40 -18.45 31.46 -1.08
CA LEU C 40 -17.69 32.52 -0.43
C LEU C 40 -17.89 33.85 -1.14
N GLU C 41 -17.92 33.84 -2.48
CA GLU C 41 -18.14 35.08 -3.21
C GLU C 41 -19.41 35.76 -2.73
N TYR C 42 -20.51 34.99 -2.70
CA TYR C 42 -21.78 35.55 -2.27
C TYR C 42 -21.69 36.07 -0.85
N ALA C 43 -21.02 35.31 0.04
CA ALA C 43 -20.92 35.76 1.42
C ALA C 43 -20.18 37.08 1.49
N LEU C 44 -19.10 37.21 0.72
CA LEU C 44 -18.36 38.46 0.74
C LEU C 44 -19.25 39.58 0.22
N LYS C 45 -20.00 39.28 -0.84
CA LYS C 45 -20.92 40.28 -1.42
C LYS C 45 -21.90 40.77 -0.36
N GLN C 46 -22.39 39.88 0.51
CA GLN C 46 -23.30 40.34 1.54
C GLN C 46 -22.59 41.15 2.60
N GLU C 47 -21.35 40.76 2.97
CA GLU C 47 -20.65 41.45 4.05
C GLU C 47 -20.35 42.91 3.72
N ARG C 48 -20.14 43.23 2.44
CA ARG C 48 -19.91 44.62 2.06
C ARG C 48 -21.15 45.48 2.30
N ALA C 49 -22.35 44.93 2.08
CA ALA C 49 -23.58 45.69 2.29
C ALA C 49 -23.84 45.97 3.77
N TRP D 5 -2.52 -7.19 -35.82
CA TRP D 5 -3.93 -7.33 -35.47
C TRP D 5 -4.15 -6.91 -34.02
N GLU D 6 -3.12 -7.02 -33.19
CA GLU D 6 -3.22 -6.46 -31.84
C GLU D 6 -2.78 -5.00 -31.84
N VAL D 7 -3.39 -4.25 -32.76
CA VAL D 7 -3.27 -2.80 -32.76
C VAL D 7 -4.00 -2.23 -31.55
N GLU D 8 -4.96 -2.99 -31.02
CA GLU D 8 -5.66 -2.59 -29.80
C GLU D 8 -4.69 -2.40 -28.64
N ARG D 9 -3.53 -3.04 -28.71
CA ARG D 9 -2.53 -2.87 -27.69
C ARG D 9 -1.97 -1.44 -27.70
N ALA D 10 -1.93 -0.79 -28.87
CA ALA D 10 -1.49 0.59 -28.91
C ALA D 10 -2.59 1.59 -28.57
N GLU D 11 -3.85 1.33 -28.96
CA GLU D 11 -4.91 2.27 -28.60
C GLU D 11 -5.22 2.22 -27.11
N LEU D 12 -5.16 1.04 -26.50
CA LEU D 12 -5.31 0.99 -25.05
C LEU D 12 -4.18 1.76 -24.36
N GLN D 13 -2.97 1.69 -24.91
CA GLN D 13 -1.86 2.47 -24.37
C GLN D 13 -2.13 3.96 -24.48
N ALA D 14 -2.65 4.40 -25.63
CA ALA D 14 -2.99 5.81 -25.79
C ALA D 14 -4.06 6.24 -24.79
N ARG D 15 -5.04 5.37 -24.55
CA ARG D 15 -6.06 5.68 -23.53
C ARG D 15 -5.44 5.83 -22.16
N ILE D 16 -4.53 4.93 -21.79
CA ILE D 16 -3.91 5.02 -20.46
C ILE D 16 -3.10 6.30 -20.35
N ALA D 17 -2.39 6.67 -21.42
CA ALA D 17 -1.61 7.91 -21.40
C ALA D 17 -2.52 9.12 -21.25
N PHE D 18 -3.65 9.12 -21.95
CA PHE D 18 -4.59 10.24 -21.84
C PHE D 18 -5.17 10.33 -20.44
N LEU D 19 -5.58 9.21 -19.87
CA LEU D 19 -6.14 9.23 -18.53
C LEU D 19 -5.14 9.72 -17.51
N GLN D 20 -3.87 9.28 -17.62
CA GLN D 20 -2.86 9.74 -16.68
C GLN D 20 -2.60 11.24 -16.84
N GLY D 21 -2.61 11.74 -18.08
CA GLY D 21 -2.45 13.16 -18.30
C GLY D 21 -3.58 13.97 -17.70
N GLU D 22 -4.83 13.47 -17.85
CA GLU D 22 -5.96 14.21 -17.29
C GLU D 22 -5.93 14.19 -15.78
N ARG D 23 -5.54 13.05 -15.19
CA ARG D 23 -5.43 12.95 -13.75
C ARG D 23 -4.45 13.99 -13.22
N LYS D 24 -3.30 14.10 -13.88
CA LYS D 24 -2.31 15.12 -13.51
C LYS D 24 -2.91 16.53 -13.60
N GLY D 25 -3.54 16.84 -14.75
CA GLY D 25 -4.08 18.18 -14.94
C GLY D 25 -5.13 18.55 -13.92
N GLN D 26 -6.12 17.67 -13.72
CA GLN D 26 -7.19 17.99 -12.79
C GLN D 26 -6.67 18.12 -11.37
N GLU D 27 -5.68 17.29 -10.98
CA GLU D 27 -5.16 17.40 -9.62
C GLU D 27 -4.49 18.76 -9.39
N ASN D 28 -3.59 19.15 -10.29
CA ASN D 28 -2.95 20.44 -10.02
C ASN D 28 -3.83 21.62 -10.43
N LEU D 29 -5.02 21.38 -10.97
CA LEU D 29 -6.06 22.40 -11.05
C LEU D 29 -6.78 22.55 -9.71
N LYS D 30 -7.08 21.42 -9.07
CA LYS D 30 -7.67 21.46 -7.73
C LYS D 30 -6.78 22.24 -6.79
N LYS D 31 -5.46 22.16 -6.98
CA LYS D 31 -4.55 22.98 -6.17
C LYS D 31 -4.91 24.46 -6.27
N ASP D 32 -5.05 24.97 -7.50
CA ASP D 32 -5.37 26.38 -7.70
C ASP D 32 -6.75 26.71 -7.13
N LEU D 33 -7.69 25.78 -7.25
CA LEU D 33 -9.04 26.00 -6.72
C LEU D 33 -8.98 26.20 -5.20
N VAL D 34 -8.25 25.32 -4.51
CA VAL D 34 -8.10 25.46 -3.05
C VAL D 34 -7.43 26.80 -2.71
N ARG D 35 -6.43 27.19 -3.50
CA ARG D 35 -5.81 28.49 -3.25
C ARG D 35 -6.83 29.62 -3.35
N ARG D 36 -7.70 29.58 -4.36
CA ARG D 36 -8.74 30.61 -4.48
C ARG D 36 -9.66 30.60 -3.27
N ILE D 37 -10.00 29.40 -2.79
CA ILE D 37 -10.84 29.29 -1.61
C ILE D 37 -10.20 29.97 -0.41
N LYS D 38 -8.90 29.70 -0.19
CA LYS D 38 -8.19 30.36 0.91
C LYS D 38 -8.13 31.86 0.71
N MET D 39 -7.91 32.30 -0.52
CA MET D 39 -7.88 33.74 -0.80
C MET D 39 -9.19 34.40 -0.40
N LEU D 40 -10.31 33.79 -0.77
CA LEU D 40 -11.61 34.34 -0.40
C LEU D 40 -11.82 34.26 1.11
N GLU D 41 -11.39 33.18 1.74
CA GLU D 41 -11.46 33.07 3.19
C GLU D 41 -10.75 34.25 3.86
N TYR D 42 -9.53 34.53 3.42
CA TYR D 42 -8.75 35.62 4.00
C TYR D 42 -9.42 36.97 3.77
N ALA D 43 -9.92 37.19 2.55
CA ALA D 43 -10.59 38.45 2.26
C ALA D 43 -11.83 38.62 3.14
N LEU D 44 -12.57 37.53 3.33
CA LEU D 44 -13.75 37.58 4.19
C LEU D 44 -13.38 37.85 5.64
N LYS D 45 -12.34 37.18 6.17
CA LYS D 45 -11.96 37.45 7.56
C LYS D 45 -11.56 38.91 7.76
N GLN D 46 -10.81 39.47 6.80
CA GLN D 46 -10.42 40.87 6.95
C GLN D 46 -11.63 41.80 6.84
N GLU D 47 -12.51 41.53 5.88
CA GLU D 47 -13.71 42.35 5.74
C GLU D 47 -14.62 42.22 6.97
N ARG D 48 -14.63 41.04 7.60
CA ARG D 48 -15.42 40.80 8.79
C ARG D 48 -14.90 41.59 9.97
N ALA D 49 -13.57 41.72 10.09
CA ALA D 49 -13.02 42.48 11.21
C ALA D 49 -13.37 43.96 11.09
N LYS D 50 -13.00 44.58 9.97
CA LYS D 50 -13.34 45.97 9.72
C LYS D 50 -13.35 46.25 8.22
N PHE E 5 -3.79 -29.70 30.28
CA PHE E 5 -5.20 -29.79 30.70
C PHE E 5 -5.67 -28.44 31.24
N ASP E 6 -4.75 -27.48 31.37
CA ASP E 6 -5.12 -26.14 31.89
C ASP E 6 -5.70 -25.34 30.73
N SER E 7 -4.85 -24.62 30.04
CA SER E 7 -5.24 -23.84 28.86
C SER E 7 -5.11 -24.74 27.66
N LEU E 8 -6.01 -25.68 27.53
CA LEU E 8 -6.07 -26.56 26.36
C LEU E 8 -7.56 -26.70 26.14
N TYR E 9 -8.28 -26.20 27.11
CA TYR E 9 -9.72 -26.13 26.90
C TYR E 9 -10.02 -25.14 25.79
N PRO E 10 -10.51 -25.57 24.62
CA PRO E 10 -10.70 -24.66 23.47
C PRO E 10 -11.35 -23.33 23.81
N ILE E 11 -12.27 -23.34 24.79
CA ILE E 11 -12.85 -22.08 25.25
C ILE E 11 -11.80 -21.23 25.94
N ALA E 12 -11.05 -21.82 26.87
CA ALA E 12 -9.96 -21.09 27.52
C ALA E 12 -8.90 -20.68 26.50
N VAL E 13 -8.68 -21.49 25.47
CA VAL E 13 -7.72 -21.14 24.43
C VAL E 13 -8.17 -19.88 23.69
N LEU E 14 -9.45 -19.85 23.28
CA LEU E 14 -9.95 -18.66 22.59
C LEU E 14 -9.93 -17.44 23.49
N ILE E 15 -10.28 -17.62 24.76
CA ILE E 15 -10.23 -16.50 25.71
C ILE E 15 -8.82 -15.94 25.78
N ASP E 16 -7.83 -16.79 26.05
CA ASP E 16 -6.45 -16.30 26.18
C ASP E 16 -5.87 -15.84 24.85
N GLU E 17 -6.43 -16.25 23.71
CA GLU E 17 -6.01 -15.67 22.44
C GLU E 17 -6.68 -14.34 22.15
N LEU E 18 -7.79 -14.04 22.84
CA LEU E 18 -8.49 -12.77 22.64
C LEU E 18 -8.01 -11.68 23.59
N ARG E 19 -7.22 -12.02 24.61
CA ARG E 19 -6.59 -11.03 25.47
C ARG E 19 -5.27 -10.53 24.90
N ASN E 20 -5.08 -10.67 23.59
CA ASN E 20 -3.86 -10.19 22.96
C ASN E 20 -3.88 -8.68 22.83
N GLU E 21 -2.71 -8.06 22.96
CA GLU E 21 -2.62 -6.62 22.82
C GLU E 21 -2.93 -6.21 21.38
N ASP E 22 -2.44 -6.97 20.41
CA ASP E 22 -2.66 -6.70 19.00
C ASP E 22 -4.05 -7.15 18.57
N VAL E 23 -4.61 -6.44 17.60
CA VAL E 23 -5.89 -6.84 17.02
C VAL E 23 -5.70 -7.85 15.89
N GLN E 24 -4.53 -7.84 15.23
CA GLN E 24 -4.29 -8.80 14.15
C GLN E 24 -4.17 -10.22 14.67
N LEU E 25 -3.72 -10.41 15.91
CA LEU E 25 -3.65 -11.74 16.50
C LEU E 25 -4.98 -12.16 17.10
N ARG E 26 -5.92 -11.23 17.28
CA ARG E 26 -7.31 -11.58 17.52
C ARG E 26 -8.05 -11.81 16.22
N LEU E 27 -7.68 -11.09 15.17
CA LEU E 27 -8.28 -11.29 13.86
C LEU E 27 -7.95 -12.67 13.31
N ASN E 28 -6.67 -13.07 13.37
CA ASN E 28 -6.33 -14.42 12.92
C ASN E 28 -6.76 -15.50 13.91
N SER E 29 -7.19 -15.14 15.12
CA SER E 29 -7.77 -16.15 16.01
C SER E 29 -9.24 -16.38 15.69
N ILE E 30 -10.01 -15.31 15.48
CA ILE E 30 -11.42 -15.48 15.17
C ILE E 30 -11.62 -15.93 13.74
N LYS E 31 -10.70 -15.57 12.83
CA LYS E 31 -10.82 -16.01 11.45
C LYS E 31 -10.66 -17.52 11.33
N LYS E 32 -9.94 -18.15 12.27
CA LYS E 32 -9.84 -19.61 12.33
C LYS E 32 -10.62 -20.14 13.52
N LEU E 33 -11.88 -19.72 13.67
CA LEU E 33 -12.73 -20.18 14.76
C LEU E 33 -13.28 -21.58 14.52
N SER E 34 -13.35 -22.02 13.26
CA SER E 34 -13.70 -23.41 12.95
C SER E 34 -12.89 -24.39 13.79
N THR E 35 -11.59 -24.12 13.98
CA THR E 35 -10.75 -25.01 14.77
C THR E 35 -11.21 -25.09 16.22
N ILE E 36 -11.57 -23.94 16.81
CA ILE E 36 -12.02 -23.94 18.20
C ILE E 36 -13.35 -24.70 18.32
N ALA E 37 -14.25 -24.50 17.36
CA ALA E 37 -15.52 -25.21 17.42
C ALA E 37 -15.32 -26.71 17.22
N LEU E 38 -14.39 -27.10 16.35
CA LEU E 38 -14.14 -28.49 16.02
C LEU E 38 -13.39 -29.22 17.13
N ALA E 39 -12.49 -28.54 17.84
CA ALA E 39 -11.83 -29.16 18.99
C ALA E 39 -12.83 -29.38 20.11
N LEU E 40 -13.75 -28.44 20.30
CA LEU E 40 -14.91 -28.72 21.11
C LEU E 40 -15.75 -29.75 20.38
N GLY E 41 -16.65 -30.39 21.11
CA GLY E 41 -17.48 -31.34 20.43
C GLY E 41 -18.49 -30.59 19.57
N VAL E 42 -19.56 -31.26 19.20
CA VAL E 42 -20.69 -30.56 18.61
C VAL E 42 -21.70 -30.26 19.70
N GLU E 43 -21.62 -30.98 20.82
CA GLU E 43 -22.44 -30.68 21.99
C GLU E 43 -21.94 -29.41 22.68
N ARG E 44 -20.63 -29.24 22.78
CA ARG E 44 -20.06 -28.09 23.46
C ARG E 44 -19.89 -26.88 22.56
N THR E 45 -19.89 -27.05 21.23
CA THR E 45 -19.98 -25.89 20.36
C THR E 45 -21.30 -25.15 20.57
N ARG E 46 -22.39 -25.89 20.79
CA ARG E 46 -23.66 -25.26 21.12
C ARG E 46 -23.71 -24.87 22.59
N SER E 47 -23.17 -25.73 23.46
CA SER E 47 -23.31 -25.54 24.90
C SER E 47 -22.65 -24.27 25.38
N GLU E 48 -21.44 -23.96 24.89
CA GLU E 48 -20.65 -22.90 25.51
C GLU E 48 -20.05 -21.92 24.52
N LEU E 49 -19.75 -22.35 23.30
CA LEU E 49 -19.11 -21.45 22.35
C LEU E 49 -20.06 -20.37 21.86
N LEU E 50 -21.26 -20.76 21.45
CA LEU E 50 -22.22 -19.80 20.94
C LEU E 50 -22.72 -18.82 22.00
N PRO E 51 -23.01 -19.27 23.24
CA PRO E 51 -23.31 -18.27 24.29
C PRO E 51 -22.17 -17.29 24.51
N PHE E 52 -20.94 -17.78 24.51
CA PHE E 52 -19.77 -16.92 24.67
C PHE E 52 -19.71 -15.89 23.54
N LEU E 53 -19.83 -16.34 22.31
CA LEU E 53 -19.73 -15.44 21.17
C LEU E 53 -20.91 -14.49 21.08
N THR E 54 -22.06 -14.88 21.63
CA THR E 54 -23.24 -14.02 21.54
C THR E 54 -23.25 -12.95 22.61
N ASP E 55 -22.62 -13.21 23.77
CA ASP E 55 -22.62 -12.24 24.86
C ASP E 55 -21.30 -11.50 24.99
N THR E 56 -20.22 -12.23 25.30
CA THR E 56 -19.02 -11.65 25.88
C THR E 56 -18.21 -10.79 24.91
N ILE E 57 -18.38 -10.98 23.60
CA ILE E 57 -17.43 -10.45 22.63
C ILE E 57 -17.79 -9.01 22.25
N TYR E 58 -16.85 -8.10 22.48
CA TYR E 58 -16.92 -6.72 22.01
C TYR E 58 -15.52 -6.31 21.55
N ASP E 59 -15.34 -6.20 20.23
CA ASP E 59 -14.03 -5.93 19.69
C ASP E 59 -14.21 -5.07 18.44
N GLU E 60 -13.13 -4.89 17.69
CA GLU E 60 -13.04 -3.92 16.60
C GLU E 60 -13.82 -4.39 15.37
N ASP E 61 -14.06 -3.44 14.47
CA ASP E 61 -14.81 -3.66 13.24
C ASP E 61 -14.35 -4.91 12.51
N GLU E 62 -13.08 -4.95 12.15
CA GLU E 62 -12.52 -6.05 11.36
C GLU E 62 -12.78 -7.40 12.04
N VAL E 63 -12.64 -7.46 13.37
CA VAL E 63 -12.78 -8.71 14.09
C VAL E 63 -14.23 -9.19 14.07
N LEU E 64 -15.17 -8.30 14.37
CA LEU E 64 -16.60 -8.68 14.30
C LEU E 64 -17.00 -9.06 12.87
N LEU E 65 -16.39 -8.42 11.87
CA LEU E 65 -16.64 -8.80 10.49
C LEU E 65 -16.24 -10.25 10.25
N ALA E 66 -15.01 -10.60 10.64
CA ALA E 66 -14.56 -11.97 10.48
C ALA E 66 -15.41 -12.94 11.31
N LEU E 67 -15.91 -12.50 12.46
CA LEU E 67 -16.74 -13.38 13.29
C LEU E 67 -18.09 -13.65 12.62
N ALA E 68 -18.72 -12.63 12.04
CA ALA E 68 -19.96 -12.86 11.31
C ALA E 68 -19.71 -13.79 10.13
N GLU E 69 -18.61 -13.57 9.41
CA GLU E 69 -18.27 -14.44 8.30
C GLU E 69 -18.12 -15.89 8.74
N GLN E 70 -17.48 -16.11 9.89
CA GLN E 70 -17.31 -17.47 10.39
C GLN E 70 -18.65 -18.08 10.77
N LEU E 71 -19.49 -17.32 11.50
CA LEU E 71 -20.82 -17.81 11.81
C LEU E 71 -21.61 -18.18 10.58
N GLY E 72 -21.26 -17.61 9.42
CA GLY E 72 -21.93 -18.00 8.18
C GLY E 72 -21.70 -19.44 7.77
N THR E 73 -20.64 -20.09 8.27
CA THR E 73 -20.30 -21.44 7.84
C THR E 73 -20.40 -22.49 8.93
N PHE E 74 -20.75 -22.10 10.17
CA PHE E 74 -20.73 -23.00 11.32
C PHE E 74 -21.90 -23.96 11.36
N THR E 75 -22.61 -24.15 10.25
CA THR E 75 -23.82 -24.95 10.28
C THR E 75 -23.52 -26.42 10.59
N THR E 76 -22.54 -27.01 9.89
CA THR E 76 -22.18 -28.39 10.19
C THR E 76 -21.50 -28.52 11.55
N LEU E 77 -20.62 -27.58 11.88
CA LEU E 77 -19.87 -27.68 13.13
C LEU E 77 -20.75 -27.48 14.36
N VAL E 78 -22.03 -27.15 14.17
CA VAL E 78 -22.95 -26.90 15.27
C VAL E 78 -23.99 -28.00 15.41
N GLY E 79 -24.01 -28.98 14.50
CA GLY E 79 -24.89 -30.13 14.64
C GLY E 79 -25.66 -30.52 13.39
N GLY E 80 -25.47 -29.78 12.31
CA GLY E 80 -26.25 -29.99 11.12
C GLY E 80 -27.52 -29.16 11.15
N PRO E 81 -28.39 -29.35 10.16
CA PRO E 81 -29.56 -28.47 10.04
C PRO E 81 -30.59 -28.64 11.15
N GLU E 82 -30.51 -29.71 11.94
CA GLU E 82 -31.40 -29.85 13.08
C GLU E 82 -31.12 -28.82 14.17
N TYR E 83 -29.88 -28.30 14.23
CA TYR E 83 -29.48 -27.35 15.25
C TYR E 83 -29.01 -26.01 14.69
N VAL E 84 -29.23 -25.76 13.39
CA VAL E 84 -28.72 -24.54 12.77
C VAL E 84 -29.27 -23.29 13.46
N HIS E 85 -30.47 -23.38 14.04
CA HIS E 85 -31.12 -22.23 14.65
C HIS E 85 -30.37 -21.69 15.86
N CYS E 86 -29.21 -22.23 16.20
CA CYS E 86 -28.42 -21.71 17.31
C CYS E 86 -27.37 -20.70 16.86
N LEU E 87 -27.09 -20.61 15.56
CA LEU E 87 -26.28 -19.53 15.01
C LEU E 87 -27.05 -18.21 14.94
N LEU E 88 -28.32 -18.20 15.35
CA LEU E 88 -29.18 -17.05 15.16
C LEU E 88 -28.95 -15.95 16.19
N PRO E 89 -28.85 -16.24 17.49
CA PRO E 89 -28.63 -15.15 18.47
C PRO E 89 -27.37 -14.33 18.20
N PRO E 90 -26.21 -14.96 17.96
CA PRO E 90 -25.02 -14.11 17.74
C PRO E 90 -25.05 -13.37 16.42
N LEU E 91 -25.56 -14.00 15.35
CA LEU E 91 -25.71 -13.27 14.10
C LEU E 91 -26.73 -12.14 14.20
N GLU E 92 -27.71 -12.28 15.10
CA GLU E 92 -28.65 -11.18 15.35
C GLU E 92 -27.97 -10.04 16.09
N SER E 93 -27.21 -10.37 17.14
CA SER E 93 -26.40 -9.37 17.81
C SER E 93 -25.53 -8.61 16.81
N LEU E 94 -24.85 -9.36 15.93
CA LEU E 94 -23.99 -8.75 14.92
C LEU E 94 -24.78 -7.98 13.86
N ALA E 95 -26.07 -8.29 13.69
CA ALA E 95 -26.89 -7.65 12.67
C ALA E 95 -27.38 -6.26 13.07
N THR E 96 -27.02 -5.76 14.25
CA THR E 96 -27.48 -4.46 14.70
C THR E 96 -26.38 -3.47 15.00
N VAL E 97 -25.10 -3.84 14.83
CA VAL E 97 -23.99 -2.97 15.24
C VAL E 97 -23.95 -1.71 14.38
N GLU E 98 -23.20 -0.71 14.87
CA GLU E 98 -23.15 0.59 14.19
C GLU E 98 -22.35 0.50 12.89
N GLU E 99 -21.28 -0.27 12.89
CA GLU E 99 -20.46 -0.43 11.70
C GLU E 99 -21.24 -1.17 10.62
N THR E 100 -21.18 -0.66 9.40
CA THR E 100 -22.15 -1.07 8.39
C THR E 100 -21.74 -2.38 7.72
N VAL E 101 -20.43 -2.59 7.50
CA VAL E 101 -20.00 -3.79 6.79
C VAL E 101 -20.16 -5.03 7.67
N VAL E 102 -20.14 -4.87 8.99
CA VAL E 102 -20.38 -6.02 9.85
C VAL E 102 -21.87 -6.37 9.86
N ARG E 103 -22.74 -5.35 9.90
CA ARG E 103 -24.17 -5.60 9.79
C ARG E 103 -24.51 -6.38 8.53
N ASP E 104 -24.01 -5.94 7.37
CA ASP E 104 -24.43 -6.69 6.18
C ASP E 104 -23.69 -8.02 6.05
N LYS E 105 -22.50 -8.20 6.66
CA LYS E 105 -21.93 -9.54 6.68
C LYS E 105 -22.78 -10.49 7.53
N ALA E 106 -23.33 -9.98 8.62
CA ALA E 106 -24.24 -10.79 9.42
C ALA E 106 -25.51 -11.11 8.64
N VAL E 107 -26.00 -10.14 7.86
CA VAL E 107 -27.17 -10.38 7.02
C VAL E 107 -26.88 -11.42 5.96
N GLU E 108 -25.69 -11.34 5.34
CA GLU E 108 -25.31 -12.33 4.34
C GLU E 108 -25.22 -13.73 4.94
N SER E 109 -24.62 -13.85 6.13
CA SER E 109 -24.53 -15.15 6.78
C SER E 109 -25.89 -15.67 7.18
N LEU E 110 -26.77 -14.77 7.61
CA LEU E 110 -28.13 -15.16 7.97
C LEU E 110 -28.88 -15.68 6.75
N ARG E 111 -28.74 -14.99 5.61
CA ARG E 111 -29.33 -15.47 4.37
C ARG E 111 -28.73 -16.79 3.93
N ALA E 112 -27.44 -17.01 4.19
CA ALA E 112 -26.80 -18.25 3.81
C ALA E 112 -27.36 -19.43 4.60
N ILE E 113 -27.42 -19.30 5.92
CA ILE E 113 -27.94 -20.40 6.75
C ILE E 113 -29.46 -20.41 6.81
N SER E 114 -30.12 -19.44 6.15
CA SER E 114 -31.57 -19.53 5.97
C SER E 114 -31.93 -20.78 5.17
N HIS E 115 -31.30 -20.97 4.01
CA HIS E 115 -31.57 -22.14 3.17
C HIS E 115 -31.39 -23.46 3.92
N GLU E 116 -30.74 -23.44 5.08
CA GLU E 116 -30.45 -24.66 5.83
C GLU E 116 -31.53 -24.99 6.85
N HIS E 117 -32.46 -24.07 7.10
CA HIS E 117 -33.61 -24.34 7.95
C HIS E 117 -34.70 -25.07 7.19
N SER E 118 -35.11 -26.22 7.69
CA SER E 118 -36.33 -26.83 7.18
C SER E 118 -37.52 -25.97 7.61
N PRO E 119 -38.54 -25.80 6.74
CA PRO E 119 -39.63 -24.84 7.01
C PRO E 119 -40.12 -24.76 8.45
N SER E 120 -40.15 -25.90 9.16
CA SER E 120 -40.58 -25.88 10.55
C SER E 120 -39.69 -24.95 11.38
N ASP E 121 -38.38 -25.03 11.16
CA ASP E 121 -37.47 -24.17 11.90
C ASP E 121 -37.41 -22.75 11.33
N LEU E 122 -37.71 -22.58 10.05
CA LEU E 122 -37.92 -21.23 9.52
C LEU E 122 -39.02 -20.52 10.30
N GLU E 123 -40.23 -21.08 10.27
CA GLU E 123 -41.35 -20.52 11.01
C GLU E 123 -41.06 -20.43 12.51
N ALA E 124 -40.22 -21.33 13.03
CA ALA E 124 -40.03 -21.40 14.48
C ALA E 124 -39.09 -20.30 14.98
N HIS E 125 -37.92 -20.15 14.35
CA HIS E 125 -36.93 -19.18 14.83
C HIS E 125 -36.54 -18.09 13.85
N PHE E 126 -36.54 -18.36 12.54
CA PHE E 126 -35.97 -17.38 11.61
C PHE E 126 -36.95 -16.25 11.28
N VAL E 127 -38.24 -16.55 11.24
CA VAL E 127 -39.24 -15.53 10.96
C VAL E 127 -39.43 -14.67 12.20
N PRO E 128 -39.45 -15.23 13.41
CA PRO E 128 -39.44 -14.36 14.60
C PRO E 128 -38.20 -13.49 14.68
N LEU E 129 -37.07 -13.94 14.13
CA LEU E 129 -35.88 -13.10 14.10
C LEU E 129 -36.09 -11.89 13.19
N VAL E 130 -36.60 -12.13 11.98
CA VAL E 130 -36.88 -11.01 11.08
C VAL E 130 -37.92 -10.09 11.68
N LYS E 131 -38.88 -10.65 12.41
CA LYS E 131 -39.85 -9.84 13.15
C LYS E 131 -39.15 -8.90 14.12
N ARG E 132 -38.33 -9.48 15.00
CA ARG E 132 -37.59 -8.71 15.99
C ARG E 132 -36.74 -7.62 15.35
N LEU E 133 -36.08 -7.93 14.23
CA LEU E 133 -35.21 -6.95 13.59
C LEU E 133 -36.00 -5.85 12.89
N ALA E 134 -37.09 -6.21 12.21
CA ALA E 134 -37.92 -5.24 11.51
C ALA E 134 -38.63 -4.30 12.46
N GLY E 135 -38.78 -4.68 13.73
CA GLY E 135 -39.44 -3.85 14.71
C GLY E 135 -38.46 -3.26 15.69
N GLY E 136 -37.17 -3.30 15.36
CA GLY E 136 -36.17 -2.80 16.27
C GLY E 136 -36.28 -1.31 16.51
N ASP E 137 -35.76 -0.89 17.66
CA ASP E 137 -35.83 0.53 18.03
C ASP E 137 -35.03 1.40 17.07
N TRP E 138 -33.72 1.17 17.00
CA TRP E 138 -32.84 1.97 16.15
C TRP E 138 -32.77 1.37 14.75
N PHE E 139 -32.64 2.25 13.75
CA PHE E 139 -32.97 1.89 12.38
C PHE E 139 -32.04 0.85 11.77
N THR E 140 -30.82 0.72 12.30
CA THR E 140 -29.89 -0.26 11.75
C THR E 140 -30.46 -1.68 11.81
N SER E 141 -31.14 -1.99 12.92
CA SER E 141 -31.83 -3.27 13.03
C SER E 141 -32.81 -3.48 11.89
N ARG E 142 -33.58 -2.46 11.53
CA ARG E 142 -34.61 -2.63 10.51
C ARG E 142 -34.00 -2.74 9.12
N THR E 143 -32.97 -1.94 8.85
CA THR E 143 -32.30 -2.04 7.55
C THR E 143 -31.67 -3.42 7.37
N SER E 144 -31.08 -3.97 8.43
CA SER E 144 -30.61 -5.35 8.35
C SER E 144 -31.78 -6.31 8.09
N ALA E 145 -32.91 -6.09 8.77
CA ALA E 145 -34.09 -6.94 8.59
C ALA E 145 -34.55 -6.99 7.14
N CYS E 146 -34.43 -5.87 6.43
CA CYS E 146 -34.93 -5.83 5.04
C CYS E 146 -34.36 -6.94 4.17
N GLY E 147 -33.09 -7.30 4.37
CA GLY E 147 -32.47 -8.32 3.56
C GLY E 147 -33.07 -9.72 3.70
N LEU E 148 -33.61 -10.03 4.88
CA LEU E 148 -33.99 -11.40 5.20
C LEU E 148 -35.36 -11.84 4.68
N PHE E 149 -36.16 -10.95 4.09
CA PHE E 149 -37.52 -11.33 3.72
C PHE E 149 -37.53 -12.34 2.56
N SER E 150 -36.82 -12.02 1.47
CA SER E 150 -36.88 -12.84 0.27
C SER E 150 -36.32 -14.23 0.50
N VAL E 151 -35.32 -14.35 1.38
CA VAL E 151 -34.60 -15.61 1.52
C VAL E 151 -35.50 -16.65 2.19
N CYS E 152 -36.29 -16.23 3.19
CA CYS E 152 -37.10 -17.15 3.97
C CYS E 152 -38.55 -17.22 3.50
N TYR E 153 -39.00 -16.25 2.69
CA TYR E 153 -40.40 -16.24 2.28
C TYR E 153 -40.89 -17.52 1.60
N PRO E 154 -40.22 -18.07 0.57
CA PRO E 154 -40.88 -19.08 -0.27
C PRO E 154 -41.30 -20.36 0.46
N ARG E 155 -40.56 -20.77 1.49
CA ARG E 155 -40.75 -22.10 2.08
C ARG E 155 -41.52 -22.09 3.40
N VAL E 156 -42.36 -21.09 3.64
CA VAL E 156 -43.14 -21.03 4.87
C VAL E 156 -44.64 -21.12 4.52
N SER E 157 -45.44 -21.37 5.55
CA SER E 157 -46.88 -21.51 5.36
C SER E 157 -47.49 -20.19 4.88
N SER E 158 -48.71 -20.27 4.35
CA SER E 158 -49.34 -19.10 3.77
C SER E 158 -49.61 -18.03 4.81
N ALA E 159 -49.95 -18.44 6.04
CA ALA E 159 -50.16 -17.46 7.12
C ALA E 159 -48.89 -16.66 7.38
N VAL E 160 -47.74 -17.34 7.40
CA VAL E 160 -46.48 -16.64 7.66
C VAL E 160 -46.05 -15.83 6.44
N LYS E 161 -46.43 -16.25 5.24
CA LYS E 161 -46.27 -15.40 4.07
C LYS E 161 -47.04 -14.08 4.23
N ALA E 162 -48.27 -14.16 4.72
CA ALA E 162 -49.05 -12.94 4.94
C ALA E 162 -48.40 -12.06 5.99
N GLU E 163 -47.91 -12.66 7.07
CA GLU E 163 -47.23 -11.90 8.11
C GLU E 163 -46.00 -11.19 7.54
N LEU E 164 -45.20 -11.92 6.76
CA LEU E 164 -44.01 -11.34 6.15
C LEU E 164 -44.35 -10.18 5.24
N ARG E 165 -45.39 -10.34 4.41
CA ARG E 165 -45.79 -9.24 3.54
C ARG E 165 -46.16 -8.01 4.34
N GLN E 166 -46.88 -8.19 5.46
CA GLN E 166 -47.27 -7.02 6.23
C GLN E 166 -46.07 -6.35 6.87
N TYR E 167 -45.15 -7.14 7.43
CA TYR E 167 -43.97 -6.54 8.06
C TYR E 167 -43.13 -5.77 7.03
N PHE E 168 -43.02 -6.31 5.81
CA PHE E 168 -42.29 -5.58 4.78
C PHE E 168 -43.02 -4.30 4.40
N ARG E 169 -44.35 -4.36 4.29
CA ARG E 169 -45.13 -3.16 4.04
C ARG E 169 -44.88 -2.11 5.12
N ASN E 170 -44.72 -2.55 6.36
CA ASN E 170 -44.39 -1.63 7.45
C ASN E 170 -43.01 -1.02 7.23
N LEU E 171 -42.04 -1.82 6.78
CA LEU E 171 -40.70 -1.28 6.58
C LEU E 171 -40.68 -0.25 5.45
N CYS E 172 -41.54 -0.40 4.44
CA CYS E 172 -41.55 0.56 3.34
C CYS E 172 -42.19 1.89 3.73
N SER E 173 -43.05 1.93 4.74
CA SER E 173 -43.61 3.17 5.28
C SER E 173 -42.93 3.58 6.57
N ASP E 174 -41.62 3.34 6.67
CA ASP E 174 -40.87 3.67 7.86
C ASP E 174 -40.71 5.18 8.00
N ASP E 175 -40.43 5.62 9.23
CA ASP E 175 -40.20 7.04 9.47
C ASP E 175 -38.86 7.48 8.91
N THR E 176 -37.85 6.63 9.03
CA THR E 176 -36.50 7.00 8.61
C THR E 176 -36.35 6.84 7.10
N PRO E 177 -35.76 7.82 6.41
CA PRO E 177 -35.50 7.62 4.97
C PRO E 177 -34.52 6.50 4.69
N MET E 178 -33.59 6.24 5.62
CA MET E 178 -32.60 5.18 5.42
C MET E 178 -33.26 3.81 5.35
N VAL E 179 -34.21 3.53 6.25
CA VAL E 179 -34.94 2.27 6.21
C VAL E 179 -35.71 2.14 4.90
N ARG E 180 -36.32 3.24 4.44
CA ARG E 180 -37.05 3.19 3.18
C ARG E 180 -36.11 2.88 2.02
N ARG E 181 -34.91 3.45 2.05
CA ARG E 181 -33.92 3.12 1.01
C ARG E 181 -33.62 1.62 1.02
N ALA E 182 -33.40 1.07 2.21
CA ALA E 182 -33.12 -0.36 2.31
C ALA E 182 -34.26 -1.17 1.72
N ALA E 183 -35.49 -0.85 2.11
CA ALA E 183 -36.65 -1.58 1.61
C ALA E 183 -36.78 -1.45 0.09
N ALA E 184 -36.59 -0.25 -0.44
CA ALA E 184 -36.64 -0.05 -1.89
C ALA E 184 -35.61 -0.93 -2.60
N SER E 185 -34.42 -1.07 -2.00
CA SER E 185 -33.42 -1.97 -2.58
C SER E 185 -33.95 -3.41 -2.60
N LYS E 186 -34.46 -3.88 -1.46
CA LYS E 186 -34.93 -5.25 -1.38
C LYS E 186 -36.31 -5.46 -2.01
N LEU E 187 -36.94 -4.41 -2.53
CA LEU E 187 -38.26 -4.56 -3.16
C LEU E 187 -38.18 -5.44 -4.40
N GLY E 188 -37.20 -5.19 -5.27
CA GLY E 188 -37.06 -6.02 -6.47
C GLY E 188 -36.75 -7.46 -6.12
N GLU E 189 -35.91 -7.68 -5.11
CA GLU E 189 -35.62 -9.01 -4.62
C GLU E 189 -36.88 -9.70 -4.10
N PHE E 190 -37.76 -8.93 -3.47
CA PHE E 190 -38.96 -9.50 -2.86
C PHE E 190 -40.00 -9.87 -3.90
N ALA E 191 -40.18 -9.04 -4.93
CA ALA E 191 -41.17 -9.34 -5.96
C ALA E 191 -40.91 -10.68 -6.61
N LYS E 192 -39.63 -11.03 -6.80
CA LYS E 192 -39.28 -12.27 -7.50
C LYS E 192 -39.69 -13.53 -6.74
N VAL E 193 -39.87 -13.45 -5.42
CA VAL E 193 -40.32 -14.61 -4.65
C VAL E 193 -41.80 -14.57 -4.32
N LEU E 194 -42.53 -13.56 -4.76
CA LEU E 194 -43.95 -13.44 -4.51
C LEU E 194 -44.77 -13.97 -5.68
N GLU E 195 -45.99 -14.39 -5.38
CA GLU E 195 -46.93 -14.83 -6.40
C GLU E 195 -47.53 -13.62 -7.12
N LEU E 196 -47.86 -13.81 -8.40
CA LEU E 196 -48.18 -12.70 -9.29
C LEU E 196 -49.31 -11.82 -8.75
N ASP E 197 -50.35 -12.44 -8.20
CA ASP E 197 -51.46 -11.66 -7.66
C ASP E 197 -51.00 -10.83 -6.45
N ASN E 198 -50.16 -11.40 -5.60
CA ASN E 198 -49.60 -10.63 -4.49
C ASN E 198 -48.55 -9.64 -4.96
N VAL E 199 -47.95 -9.88 -6.13
CA VAL E 199 -47.04 -8.90 -6.73
C VAL E 199 -47.82 -7.67 -7.18
N LYS E 200 -48.99 -7.89 -7.78
CA LYS E 200 -49.81 -6.74 -8.18
C LYS E 200 -50.41 -6.04 -6.97
N SER E 201 -50.94 -6.81 -6.03
CA SER E 201 -51.65 -6.24 -4.88
C SER E 201 -50.71 -5.48 -3.95
N GLU E 202 -49.56 -6.07 -3.63
CA GLU E 202 -48.66 -5.55 -2.60
C GLU E 202 -47.43 -4.82 -3.15
N ILE E 203 -46.82 -5.31 -4.23
CA ILE E 203 -45.58 -4.71 -4.68
C ILE E 203 -45.84 -3.37 -5.35
N ILE E 204 -46.81 -3.33 -6.28
CA ILE E 204 -47.07 -2.12 -7.04
C ILE E 204 -47.49 -0.95 -6.15
N PRO E 205 -48.28 -1.13 -5.07
CA PRO E 205 -48.51 0.02 -4.16
C PRO E 205 -47.25 0.46 -3.42
N MET E 206 -46.48 -0.48 -2.87
CA MET E 206 -45.23 -0.08 -2.22
C MET E 206 -44.27 0.53 -3.23
N PHE E 207 -44.23 -0.02 -4.44
CA PHE E 207 -43.41 0.51 -5.52
C PHE E 207 -43.79 1.96 -5.83
N SER E 208 -45.08 2.20 -6.08
CA SER E 208 -45.54 3.54 -6.42
C SER E 208 -45.39 4.51 -5.25
N ASN E 209 -45.56 4.03 -4.02
CA ASN E 209 -45.39 4.90 -2.85
C ASN E 209 -43.94 5.32 -2.68
N LEU E 210 -43.00 4.39 -2.89
CA LEU E 210 -41.59 4.74 -2.74
C LEU E 210 -41.10 5.59 -3.91
N ALA E 211 -41.56 5.30 -5.13
CA ALA E 211 -41.15 6.08 -6.29
C ALA E 211 -41.67 7.51 -6.26
N SER E 212 -42.54 7.85 -5.32
CA SER E 212 -43.04 9.19 -5.13
C SER E 212 -42.79 9.66 -3.70
N ASP E 213 -41.64 9.30 -3.15
CA ASP E 213 -41.33 9.60 -1.76
C ASP E 213 -40.89 11.06 -1.64
N GLU E 214 -40.60 11.49 -0.42
CA GLU E 214 -40.14 12.85 -0.18
C GLU E 214 -38.66 13.02 -0.56
N GLN E 215 -37.81 12.14 -0.03
CA GLN E 215 -36.41 12.17 -0.39
C GLN E 215 -36.21 11.65 -1.80
N ASP E 216 -35.23 12.24 -2.50
CA ASP E 216 -34.83 11.67 -3.79
C ASP E 216 -33.98 10.42 -3.59
N SER E 217 -33.33 10.31 -2.43
CA SER E 217 -32.54 9.13 -2.09
C SER E 217 -33.37 7.86 -2.24
N VAL E 218 -34.66 7.94 -1.89
CA VAL E 218 -35.52 6.76 -1.98
C VAL E 218 -36.07 6.59 -3.39
N ARG E 219 -36.51 7.68 -4.03
CA ARG E 219 -37.12 7.58 -5.34
C ARG E 219 -36.14 7.02 -6.38
N LEU E 220 -34.88 7.48 -6.34
CA LEU E 220 -33.89 7.02 -7.31
C LEU E 220 -33.77 5.49 -7.29
N LEU E 221 -33.53 4.90 -6.13
CA LEU E 221 -33.33 3.46 -6.06
C LEU E 221 -34.64 2.68 -6.04
N ALA E 222 -35.78 3.36 -5.92
CA ALA E 222 -37.04 2.70 -6.17
C ALA E 222 -37.28 2.56 -7.67
N VAL E 223 -36.73 3.49 -8.46
CA VAL E 223 -36.79 3.37 -9.91
C VAL E 223 -36.02 2.13 -10.41
N GLU E 224 -35.01 1.68 -9.67
CA GLU E 224 -34.27 0.50 -10.08
C GLU E 224 -35.13 -0.76 -10.06
N ALA E 225 -35.83 -1.00 -8.95
CA ALA E 225 -36.63 -2.22 -8.83
C ALA E 225 -37.69 -2.33 -9.92
N CYS E 226 -38.00 -1.22 -10.61
CA CYS E 226 -38.96 -1.25 -11.69
C CYS E 226 -38.62 -2.30 -12.74
N VAL E 227 -37.32 -2.51 -12.99
CA VAL E 227 -36.96 -3.49 -14.01
C VAL E 227 -37.22 -4.91 -13.54
N ASN E 228 -37.11 -5.17 -12.24
CA ASN E 228 -37.45 -6.49 -11.73
C ASN E 228 -38.95 -6.70 -11.74
N ILE E 229 -39.73 -5.66 -11.41
CA ILE E 229 -41.18 -5.77 -11.49
C ILE E 229 -41.63 -6.00 -12.93
N ALA E 230 -41.01 -5.29 -13.89
CA ALA E 230 -41.40 -5.41 -15.28
C ALA E 230 -41.15 -6.80 -15.85
N GLN E 231 -40.20 -7.55 -15.29
CA GLN E 231 -39.94 -8.90 -15.78
C GLN E 231 -40.97 -9.92 -15.31
N LEU E 232 -41.75 -9.58 -14.29
CA LEU E 232 -42.76 -10.49 -13.76
C LEU E 232 -44.18 -10.19 -14.25
N LEU E 233 -44.39 -9.12 -14.99
CA LEU E 233 -45.77 -8.86 -15.37
C LEU E 233 -46.02 -9.10 -16.85
N PRO E 234 -47.19 -9.60 -17.22
CA PRO E 234 -47.55 -9.72 -18.64
C PRO E 234 -47.78 -8.34 -19.24
N GLN E 235 -47.57 -8.24 -20.56
CA GLN E 235 -47.49 -6.92 -21.20
C GLN E 235 -48.69 -6.02 -20.87
N GLU E 236 -49.86 -6.60 -20.57
CA GLU E 236 -51.06 -5.78 -20.40
C GLU E 236 -51.10 -5.10 -19.04
N ASP E 237 -51.14 -5.90 -17.97
CA ASP E 237 -51.07 -5.30 -16.64
C ASP E 237 -49.69 -4.68 -16.39
N LEU E 238 -48.66 -5.13 -17.11
CA LEU E 238 -47.37 -4.46 -17.07
C LEU E 238 -47.51 -3.01 -17.52
N GLU E 239 -48.09 -2.79 -18.70
CA GLU E 239 -48.20 -1.43 -19.20
C GLU E 239 -49.18 -0.60 -18.37
N ALA E 240 -50.19 -1.25 -17.77
CA ALA E 240 -51.20 -0.48 -17.03
C ALA E 240 -50.61 0.10 -15.75
N LEU E 241 -49.94 -0.72 -14.95
CA LEU E 241 -49.50 -0.29 -13.63
C LEU E 241 -48.18 0.47 -13.64
N VAL E 242 -47.15 -0.10 -14.26
CA VAL E 242 -45.79 0.43 -14.07
C VAL E 242 -45.56 1.71 -14.88
N MET E 243 -46.23 1.89 -16.01
CA MET E 243 -45.85 3.00 -16.87
C MET E 243 -46.29 4.35 -16.31
N PRO E 244 -47.44 4.46 -15.65
CA PRO E 244 -47.71 5.71 -14.91
C PRO E 244 -46.61 6.05 -13.92
N THR E 245 -46.22 5.08 -13.09
CA THR E 245 -45.16 5.31 -12.13
C THR E 245 -43.81 5.55 -12.82
N LEU E 246 -43.52 4.80 -13.88
CA LEU E 246 -42.22 4.93 -14.53
C LEU E 246 -42.07 6.26 -15.26
N ARG E 247 -43.10 6.67 -16.00
CA ARG E 247 -42.99 7.91 -16.77
C ARG E 247 -42.81 9.11 -15.86
N GLN E 248 -43.42 9.10 -14.67
CA GLN E 248 -43.20 10.18 -13.72
C GLN E 248 -41.75 10.20 -13.25
N ALA E 249 -41.07 9.05 -13.28
CA ALA E 249 -39.68 8.99 -12.87
C ALA E 249 -38.75 9.65 -13.89
N ALA E 250 -39.07 9.54 -15.18
CA ALA E 250 -38.22 10.15 -16.20
C ALA E 250 -38.21 11.67 -16.14
N GLU E 251 -39.24 12.29 -15.55
CA GLU E 251 -39.31 13.73 -15.40
C GLU E 251 -39.17 14.17 -13.94
N ASP E 252 -38.67 13.30 -13.07
CA ASP E 252 -38.55 13.64 -11.65
C ASP E 252 -37.67 14.87 -11.48
N LYS E 253 -38.10 15.75 -10.56
CA LYS E 253 -37.39 17.01 -10.35
C LYS E 253 -35.93 16.77 -10.00
N SER E 254 -35.66 15.84 -9.09
CA SER E 254 -34.28 15.49 -8.75
C SER E 254 -33.65 14.73 -9.90
N TRP E 255 -32.55 15.28 -10.43
CA TRP E 255 -31.85 14.68 -11.56
C TRP E 255 -31.26 13.31 -11.24
N ARG E 256 -31.08 12.97 -9.96
CA ARG E 256 -30.57 11.64 -9.64
C ARG E 256 -31.51 10.54 -10.13
N VAL E 257 -32.83 10.78 -10.03
CA VAL E 257 -33.79 9.81 -10.53
C VAL E 257 -33.75 9.74 -12.05
N ARG E 258 -33.64 10.89 -12.71
CA ARG E 258 -33.55 10.89 -14.17
C ARG E 258 -32.28 10.20 -14.66
N TYR E 259 -31.17 10.39 -13.93
CA TYR E 259 -29.95 9.64 -14.21
C TYR E 259 -30.17 8.15 -14.04
N MET E 260 -30.91 7.76 -12.99
CA MET E 260 -31.19 6.35 -12.78
C MET E 260 -32.01 5.78 -13.93
N VAL E 261 -32.82 6.60 -14.53
CA VAL E 261 -33.60 6.06 -15.67
C VAL E 261 -32.61 5.90 -16.80
N ALA E 262 -31.79 6.88 -17.02
CA ALA E 262 -30.85 6.81 -18.13
C ALA E 262 -29.97 5.58 -17.99
N ASP E 263 -29.24 5.48 -16.91
CA ASP E 263 -28.30 4.35 -16.64
C ASP E 263 -29.00 3.03 -16.89
N LYS E 264 -30.03 2.72 -16.13
CA LYS E 264 -30.74 1.44 -16.32
C LYS E 264 -31.82 1.65 -17.37
N PHE E 265 -31.52 1.99 -18.60
CA PHE E 265 -32.62 2.23 -19.55
C PHE E 265 -32.88 0.94 -20.30
N THR E 266 -32.06 0.78 -21.28
CA THR E 266 -32.29 -0.34 -22.18
C THR E 266 -32.63 -1.62 -21.43
N GLU E 267 -32.23 -1.71 -20.16
CA GLU E 267 -32.79 -2.73 -19.28
C GLU E 267 -34.32 -2.62 -19.27
N LEU E 268 -34.84 -1.42 -19.05
CA LEU E 268 -36.28 -1.16 -19.17
C LEU E 268 -36.80 -1.52 -20.55
N GLN E 269 -36.06 -1.18 -21.60
CA GLN E 269 -36.51 -1.46 -22.96
C GLN E 269 -36.72 -2.95 -23.18
N LYS E 270 -35.73 -3.77 -22.81
CA LYS E 270 -35.87 -5.22 -22.94
C LYS E 270 -36.94 -5.77 -22.02
N ALA E 271 -37.17 -5.13 -20.86
CA ALA E 271 -38.16 -5.64 -19.92
C ALA E 271 -39.59 -5.38 -20.39
N VAL E 272 -39.85 -4.19 -20.94
CA VAL E 272 -41.22 -3.79 -21.27
C VAL E 272 -41.55 -4.11 -22.73
N GLY E 273 -40.64 -4.82 -23.41
CA GLY E 273 -40.86 -5.24 -24.77
C GLY E 273 -40.61 -4.15 -25.78
N PRO E 274 -40.97 -4.41 -27.04
CA PRO E 274 -40.75 -3.42 -28.12
C PRO E 274 -41.97 -2.58 -28.47
N GLU E 275 -43.12 -2.86 -27.87
CA GLU E 275 -44.34 -2.08 -28.11
C GLU E 275 -44.36 -0.84 -27.22
N ILE E 276 -44.30 -1.05 -25.90
CA ILE E 276 -44.23 0.05 -24.95
C ILE E 276 -43.00 0.90 -25.21
N THR E 277 -41.93 0.29 -25.72
CA THR E 277 -40.75 1.05 -26.13
C THR E 277 -41.12 2.09 -27.17
N LYS E 278 -41.64 1.66 -28.31
CA LYS E 278 -42.02 2.60 -29.36
C LYS E 278 -43.02 3.63 -28.85
N THR E 279 -43.95 3.22 -27.99
CA THR E 279 -44.98 4.15 -27.55
C THR E 279 -44.41 5.21 -26.61
N ASP E 280 -43.95 4.81 -25.43
CA ASP E 280 -43.58 5.78 -24.41
C ASP E 280 -42.08 6.04 -24.26
N LEU E 281 -41.20 5.11 -24.64
CA LEU E 281 -39.79 5.25 -24.30
C LEU E 281 -38.99 6.09 -25.27
N VAL E 282 -39.34 6.09 -26.55
CA VAL E 282 -38.57 6.91 -27.49
C VAL E 282 -38.77 8.40 -27.19
N PRO E 283 -39.99 8.91 -26.89
CA PRO E 283 -40.05 10.32 -26.49
C PRO E 283 -39.35 10.58 -25.17
N ALA E 284 -39.42 9.62 -24.25
CA ALA E 284 -38.71 9.75 -22.98
C ALA E 284 -37.20 9.71 -23.18
N PHE E 285 -36.74 8.86 -24.10
CA PHE E 285 -35.31 8.87 -24.45
C PHE E 285 -34.91 10.21 -25.02
N GLN E 286 -35.78 10.83 -25.81
CA GLN E 286 -35.47 12.14 -26.37
C GLN E 286 -35.40 13.20 -25.27
N ASN E 287 -36.34 13.17 -24.32
CA ASN E 287 -36.33 14.17 -23.25
C ASN E 287 -35.19 13.99 -22.27
N LEU E 288 -34.59 12.80 -22.19
CA LEU E 288 -33.36 12.64 -21.42
C LEU E 288 -32.14 13.13 -22.17
N MET E 289 -32.13 13.00 -23.50
CA MET E 289 -31.03 13.55 -24.29
C MET E 289 -31.09 15.07 -24.39
N LYS E 290 -32.25 15.67 -24.13
CA LYS E 290 -32.40 17.11 -24.07
C LYS E 290 -32.44 17.63 -22.63
N ASP E 291 -31.83 16.89 -21.71
CA ASP E 291 -31.99 17.17 -20.29
C ASP E 291 -31.22 18.43 -19.89
N CYS E 292 -31.72 19.11 -18.85
CA CYS E 292 -31.08 20.31 -18.36
C CYS E 292 -29.81 20.01 -17.58
N GLU E 293 -29.67 18.79 -17.07
CA GLU E 293 -28.47 18.35 -16.37
C GLU E 293 -27.54 17.67 -17.36
N ALA E 294 -26.23 17.87 -17.18
CA ALA E 294 -25.28 17.40 -18.19
C ALA E 294 -25.03 15.90 -18.11
N GLU E 295 -24.80 15.35 -16.91
CA GLU E 295 -24.45 13.94 -16.85
C GLU E 295 -25.64 13.02 -17.10
N VAL E 296 -26.88 13.51 -16.96
CA VAL E 296 -28.01 12.72 -17.41
C VAL E 296 -27.99 12.62 -18.93
N ARG E 297 -27.68 13.73 -19.59
CA ARG E 297 -27.46 13.71 -21.04
C ARG E 297 -26.39 12.68 -21.40
N ALA E 298 -25.29 12.65 -20.63
CA ALA E 298 -24.21 11.72 -20.93
C ALA E 298 -24.64 10.27 -20.72
N ALA E 299 -25.38 10.00 -19.64
CA ALA E 299 -25.82 8.64 -19.39
C ALA E 299 -26.76 8.16 -20.48
N ALA E 300 -27.63 9.04 -20.98
CA ALA E 300 -28.47 8.65 -22.11
C ALA E 300 -27.66 8.41 -23.37
N SER E 301 -26.67 9.29 -23.64
CA SER E 301 -25.84 9.12 -24.83
C SER E 301 -25.11 7.78 -24.83
N HIS E 302 -24.69 7.30 -23.65
CA HIS E 302 -24.06 5.99 -23.57
C HIS E 302 -24.97 4.90 -24.12
N LYS E 303 -26.27 5.07 -24.02
CA LYS E 303 -27.21 4.00 -24.44
C LYS E 303 -27.72 4.22 -25.86
N VAL E 304 -27.00 4.90 -26.69
CA VAL E 304 -27.50 5.16 -28.03
C VAL E 304 -27.50 3.87 -28.86
N LYS E 305 -26.36 3.18 -28.92
CA LYS E 305 -26.30 1.96 -29.70
C LYS E 305 -27.14 0.84 -29.08
N GLU E 306 -27.11 0.72 -27.75
CA GLU E 306 -27.90 -0.30 -27.06
C GLU E 306 -29.40 -0.10 -27.28
N PHE E 307 -29.86 1.16 -27.28
CA PHE E 307 -31.28 1.43 -27.48
C PHE E 307 -31.68 1.21 -28.93
N CYS E 308 -30.79 1.53 -29.87
CA CYS E 308 -31.17 1.51 -31.28
C CYS E 308 -31.35 0.09 -31.80
N GLU E 309 -30.40 -0.80 -31.54
CA GLU E 309 -30.50 -2.14 -32.08
C GLU E 309 -31.63 -2.95 -31.44
N ASN E 310 -32.03 -2.60 -30.22
CA ASN E 310 -33.14 -3.31 -29.58
C ASN E 310 -34.48 -2.69 -29.93
N LEU E 311 -34.71 -2.46 -31.23
CA LEU E 311 -35.99 -1.96 -31.69
C LEU E 311 -36.62 -2.95 -32.66
N SER E 312 -37.93 -2.81 -32.82
CA SER E 312 -38.67 -3.62 -33.77
C SER E 312 -38.35 -3.17 -35.19
N ALA E 313 -37.97 -4.13 -36.03
CA ALA E 313 -37.39 -3.81 -37.35
C ALA E 313 -38.34 -2.97 -38.17
N ASP E 314 -39.65 -3.20 -38.05
CA ASP E 314 -40.65 -2.39 -38.74
C ASP E 314 -40.38 -0.91 -38.56
N CYS E 315 -40.35 -0.44 -37.31
CA CYS E 315 -40.11 0.96 -36.98
C CYS E 315 -38.66 1.29 -36.63
N ARG E 316 -37.80 0.30 -36.45
CA ARG E 316 -36.43 0.56 -36.02
C ARG E 316 -35.75 1.61 -36.90
N GLU E 317 -35.69 1.32 -38.20
CA GLU E 317 -35.04 2.23 -39.15
C GLU E 317 -35.74 3.58 -39.16
N ASN E 318 -37.07 3.56 -39.28
CA ASN E 318 -37.86 4.79 -39.25
C ASN E 318 -37.55 5.62 -38.01
N VAL E 319 -37.54 4.98 -36.83
CA VAL E 319 -37.31 5.71 -35.59
C VAL E 319 -35.89 6.25 -35.52
N ILE E 320 -34.90 5.48 -35.96
CA ILE E 320 -33.52 5.93 -35.93
C ILE E 320 -33.35 7.20 -36.77
N MET E 321 -33.81 7.16 -38.02
CA MET E 321 -33.66 8.35 -38.86
C MET E 321 -34.53 9.50 -38.38
N SER E 322 -35.81 9.23 -38.10
CA SER E 322 -36.78 10.31 -37.88
C SER E 322 -36.65 10.95 -36.52
N GLN E 323 -36.45 10.18 -35.45
CA GLN E 323 -36.63 10.71 -34.10
C GLN E 323 -35.38 10.86 -33.28
N ILE E 324 -34.36 10.01 -33.46
CA ILE E 324 -33.22 10.01 -32.55
C ILE E 324 -31.94 10.53 -33.21
N LEU E 325 -31.76 10.34 -34.53
CA LEU E 325 -30.59 10.92 -35.18
C LEU E 325 -30.57 12.45 -35.11
N PRO E 326 -31.69 13.17 -35.24
CA PRO E 326 -31.63 14.62 -35.01
C PRO E 326 -31.10 15.00 -33.65
N CYS E 327 -31.41 14.22 -32.61
CA CYS E 327 -30.88 14.52 -31.27
C CYS E 327 -29.37 14.31 -31.21
N ILE E 328 -28.87 13.29 -31.92
CA ILE E 328 -27.43 13.09 -32.02
C ILE E 328 -26.79 14.25 -32.76
N LYS E 329 -27.49 14.81 -33.75
CA LYS E 329 -26.92 15.92 -34.52
C LYS E 329 -26.63 17.15 -33.66
N GLU E 330 -27.24 17.27 -32.48
CA GLU E 330 -26.89 18.33 -31.55
C GLU E 330 -26.05 17.83 -30.37
N LEU E 331 -26.15 16.55 -30.01
CA LEU E 331 -25.26 16.03 -28.99
C LEU E 331 -23.81 15.97 -29.46
N VAL E 332 -23.58 15.90 -30.77
CA VAL E 332 -22.20 15.90 -31.28
C VAL E 332 -21.55 17.24 -30.99
N SER E 333 -22.33 18.32 -31.02
CA SER E 333 -21.86 19.66 -30.70
C SER E 333 -22.44 20.14 -29.38
N ASP E 334 -22.44 19.27 -28.38
CA ASP E 334 -22.81 19.66 -27.02
C ASP E 334 -21.69 20.49 -26.41
N ALA E 335 -21.94 21.01 -25.21
CA ALA E 335 -20.98 21.86 -24.52
C ALA E 335 -20.10 21.09 -23.53
N ASN E 336 -20.55 19.94 -23.05
CA ASN E 336 -19.85 19.20 -22.02
C ASN E 336 -18.85 18.24 -22.66
N GLN E 337 -17.58 18.35 -22.24
CA GLN E 337 -16.49 17.59 -22.84
C GLN E 337 -16.58 16.11 -22.43
N HIS E 338 -17.70 15.72 -21.88
CA HIS E 338 -17.95 14.34 -21.48
C HIS E 338 -19.16 13.72 -22.16
N VAL E 339 -20.27 14.46 -22.25
CA VAL E 339 -21.40 14.03 -23.08
C VAL E 339 -20.91 13.73 -24.49
N LYS E 340 -20.10 14.65 -25.05
CA LYS E 340 -19.57 14.46 -26.39
C LYS E 340 -18.81 13.15 -26.48
N SER E 341 -17.92 12.89 -25.51
CA SER E 341 -17.12 11.67 -25.55
C SER E 341 -17.97 10.42 -25.28
N ALA E 342 -19.01 10.55 -24.47
CA ALA E 342 -19.88 9.41 -24.20
C ALA E 342 -20.62 8.99 -25.47
N LEU E 343 -21.15 9.96 -26.21
CA LEU E 343 -21.74 9.64 -27.50
C LEU E 343 -20.69 9.20 -28.51
N ALA E 344 -19.47 9.71 -28.38
CA ALA E 344 -18.39 9.34 -29.29
C ALA E 344 -17.99 7.88 -29.14
N SER E 345 -18.11 7.33 -27.95
CA SER E 345 -17.70 5.94 -27.74
C SER E 345 -18.58 4.97 -28.51
N VAL E 346 -19.89 5.25 -28.59
CA VAL E 346 -20.86 4.27 -29.07
C VAL E 346 -21.49 4.64 -30.41
N ILE E 347 -21.29 5.86 -30.90
CA ILE E 347 -21.97 6.26 -32.13
C ILE E 347 -21.42 5.50 -33.32
N MET E 348 -20.20 4.96 -33.20
CA MET E 348 -19.63 4.18 -34.29
C MET E 348 -20.44 2.92 -34.54
N GLY E 349 -20.94 2.29 -33.48
CA GLY E 349 -21.74 1.09 -33.63
C GLY E 349 -23.10 1.31 -34.28
N LEU E 350 -23.51 2.56 -34.48
CA LEU E 350 -24.71 2.87 -35.24
C LEU E 350 -24.53 2.69 -36.74
N SER E 351 -23.37 2.26 -37.20
CA SER E 351 -23.14 2.19 -38.62
C SER E 351 -23.57 0.85 -39.21
N PRO E 352 -23.30 -0.29 -38.56
CA PRO E 352 -23.89 -1.55 -39.07
C PRO E 352 -25.40 -1.60 -38.94
N ILE E 353 -26.00 -0.79 -38.07
CA ILE E 353 -27.45 -0.81 -37.92
C ILE E 353 -28.12 -0.11 -39.11
N LEU E 354 -27.42 0.82 -39.75
CA LEU E 354 -27.92 1.53 -40.90
C LEU E 354 -27.15 1.09 -42.14
N GLY E 355 -27.82 1.12 -43.28
CA GLY E 355 -27.17 0.69 -44.51
C GLY E 355 -25.93 1.51 -44.82
N LYS E 356 -25.10 0.96 -45.70
CA LYS E 356 -23.94 1.70 -46.20
C LYS E 356 -24.37 3.09 -46.66
N ASP E 357 -25.49 3.16 -47.38
CA ASP E 357 -25.98 4.42 -47.90
C ASP E 357 -26.37 5.35 -46.76
N ASN E 358 -27.03 4.82 -45.72
CA ASN E 358 -27.49 5.68 -44.64
C ASN E 358 -26.35 6.24 -43.80
N THR E 359 -25.31 5.42 -43.54
CA THR E 359 -24.17 5.95 -42.82
C THR E 359 -23.40 6.95 -43.68
N ILE E 360 -23.25 6.66 -44.97
CA ILE E 360 -22.57 7.59 -45.86
C ILE E 360 -23.28 8.93 -45.90
N GLU E 361 -24.62 8.91 -45.96
CA GLU E 361 -25.37 10.13 -46.14
C GLU E 361 -25.55 10.91 -44.85
N HIS E 362 -25.81 10.22 -43.72
CA HIS E 362 -26.27 10.89 -42.52
C HIS E 362 -25.39 10.71 -41.29
N LEU E 363 -24.60 9.63 -41.22
CA LEU E 363 -23.76 9.37 -40.07
C LEU E 363 -22.33 9.83 -40.24
N LEU E 364 -21.83 9.87 -41.48
CA LEU E 364 -20.45 10.22 -41.78
C LEU E 364 -20.15 11.67 -41.47
N PRO E 365 -21.04 12.63 -41.77
CA PRO E 365 -20.79 14.01 -41.31
C PRO E 365 -20.66 14.12 -39.80
N LEU E 366 -21.39 13.30 -39.04
CA LEU E 366 -21.30 13.40 -37.58
C LEU E 366 -19.99 12.83 -37.07
N PHE E 367 -19.54 11.71 -37.66
CA PHE E 367 -18.24 11.17 -37.29
C PHE E 367 -17.12 12.12 -37.68
N LEU E 368 -17.24 12.77 -38.84
CA LEU E 368 -16.26 13.76 -39.25
C LEU E 368 -16.26 14.97 -38.32
N ALA E 369 -17.44 15.37 -37.83
CA ALA E 369 -17.50 16.46 -36.87
C ALA E 369 -16.81 16.09 -35.56
N GLN E 370 -17.12 14.91 -35.02
CA GLN E 370 -16.52 14.48 -33.76
C GLN E 370 -15.07 14.05 -33.90
N LEU E 371 -14.58 13.86 -35.12
CA LEU E 371 -13.15 13.61 -35.30
C LEU E 371 -12.36 14.90 -35.11
N LYS E 372 -12.89 16.01 -35.60
CA LYS E 372 -12.24 17.31 -35.53
C LYS E 372 -12.39 17.98 -34.17
N ASP E 373 -13.11 17.36 -33.23
CA ASP E 373 -13.28 17.96 -31.91
C ASP E 373 -11.95 18.10 -31.20
N GLU E 374 -11.81 19.18 -30.42
CA GLU E 374 -10.52 19.48 -29.80
C GLU E 374 -10.24 18.57 -28.60
N CYS E 375 -11.26 18.10 -27.92
CA CYS E 375 -11.05 17.19 -26.79
C CYS E 375 -10.39 15.91 -27.28
N PRO E 376 -9.32 15.44 -26.63
CA PRO E 376 -8.67 14.20 -27.08
C PRO E 376 -9.50 12.96 -26.82
N GLU E 377 -10.41 12.99 -25.85
CA GLU E 377 -11.21 11.81 -25.54
C GLU E 377 -12.18 11.48 -26.67
N VAL E 378 -12.82 12.50 -27.24
CA VAL E 378 -13.73 12.29 -28.38
C VAL E 378 -12.94 11.75 -29.57
N ARG E 379 -11.82 12.39 -29.89
CA ARG E 379 -10.98 11.95 -31.00
C ARG E 379 -10.60 10.49 -30.83
N LEU E 380 -10.13 10.13 -29.63
CA LEU E 380 -9.70 8.76 -29.38
C LEU E 380 -10.86 7.79 -29.47
N ASN E 381 -12.03 8.15 -28.94
CA ASN E 381 -13.18 7.25 -29.01
C ASN E 381 -13.62 7.02 -30.45
N ILE E 382 -13.49 8.03 -31.32
CA ILE E 382 -13.80 7.79 -32.73
C ILE E 382 -12.74 6.91 -33.38
N ILE E 383 -11.46 7.19 -33.14
CA ILE E 383 -10.40 6.44 -33.83
C ILE E 383 -10.38 4.98 -33.39
N SER E 384 -10.64 4.72 -32.11
CA SER E 384 -10.58 3.36 -31.59
C SER E 384 -11.63 2.46 -32.23
N ASN E 385 -12.81 3.01 -32.49
CA ASN E 385 -13.92 2.26 -33.09
C ASN E 385 -14.08 2.54 -34.57
N LEU E 386 -12.97 2.57 -35.32
CA LEU E 386 -13.07 2.82 -36.77
C LEU E 386 -13.40 1.55 -37.55
N ASP E 387 -13.02 0.38 -37.05
CA ASP E 387 -13.39 -0.86 -37.72
C ASP E 387 -14.91 -1.06 -37.77
N CYS E 388 -15.66 -0.46 -36.83
CA CYS E 388 -17.11 -0.61 -36.83
C CYS E 388 -17.73 -0.14 -38.14
N VAL E 389 -17.24 0.99 -38.67
CA VAL E 389 -17.71 1.51 -39.95
C VAL E 389 -16.80 1.09 -41.10
N ASN E 390 -15.57 0.67 -40.82
CA ASN E 390 -14.67 0.19 -41.87
C ASN E 390 -15.25 -1.03 -42.58
N GLU E 391 -16.05 -1.84 -41.88
CA GLU E 391 -16.68 -2.99 -42.51
C GLU E 391 -18.02 -2.65 -43.18
N VAL E 392 -18.63 -1.51 -42.85
CA VAL E 392 -19.92 -1.17 -43.45
C VAL E 392 -19.74 -0.41 -44.76
N ILE E 393 -18.71 0.44 -44.83
CA ILE E 393 -18.33 1.13 -46.05
C ILE E 393 -16.94 0.61 -46.43
N GLY E 394 -16.48 0.96 -47.62
CA GLY E 394 -15.20 0.48 -48.07
C GLY E 394 -14.05 1.14 -47.33
N ILE E 395 -12.95 0.39 -47.16
CA ILE E 395 -11.75 0.97 -46.58
C ILE E 395 -11.30 2.12 -47.47
N ARG E 396 -11.52 1.98 -48.79
CA ARG E 396 -11.31 3.10 -49.70
C ARG E 396 -12.37 4.17 -49.49
N GLN E 397 -13.64 3.75 -49.42
CA GLN E 397 -14.73 4.68 -49.16
C GLN E 397 -14.56 5.41 -47.84
N LEU E 398 -13.80 4.85 -46.90
CA LEU E 398 -13.55 5.46 -45.60
C LEU E 398 -12.33 6.37 -45.63
N SER E 399 -11.23 5.89 -46.20
CA SER E 399 -10.04 6.71 -46.34
C SER E 399 -10.32 7.95 -47.19
N GLN E 400 -11.13 7.81 -48.25
CA GLN E 400 -11.48 8.94 -49.10
C GLN E 400 -12.35 9.94 -48.38
N SER E 401 -13.04 9.52 -47.31
CA SER E 401 -13.85 10.44 -46.53
C SER E 401 -13.10 11.03 -45.36
N LEU E 402 -12.00 10.42 -44.95
CA LEU E 402 -11.21 10.96 -43.86
C LEU E 402 -10.01 11.79 -44.30
N LEU E 403 -9.50 11.57 -45.52
CA LEU E 403 -8.41 12.41 -46.02
C LEU E 403 -8.71 13.91 -45.96
N PRO E 404 -9.90 14.39 -46.36
CA PRO E 404 -10.14 15.83 -46.25
C PRO E 404 -10.11 16.37 -44.84
N ALA E 405 -10.55 15.59 -43.84
CA ALA E 405 -10.53 16.12 -42.47
C ALA E 405 -9.13 16.03 -41.85
N ILE E 406 -8.42 14.94 -42.12
CA ILE E 406 -7.04 14.83 -41.68
C ILE E 406 -6.20 15.95 -42.28
N VAL E 407 -6.41 16.25 -43.56
CA VAL E 407 -5.64 17.33 -44.18
C VAL E 407 -6.16 18.69 -43.72
N GLU E 408 -7.43 18.76 -43.33
CA GLU E 408 -8.00 20.00 -42.83
C GLU E 408 -7.34 20.43 -41.52
N LEU E 409 -7.43 19.57 -40.50
CA LEU E 409 -6.82 19.89 -39.22
C LEU E 409 -5.35 19.47 -39.14
N ALA E 410 -4.77 19.00 -40.25
CA ALA E 410 -3.33 18.88 -40.33
C ALA E 410 -2.68 20.20 -40.72
N GLU E 411 -3.43 21.06 -41.41
CA GLU E 411 -2.96 22.37 -41.84
C GLU E 411 -3.68 23.50 -41.11
N ASP E 412 -4.25 23.21 -39.94
CA ASP E 412 -4.90 24.24 -39.15
C ASP E 412 -3.87 25.23 -38.63
N ALA E 413 -4.29 26.49 -38.51
CA ALA E 413 -3.36 27.54 -38.09
C ALA E 413 -2.86 27.27 -36.68
N LYS E 414 -3.75 26.80 -35.80
CA LYS E 414 -3.38 26.53 -34.42
C LYS E 414 -2.38 25.39 -34.35
N TRP E 415 -1.19 25.67 -33.81
CA TRP E 415 -0.16 24.63 -33.68
C TRP E 415 -0.59 23.52 -32.72
N ARG E 416 -1.38 23.86 -31.70
CA ARG E 416 -1.87 22.83 -30.78
C ARG E 416 -2.72 21.79 -31.51
N VAL E 417 -3.54 22.23 -32.46
CA VAL E 417 -4.42 21.32 -33.20
C VAL E 417 -3.59 20.38 -34.07
N ARG E 418 -2.63 20.93 -34.81
CA ARG E 418 -1.74 20.11 -35.61
C ARG E 418 -0.96 19.14 -34.75
N LEU E 419 -0.53 19.57 -33.57
CA LEU E 419 0.16 18.67 -32.66
C LEU E 419 -0.74 17.52 -32.24
N ALA E 420 -2.03 17.80 -31.99
CA ALA E 420 -2.96 16.73 -31.62
C ALA E 420 -3.11 15.72 -32.75
N ILE E 421 -3.16 16.20 -34.00
CA ILE E 421 -3.38 15.22 -35.07
C ILE E 421 -2.10 14.45 -35.38
N ILE E 422 -0.93 15.08 -35.29
CA ILE E 422 0.30 14.31 -35.43
C ILE E 422 0.37 13.27 -34.32
N GLU E 423 -0.14 13.61 -33.13
CA GLU E 423 -0.16 12.68 -32.01
C GLU E 423 -0.97 11.44 -32.37
N TYR E 424 -2.16 11.64 -32.93
CA TYR E 424 -3.01 10.48 -33.23
C TYR E 424 -2.79 9.88 -34.63
N MET E 425 -1.84 10.38 -35.42
CA MET E 425 -1.59 9.81 -36.75
C MET E 425 -1.32 8.31 -36.78
N PRO E 426 -0.44 7.74 -35.94
CA PRO E 426 -0.18 6.30 -36.05
C PRO E 426 -1.36 5.44 -35.62
N LEU E 427 -2.23 5.95 -34.75
CA LEU E 427 -3.36 5.15 -34.31
C LEU E 427 -4.46 5.04 -35.36
N LEU E 428 -4.59 6.03 -36.24
CA LEU E 428 -5.47 5.86 -37.39
C LEU E 428 -4.76 5.26 -38.59
N ALA E 429 -3.43 5.23 -38.61
CA ALA E 429 -2.80 4.38 -39.60
C ALA E 429 -2.84 2.92 -39.20
N GLY E 430 -3.14 2.65 -37.93
CA GLY E 430 -3.42 1.30 -37.50
C GLY E 430 -4.76 0.80 -38.03
N GLN E 431 -5.70 1.71 -38.29
CA GLN E 431 -7.03 1.34 -38.74
C GLN E 431 -7.26 1.55 -40.23
N LEU E 432 -6.48 2.42 -40.89
CA LEU E 432 -6.54 2.49 -42.34
C LEU E 432 -5.76 1.37 -43.00
N GLY E 433 -4.68 0.92 -42.39
CA GLY E 433 -3.85 -0.11 -42.97
C GLY E 433 -2.71 0.47 -43.77
N VAL E 434 -1.74 -0.39 -44.10
CA VAL E 434 -0.58 0.05 -44.87
C VAL E 434 -1.02 0.60 -46.21
N GLU E 435 -1.87 -0.14 -46.93
CA GLU E 435 -2.10 0.12 -48.34
C GLU E 435 -2.86 1.41 -48.59
N PHE E 436 -3.73 1.82 -47.66
CA PHE E 436 -4.59 2.98 -47.87
C PHE E 436 -4.11 4.19 -47.08
N PHE E 437 -2.83 4.46 -47.15
CA PHE E 437 -2.12 5.47 -46.37
C PHE E 437 -1.22 6.37 -47.19
N ASP E 438 -0.49 5.80 -48.14
CA ASP E 438 0.77 6.39 -48.61
C ASP E 438 0.63 7.74 -49.28
N GLU E 439 -0.51 8.04 -49.92
CA GLU E 439 -0.55 9.20 -50.83
C GLU E 439 -0.38 10.54 -50.08
N LYS E 440 -1.47 11.27 -49.88
CA LYS E 440 -1.32 12.56 -49.25
C LYS E 440 -1.02 12.46 -47.76
N LEU E 441 -1.04 11.27 -47.17
CA LEU E 441 -0.61 11.20 -45.76
C LEU E 441 0.91 11.18 -45.64
N ASN E 442 1.61 10.58 -46.61
CA ASN E 442 3.05 10.81 -46.68
C ASN E 442 3.31 12.27 -46.99
N SER E 443 2.57 12.84 -47.95
CA SER E 443 2.77 14.26 -48.24
C SER E 443 2.47 15.13 -47.02
N LEU E 444 1.48 14.73 -46.21
CA LEU E 444 1.11 15.49 -45.01
C LEU E 444 2.18 15.41 -43.92
N CYS E 445 2.68 14.20 -43.63
CA CYS E 445 3.69 14.08 -42.59
C CYS E 445 4.97 14.80 -42.99
N MET E 446 5.33 14.77 -44.29
CA MET E 446 6.52 15.49 -44.71
C MET E 446 6.35 16.99 -44.57
N ALA E 447 5.15 17.51 -44.86
CA ALA E 447 4.89 18.95 -44.73
C ALA E 447 5.05 19.43 -43.29
N TRP E 448 4.80 18.57 -42.30
CA TRP E 448 5.05 18.92 -40.91
C TRP E 448 6.54 19.13 -40.62
N LEU E 449 7.41 18.36 -41.25
CA LEU E 449 8.84 18.45 -40.98
C LEU E 449 9.42 19.82 -41.34
N VAL E 450 8.79 20.55 -42.26
CA VAL E 450 9.24 21.88 -42.65
C VAL E 450 8.52 22.96 -41.84
N ASP E 451 7.76 22.56 -40.83
CA ASP E 451 6.93 23.50 -40.09
C ASP E 451 7.79 24.50 -39.30
N HIS E 452 7.17 25.63 -38.96
CA HIS E 452 7.86 26.69 -38.23
C HIS E 452 8.01 26.37 -36.75
N VAL E 453 6.91 25.97 -36.10
CA VAL E 453 6.96 25.68 -34.66
C VAL E 453 7.77 24.41 -34.43
N TYR E 454 8.74 24.50 -33.50
CA TYR E 454 9.67 23.40 -33.30
C TYR E 454 9.02 22.17 -32.69
N ALA E 455 8.02 22.37 -31.82
CA ALA E 455 7.35 21.21 -31.22
C ALA E 455 6.77 20.30 -32.29
N ILE E 456 6.24 20.89 -33.37
CA ILE E 456 5.67 20.09 -34.44
C ILE E 456 6.75 19.34 -35.21
N ARG E 457 7.88 19.98 -35.52
CA ARG E 457 8.93 19.27 -36.23
C ARG E 457 9.47 18.11 -35.41
N GLU E 458 9.70 18.33 -34.12
CA GLU E 458 10.22 17.26 -33.28
C GLU E 458 9.20 16.14 -33.13
N ALA E 459 7.94 16.51 -32.94
CA ALA E 459 6.89 15.51 -32.79
C ALA E 459 6.64 14.75 -34.09
N ALA E 460 6.91 15.36 -35.25
CA ALA E 460 6.70 14.65 -36.51
C ALA E 460 7.89 13.77 -36.86
N THR E 461 9.10 14.17 -36.46
CA THR E 461 10.24 13.26 -36.55
C THR E 461 10.03 12.05 -35.66
N SER E 462 9.63 12.28 -34.41
CA SER E 462 9.27 11.16 -33.53
C SER E 462 8.01 10.43 -33.99
N ASN E 463 7.24 11.02 -34.90
CA ASN E 463 6.10 10.33 -35.51
C ASN E 463 6.55 9.37 -36.60
N LEU E 464 7.60 9.72 -37.34
CA LEU E 464 8.13 8.80 -38.35
C LEU E 464 8.57 7.49 -37.70
N LYS E 465 9.14 7.54 -36.50
CA LYS E 465 9.54 6.32 -35.82
C LYS E 465 8.33 5.46 -35.47
N LYS E 466 7.29 6.08 -34.92
CA LYS E 466 6.09 5.33 -34.59
C LYS E 466 5.39 4.83 -35.83
N LEU E 467 5.63 5.48 -36.97
CA LEU E 467 5.04 5.07 -38.23
C LEU E 467 5.81 3.94 -38.88
N VAL E 468 7.09 3.76 -38.53
CA VAL E 468 7.80 2.55 -38.95
C VAL E 468 7.68 1.43 -37.91
N GLU E 469 7.34 1.76 -36.67
CA GLU E 469 7.10 0.72 -35.66
C GLU E 469 5.82 -0.05 -35.90
N LYS E 470 5.00 0.38 -36.88
CA LYS E 470 3.73 -0.28 -37.15
C LYS E 470 3.64 -0.92 -38.53
N PHE E 471 4.44 -0.49 -39.50
CA PHE E 471 4.41 -1.07 -40.85
C PHE E 471 5.61 -1.95 -41.17
N GLY E 472 6.81 -1.52 -40.83
CA GLY E 472 7.98 -2.35 -41.00
C GLY E 472 9.13 -1.63 -41.67
N LYS E 473 10.35 -2.11 -41.43
CA LYS E 473 11.54 -1.52 -42.04
C LYS E 473 11.47 -1.57 -43.56
N GLU E 474 10.77 -2.54 -44.08
CA GLU E 474 10.64 -2.65 -45.55
C GLU E 474 9.76 -1.50 -46.02
N TRP E 475 8.67 -1.23 -45.32
CA TRP E 475 7.75 -0.16 -45.76
C TRP E 475 8.49 1.16 -45.85
N ALA E 476 9.27 1.48 -44.85
CA ALA E 476 10.04 2.74 -44.79
C ALA E 476 10.80 2.89 -46.09
N HIS E 477 11.61 1.91 -46.40
CA HIS E 477 12.40 1.95 -47.65
C HIS E 477 11.49 2.11 -48.86
N ALA E 478 11.87 2.99 -49.77
CA ALA E 478 11.16 3.29 -51.03
C ALA E 478 9.81 3.97 -50.80
N THR E 479 9.60 4.62 -49.68
CA THR E 479 8.34 5.39 -49.49
C THR E 479 8.65 6.62 -48.66
N ILE E 480 9.51 6.44 -47.70
CA ILE E 480 9.89 7.52 -46.76
C ILE E 480 11.37 7.84 -46.94
N ILE E 481 12.15 7.07 -46.23
CA ILE E 481 13.55 7.48 -46.21
C ILE E 481 13.96 8.18 -47.51
N PRO E 482 13.43 7.83 -48.69
CA PRO E 482 13.81 8.62 -49.88
C PRO E 482 13.32 10.06 -49.82
N LYS E 483 12.13 10.31 -49.27
CA LYS E 483 11.68 11.68 -49.12
C LYS E 483 12.60 12.46 -48.18
N VAL E 484 13.06 11.81 -47.11
CA VAL E 484 14.00 12.43 -46.18
C VAL E 484 15.30 12.78 -46.91
N LEU E 485 15.88 11.81 -47.64
CA LEU E 485 17.12 12.09 -48.35
C LEU E 485 16.94 13.19 -49.40
N ALA E 486 15.74 13.29 -49.98
CA ALA E 486 15.46 14.40 -50.89
C ALA E 486 15.47 15.72 -50.12
N MET E 487 14.96 15.72 -48.89
CA MET E 487 15.04 16.90 -48.05
C MET E 487 16.46 17.22 -47.62
N SER E 488 17.38 16.25 -47.67
CA SER E 488 18.75 16.49 -47.19
C SER E 488 19.44 17.61 -47.97
N GLY E 489 19.09 17.81 -49.23
CA GLY E 489 19.79 18.78 -50.05
C GLY E 489 19.08 20.12 -50.20
N ASP E 490 18.25 20.48 -49.22
CA ASP E 490 17.49 21.71 -49.31
C ASP E 490 18.41 22.92 -49.19
N PRO E 491 18.02 24.08 -49.73
CA PRO E 491 18.95 25.22 -49.76
C PRO E 491 19.29 25.75 -48.37
N ASN E 492 18.29 25.98 -47.53
CA ASN E 492 18.53 26.53 -46.20
C ASN E 492 18.89 25.42 -45.21
N TYR E 493 19.67 25.79 -44.20
CA TYR E 493 20.28 24.79 -43.34
C TYR E 493 19.32 24.16 -42.35
N LEU E 494 18.22 24.84 -41.99
CA LEU E 494 17.33 24.29 -40.97
C LEU E 494 16.63 23.03 -41.43
N HIS E 495 16.33 22.91 -42.73
CA HIS E 495 15.70 21.68 -43.21
C HIS E 495 16.70 20.53 -43.31
N ARG E 496 17.97 20.82 -43.60
CA ARG E 496 18.99 19.78 -43.57
C ARG E 496 19.19 19.25 -42.15
N MET E 497 19.19 20.15 -41.16
CA MET E 497 19.24 19.72 -39.77
C MET E 497 18.07 18.81 -39.43
N THR E 498 16.86 19.14 -39.90
CA THR E 498 15.70 18.30 -39.66
C THR E 498 15.83 16.95 -40.36
N THR E 499 16.46 16.93 -41.54
CA THR E 499 16.79 15.66 -42.18
C THR E 499 17.66 14.80 -41.28
N LEU E 500 18.69 15.40 -40.69
CA LEU E 500 19.58 14.64 -39.82
C LEU E 500 18.85 14.17 -38.55
N PHE E 501 17.95 15.00 -38.03
CA PHE E 501 17.12 14.59 -36.89
C PHE E 501 16.27 13.37 -37.24
N CYS E 502 15.66 13.39 -38.42
CA CYS E 502 14.86 12.26 -38.87
C CYS E 502 15.71 11.02 -39.06
N ILE E 503 16.95 11.19 -39.53
CA ILE E 503 17.84 10.04 -39.66
C ILE E 503 18.14 9.44 -38.28
N ASN E 504 18.35 10.31 -37.29
CA ASN E 504 18.57 9.83 -35.92
C ASN E 504 17.39 8.99 -35.44
N VAL E 505 16.18 9.57 -35.52
CA VAL E 505 15.03 8.86 -34.96
C VAL E 505 14.62 7.66 -35.81
N LEU E 506 14.93 7.66 -37.11
CA LEU E 506 14.56 6.54 -37.97
C LEU E 506 15.54 5.38 -37.88
N SER E 507 16.83 5.67 -37.70
CA SER E 507 17.83 4.61 -37.66
C SER E 507 17.63 3.67 -36.48
N GLU E 508 17.01 4.15 -35.41
CA GLU E 508 16.98 3.37 -34.16
C GLU E 508 15.99 2.22 -34.19
N VAL E 509 15.11 2.15 -35.18
CA VAL E 509 14.14 1.06 -35.24
C VAL E 509 14.28 0.18 -36.47
N CYS E 510 14.95 0.64 -37.53
CA CYS E 510 15.00 -0.17 -38.74
C CYS E 510 16.37 -0.83 -38.93
N GLY E 511 16.72 -1.73 -38.03
CA GLY E 511 17.88 -2.59 -38.20
C GLY E 511 19.24 -1.95 -38.33
N GLN E 512 20.27 -2.80 -38.28
CA GLN E 512 21.66 -2.39 -38.35
C GLN E 512 22.11 -2.10 -39.77
N ASP E 513 21.45 -2.70 -40.76
CA ASP E 513 21.99 -2.80 -42.12
C ASP E 513 21.45 -1.76 -43.09
N ILE E 514 20.12 -1.58 -43.14
CA ILE E 514 19.56 -0.71 -44.16
C ILE E 514 19.99 0.74 -43.95
N THR E 515 20.15 1.16 -42.70
CA THR E 515 20.69 2.49 -42.43
C THR E 515 22.09 2.61 -43.00
N THR E 516 22.93 1.59 -42.79
CA THR E 516 24.27 1.58 -43.36
C THR E 516 24.21 1.69 -44.89
N LYS E 517 23.24 1.01 -45.50
CA LYS E 517 23.19 0.92 -46.95
C LYS E 517 22.73 2.23 -47.59
N HIS E 518 21.74 2.89 -46.99
CA HIS E 518 21.12 4.04 -47.66
C HIS E 518 21.07 5.33 -46.84
N MET E 519 21.14 5.28 -45.51
CA MET E 519 21.09 6.50 -44.72
C MET E 519 22.47 7.04 -44.37
N LEU E 520 23.42 6.15 -44.09
CA LEU E 520 24.79 6.57 -43.80
C LEU E 520 25.46 7.38 -44.91
N PRO E 521 25.31 7.05 -46.20
CA PRO E 521 26.03 7.83 -47.23
C PRO E 521 25.73 9.32 -47.21
N THR E 522 24.51 9.73 -46.86
CA THR E 522 24.20 11.16 -46.81
C THR E 522 24.55 11.80 -45.48
N VAL E 523 24.63 11.02 -44.39
CA VAL E 523 25.12 11.58 -43.14
C VAL E 523 26.60 11.94 -43.27
N LEU E 524 27.37 11.12 -44.00
CA LEU E 524 28.78 11.38 -44.18
C LEU E 524 29.03 12.40 -45.29
N ARG E 525 28.04 12.64 -46.15
CA ARG E 525 28.15 13.69 -47.16
C ARG E 525 28.01 15.08 -46.57
N MET E 526 27.22 15.22 -45.50
CA MET E 526 26.95 16.51 -44.88
C MET E 526 28.02 16.94 -43.89
N ALA E 527 29.05 16.12 -43.66
CA ALA E 527 30.15 16.57 -42.82
C ALA E 527 30.88 17.75 -43.44
N GLY E 528 30.94 17.81 -44.78
CA GLY E 528 31.51 18.94 -45.46
C GLY E 528 30.46 19.89 -45.99
N ASP E 529 29.30 19.96 -45.32
CA ASP E 529 28.29 20.97 -45.61
C ASP E 529 28.87 22.35 -45.30
N PRO E 530 28.52 23.39 -46.08
CA PRO E 530 29.06 24.72 -45.77
C PRO E 530 28.62 25.26 -44.42
N VAL E 531 27.36 25.07 -44.04
CA VAL E 531 26.87 25.61 -42.78
C VAL E 531 27.47 24.84 -41.61
N ALA E 532 27.74 25.54 -40.51
CA ALA E 532 28.35 24.91 -39.34
C ALA E 532 27.34 24.14 -38.50
N ASN E 533 26.07 24.57 -38.48
CA ASN E 533 25.10 23.89 -37.63
C ASN E 533 24.84 22.49 -38.13
N VAL E 534 24.78 22.31 -39.45
CA VAL E 534 24.59 20.98 -40.02
C VAL E 534 25.79 20.10 -39.71
N ARG E 535 27.00 20.66 -39.70
CA ARG E 535 28.18 19.84 -39.39
C ARG E 535 28.19 19.36 -37.94
N PHE E 536 27.97 20.27 -36.97
CA PHE E 536 27.92 19.81 -35.59
C PHE E 536 26.77 18.82 -35.36
N ASN E 537 25.60 19.07 -35.96
CA ASN E 537 24.54 18.07 -35.84
C ASN E 537 24.88 16.78 -36.60
N VAL E 538 25.72 16.84 -37.62
CA VAL E 538 26.25 15.60 -38.21
C VAL E 538 27.03 14.83 -37.18
N ALA E 539 27.87 15.54 -36.41
CA ALA E 539 28.65 14.88 -35.37
C ALA E 539 27.74 14.19 -34.35
N LYS E 540 26.73 14.91 -33.84
CA LYS E 540 25.88 14.30 -32.82
C LYS E 540 24.98 13.22 -33.40
N SER E 541 24.43 13.46 -34.59
CA SER E 541 23.61 12.46 -35.28
C SER E 541 24.38 11.16 -35.48
N LEU E 542 25.64 11.27 -35.90
CA LEU E 542 26.48 10.11 -36.10
C LEU E 542 26.79 9.40 -34.79
N GLN E 543 26.67 10.09 -33.66
CA GLN E 543 26.86 9.45 -32.37
C GLN E 543 25.73 8.48 -32.04
N LYS E 544 24.57 8.61 -32.69
CA LYS E 544 23.46 7.68 -32.46
C LYS E 544 23.35 6.61 -33.54
N ILE E 545 23.57 6.96 -34.80
CA ILE E 545 23.52 5.95 -35.86
C ILE E 545 24.74 5.04 -35.78
N GLY E 546 25.90 5.57 -35.36
CA GLY E 546 27.12 4.81 -35.29
C GLY E 546 27.09 3.56 -34.43
N PRO E 547 26.48 3.61 -33.24
CA PRO E 547 26.43 2.39 -32.41
C PRO E 547 25.84 1.17 -33.09
N ILE E 548 24.71 1.29 -33.73
CA ILE E 548 24.31 0.11 -34.54
C ILE E 548 25.42 0.08 -35.58
N LEU E 549 26.05 -1.05 -35.84
CA LEU E 549 27.24 -0.91 -36.70
C LEU E 549 27.62 -2.16 -37.47
N ASP E 550 28.69 -1.94 -38.20
CA ASP E 550 29.46 -3.00 -38.88
C ASP E 550 30.90 -2.77 -38.40
N ASN E 551 31.02 -2.34 -37.13
CA ASN E 551 32.23 -1.98 -36.34
C ASN E 551 33.44 -1.76 -37.23
N SER E 552 34.05 -2.83 -37.69
CA SER E 552 35.20 -2.82 -38.62
C SER E 552 34.97 -1.80 -39.73
N THR E 553 33.89 -1.89 -40.46
CA THR E 553 33.72 -0.94 -41.57
C THR E 553 32.91 0.28 -41.14
N LEU E 554 31.68 0.07 -40.71
CA LEU E 554 30.91 1.26 -40.40
C LEU E 554 31.76 2.32 -39.70
N GLN E 555 32.59 1.88 -38.76
CA GLN E 555 33.49 2.78 -38.05
C GLN E 555 34.86 2.90 -38.72
N SER E 556 35.10 2.14 -39.80
CA SER E 556 36.16 2.50 -40.74
C SER E 556 35.71 3.62 -41.67
N GLU E 557 34.42 3.66 -42.00
CA GLU E 557 33.87 4.81 -42.69
C GLU E 557 33.72 5.99 -41.75
N VAL E 558 33.31 5.73 -40.52
CA VAL E 558 32.86 6.81 -39.64
C VAL E 558 34.06 7.55 -39.03
N LYS E 559 35.07 6.78 -38.59
CA LYS E 559 36.18 7.39 -37.84
C LYS E 559 36.89 8.49 -38.60
N PRO E 560 37.31 8.32 -39.86
CA PRO E 560 38.05 9.41 -40.52
C PRO E 560 37.24 10.68 -40.72
N ILE E 561 35.99 10.57 -41.20
CA ILE E 561 35.21 11.78 -41.43
C ILE E 561 34.74 12.39 -40.12
N LEU E 562 34.59 11.58 -39.07
CA LEU E 562 34.39 12.14 -37.74
C LEU E 562 35.68 12.73 -37.20
N GLU E 563 36.83 12.24 -37.68
CA GLU E 563 38.11 12.80 -37.27
C GLU E 563 38.43 14.09 -38.02
N LYS E 564 37.90 14.26 -39.24
CA LYS E 564 38.09 15.54 -39.90
C LYS E 564 37.25 16.64 -39.25
N LEU E 565 36.08 16.29 -38.72
CA LEU E 565 35.27 17.28 -38.04
C LEU E 565 35.95 17.82 -36.79
N THR E 566 36.84 17.03 -36.18
CA THR E 566 37.56 17.52 -35.01
C THR E 566 38.66 18.51 -35.41
N GLN E 567 39.16 18.41 -36.64
CA GLN E 567 40.15 19.35 -37.15
C GLN E 567 39.52 20.54 -37.87
N ASP E 568 38.19 20.63 -37.84
CA ASP E 568 37.50 21.75 -38.48
C ASP E 568 37.78 23.05 -37.72
N GLN E 569 37.61 24.16 -38.43
CA GLN E 569 37.91 25.49 -37.91
C GLN E 569 36.80 26.05 -37.02
N ASP E 570 35.72 25.31 -36.82
CA ASP E 570 34.59 25.81 -36.05
C ASP E 570 34.59 25.21 -34.64
N VAL E 571 34.00 25.96 -33.70
CA VAL E 571 34.04 25.59 -32.29
C VAL E 571 33.11 24.42 -32.00
N ASP E 572 31.80 24.62 -32.22
CA ASP E 572 30.82 23.61 -31.85
C ASP E 572 31.04 22.31 -32.61
N VAL E 573 31.42 22.40 -33.88
CA VAL E 573 31.71 21.21 -34.67
C VAL E 573 32.79 20.38 -33.99
N LYS E 574 33.89 21.04 -33.62
CA LYS E 574 35.00 20.35 -32.98
C LYS E 574 34.58 19.74 -31.63
N TYR E 575 33.85 20.50 -30.82
CA TYR E 575 33.43 20.00 -29.51
C TYR E 575 32.58 18.75 -29.66
N PHE E 576 31.53 18.81 -30.50
CA PHE E 576 30.63 17.67 -30.60
C PHE E 576 31.29 16.48 -31.28
N ALA E 577 32.20 16.71 -32.24
CA ALA E 577 32.96 15.62 -32.81
C ALA E 577 33.80 14.93 -31.75
N GLN E 578 34.48 15.70 -30.90
CA GLN E 578 35.32 15.10 -29.87
C GLN E 578 34.50 14.33 -28.85
N GLU E 579 33.38 14.90 -28.39
CA GLU E 579 32.57 14.21 -27.39
C GLU E 579 31.86 13.00 -27.97
N ALA E 580 31.53 13.02 -29.25
CA ALA E 580 30.93 11.84 -29.88
C ALA E 580 31.96 10.75 -30.11
N LEU E 581 33.20 11.12 -30.46
CA LEU E 581 34.26 10.14 -30.57
C LEU E 581 34.63 9.56 -29.21
N THR E 582 34.45 10.33 -28.14
CA THR E 582 34.73 9.82 -26.80
C THR E 582 33.81 8.67 -26.45
N VAL E 583 32.50 8.87 -26.58
CA VAL E 583 31.54 7.85 -26.17
C VAL E 583 31.60 6.64 -27.11
N LEU E 584 31.91 6.85 -28.39
CA LEU E 584 31.95 5.73 -29.33
C LEU E 584 33.25 4.94 -29.20
N SER E 585 34.39 5.61 -29.32
CA SER E 585 35.68 4.93 -29.22
C SER E 585 36.80 5.90 -28.86
N PHE F 5 -7.44 -34.32 1.74
CA PHE F 5 -7.27 -35.74 2.12
C PHE F 5 -5.95 -36.27 1.59
N ASP F 6 -5.57 -35.79 0.45
CA ASP F 6 -4.36 -36.13 -0.27
C ASP F 6 -3.12 -35.81 0.57
N SER F 7 -2.76 -34.53 0.63
CA SER F 7 -1.55 -34.09 1.31
C SER F 7 -1.71 -34.04 2.83
N LEU F 8 -2.83 -34.48 3.38
CA LEU F 8 -3.07 -34.44 4.81
C LEU F 8 -2.83 -35.78 5.50
N TYR F 9 -2.45 -36.81 4.76
CA TYR F 9 -2.09 -38.07 5.41
C TYR F 9 -0.81 -37.85 6.20
N PRO F 10 -0.80 -38.18 7.50
CA PRO F 10 0.36 -37.82 8.34
C PRO F 10 1.72 -38.24 7.78
N ILE F 11 1.79 -39.36 7.06
CA ILE F 11 3.06 -39.76 6.47
C ILE F 11 3.44 -38.85 5.29
N ALA F 12 2.45 -38.45 4.49
CA ALA F 12 2.73 -37.49 3.41
C ALA F 12 3.20 -36.16 4.00
N VAL F 13 2.53 -35.69 5.05
CA VAL F 13 2.97 -34.49 5.77
C VAL F 13 4.43 -34.65 6.21
N LEU F 14 4.74 -35.78 6.85
CA LEU F 14 6.09 -36.00 7.36
C LEU F 14 7.13 -36.01 6.25
N ILE F 15 6.85 -36.75 5.17
CA ILE F 15 7.82 -36.88 4.09
C ILE F 15 8.05 -35.54 3.42
N ASP F 16 6.99 -34.75 3.22
CA ASP F 16 7.16 -33.43 2.66
C ASP F 16 7.96 -32.53 3.60
N GLU F 17 7.75 -32.68 4.92
CA GLU F 17 8.48 -31.88 5.88
C GLU F 17 9.96 -32.25 5.91
N LEU F 18 10.29 -33.52 5.69
CA LEU F 18 11.69 -33.93 5.63
C LEU F 18 12.30 -33.70 4.25
N ARG F 19 11.51 -33.28 3.28
CA ARG F 19 11.99 -32.82 1.98
C ARG F 19 12.43 -31.35 2.02
N ASN F 20 12.50 -30.76 3.20
CA ASN F 20 12.74 -29.32 3.34
C ASN F 20 14.24 -29.01 3.41
N GLU F 21 14.62 -27.87 2.83
CA GLU F 21 16.03 -27.53 2.72
C GLU F 21 16.62 -27.09 4.06
N ASP F 22 15.79 -26.55 4.96
CA ASP F 22 16.26 -25.92 6.19
C ASP F 22 16.42 -26.98 7.28
N VAL F 23 17.66 -27.17 7.73
CA VAL F 23 17.95 -28.21 8.72
C VAL F 23 17.15 -27.97 10.00
N GLN F 24 17.02 -26.70 10.41
CA GLN F 24 16.24 -26.40 11.62
C GLN F 24 14.77 -26.72 11.43
N LEU F 25 14.27 -26.68 10.19
CA LEU F 25 12.86 -27.00 9.97
C LEU F 25 12.61 -28.50 10.08
N ARG F 26 13.47 -29.32 9.47
CA ARG F 26 13.37 -30.76 9.66
C ARG F 26 13.57 -31.12 11.13
N LEU F 27 14.47 -30.41 11.82
CA LEU F 27 14.63 -30.60 13.26
C LEU F 27 13.32 -30.35 14.00
N ASN F 28 12.65 -29.24 13.70
CA ASN F 28 11.38 -28.95 14.35
C ASN F 28 10.26 -29.89 13.91
N SER F 29 10.42 -30.56 12.77
CA SER F 29 9.47 -31.59 12.37
C SER F 29 9.69 -32.86 13.18
N ILE F 30 10.95 -33.30 13.29
CA ILE F 30 11.27 -34.50 14.06
C ILE F 30 11.06 -34.26 15.55
N LYS F 31 11.45 -33.09 16.04
CA LYS F 31 11.30 -32.81 17.47
C LYS F 31 9.86 -33.00 17.94
N LYS F 32 8.88 -32.75 17.07
CA LYS F 32 7.48 -32.98 17.42
C LYS F 32 6.91 -34.10 16.55
N LEU F 33 7.64 -35.21 16.46
CA LEU F 33 7.17 -36.36 15.70
C LEU F 33 6.02 -37.08 16.41
N SER F 34 5.98 -37.00 17.73
CA SER F 34 4.86 -37.53 18.51
C SER F 34 3.50 -37.04 17.99
N THR F 35 3.45 -35.82 17.47
CA THR F 35 2.18 -35.30 16.95
C THR F 35 1.71 -36.06 15.73
N ILE F 36 2.65 -36.53 14.89
CA ILE F 36 2.25 -37.26 13.69
C ILE F 36 1.70 -38.64 14.05
N ALA F 37 2.41 -39.36 14.91
CA ALA F 37 1.94 -40.68 15.30
C ALA F 37 0.59 -40.60 16.01
N LEU F 38 0.42 -39.59 16.86
CA LEU F 38 -0.87 -39.38 17.51
C LEU F 38 -1.98 -39.21 16.49
N ALA F 39 -1.67 -38.57 15.36
CA ALA F 39 -2.64 -38.49 14.27
C ALA F 39 -2.90 -39.86 13.65
N LEU F 40 -1.84 -40.61 13.36
CA LEU F 40 -2.00 -41.88 12.66
C LEU F 40 -2.79 -42.90 13.47
N GLY F 41 -2.60 -42.91 14.79
CA GLY F 41 -3.27 -43.90 15.61
C GLY F 41 -2.39 -45.11 15.82
N VAL F 42 -2.40 -45.68 17.03
CA VAL F 42 -1.58 -46.82 17.42
C VAL F 42 -1.43 -47.90 16.35
N GLU F 43 -2.55 -48.27 15.71
CA GLU F 43 -2.47 -49.28 14.66
C GLU F 43 -1.64 -48.79 13.48
N ARG F 44 -2.00 -47.62 12.95
CA ARG F 44 -1.34 -47.14 11.73
C ARG F 44 0.09 -46.70 11.99
N THR F 45 0.42 -46.27 13.21
CA THR F 45 1.81 -45.93 13.50
C THR F 45 2.69 -47.18 13.40
N ARG F 46 2.35 -48.24 14.14
CA ARG F 46 3.13 -49.47 14.05
C ARG F 46 3.19 -49.96 12.61
N SER F 47 2.08 -49.90 11.88
CA SER F 47 2.09 -50.45 10.53
C SER F 47 2.96 -49.61 9.59
N GLU F 48 2.87 -48.28 9.65
CA GLU F 48 3.41 -47.41 8.61
C GLU F 48 4.60 -46.55 9.04
N LEU F 49 4.58 -45.97 10.24
CA LEU F 49 5.59 -45.00 10.65
C LEU F 49 6.90 -45.66 11.08
N LEU F 50 6.84 -46.53 12.07
CA LEU F 50 8.08 -47.10 12.62
C LEU F 50 8.93 -47.80 11.56
N PRO F 51 8.36 -48.55 10.60
CA PRO F 51 9.20 -49.02 9.47
C PRO F 51 9.74 -47.89 8.63
N PHE F 52 8.95 -46.81 8.43
CA PHE F 52 9.42 -45.67 7.65
C PHE F 52 10.65 -45.03 8.29
N LEU F 53 10.76 -45.10 9.62
CA LEU F 53 11.92 -44.54 10.30
C LEU F 53 13.14 -45.46 10.23
N THR F 54 12.93 -46.76 10.19
CA THR F 54 14.04 -47.71 10.25
C THR F 54 14.74 -47.79 8.90
N ASP F 55 16.03 -47.48 8.88
CA ASP F 55 16.91 -47.64 7.72
C ASP F 55 16.46 -46.85 6.50
N THR F 56 15.48 -45.96 6.64
CA THR F 56 15.04 -45.10 5.55
C THR F 56 14.91 -43.66 6.02
N ILE F 57 15.85 -43.20 6.84
CA ILE F 57 15.92 -41.79 7.20
C ILE F 57 17.35 -41.44 7.57
N TYR F 58 17.95 -40.57 6.78
CA TYR F 58 19.32 -40.14 6.99
C TYR F 58 19.36 -38.63 6.95
N ASP F 59 20.07 -38.05 7.90
CA ASP F 59 20.07 -36.61 8.10
C ASP F 59 21.25 -36.28 9.00
N GLU F 60 21.47 -34.98 9.24
CA GLU F 60 22.57 -34.58 10.11
C GLU F 60 22.32 -35.06 11.53
N ASP F 61 23.41 -35.04 12.32
CA ASP F 61 23.41 -35.71 13.61
C ASP F 61 22.40 -35.11 14.59
N GLU F 62 22.13 -33.81 14.48
CA GLU F 62 21.16 -33.19 15.37
C GLU F 62 19.77 -33.77 15.16
N VAL F 63 19.40 -34.01 13.89
CA VAL F 63 18.08 -34.57 13.60
C VAL F 63 17.97 -36.01 14.09
N LEU F 64 18.98 -36.82 13.78
CA LEU F 64 19.04 -38.19 14.30
C LEU F 64 18.94 -38.21 15.82
N LEU F 65 19.60 -37.27 16.49
CA LEU F 65 19.53 -37.22 17.95
C LEU F 65 18.14 -36.83 18.42
N ALA F 66 17.48 -35.92 17.72
CA ALA F 66 16.10 -35.60 18.07
C ALA F 66 15.20 -36.82 17.92
N LEU F 67 15.45 -37.62 16.88
CA LEU F 67 14.68 -38.85 16.67
C LEU F 67 14.92 -39.85 17.79
N ALA F 68 16.19 -40.02 18.20
CA ALA F 68 16.52 -40.91 19.30
C ALA F 68 15.88 -40.44 20.61
N GLU F 69 15.87 -39.13 20.86
CA GLU F 69 15.15 -38.59 22.00
C GLU F 69 13.68 -38.99 21.94
N GLN F 70 13.04 -38.72 20.81
CA GLN F 70 11.60 -38.92 20.70
C GLN F 70 11.23 -40.38 20.91
N LEU F 71 12.01 -41.31 20.35
CA LEU F 71 11.65 -42.72 20.39
C LEU F 71 11.57 -43.27 21.81
N GLY F 72 12.28 -42.67 22.77
CA GLY F 72 12.23 -43.14 24.14
C GLY F 72 10.89 -42.97 24.82
N THR F 73 10.07 -42.04 24.34
CA THR F 73 8.79 -41.70 24.96
C THR F 73 7.59 -42.33 24.27
N PHE F 74 7.81 -43.15 23.24
CA PHE F 74 6.73 -43.64 22.39
C PHE F 74 5.98 -44.84 22.97
N THR F 75 6.35 -45.32 24.16
CA THR F 75 5.74 -46.54 24.70
C THR F 75 4.22 -46.52 24.60
N THR F 76 3.60 -45.42 25.04
CA THR F 76 2.15 -45.34 24.95
C THR F 76 1.67 -45.10 23.53
N LEU F 77 2.48 -44.44 22.70
CA LEU F 77 2.09 -44.07 21.36
C LEU F 77 2.12 -45.24 20.37
N VAL F 78 2.43 -46.45 20.82
CA VAL F 78 2.46 -47.62 19.95
C VAL F 78 1.55 -48.74 20.45
N GLY F 79 0.90 -48.57 21.60
CA GLY F 79 -0.12 -49.52 22.01
C GLY F 79 0.04 -49.98 23.44
N GLY F 80 0.75 -49.20 24.24
CA GLY F 80 1.10 -49.62 25.56
C GLY F 80 2.27 -50.58 25.54
N PRO F 81 2.60 -51.16 26.70
CA PRO F 81 3.75 -52.07 26.76
C PRO F 81 3.66 -53.23 25.79
N GLU F 82 2.46 -53.76 25.53
CA GLU F 82 2.31 -54.96 24.73
C GLU F 82 3.02 -54.86 23.38
N TYR F 83 3.22 -53.65 22.87
CA TYR F 83 3.82 -53.45 21.55
C TYR F 83 5.14 -52.69 21.59
N VAL F 84 5.69 -52.45 22.79
CA VAL F 84 6.88 -51.62 22.92
C VAL F 84 8.03 -52.11 22.03
N HIS F 85 8.10 -53.42 21.78
CA HIS F 85 9.22 -53.97 21.03
C HIS F 85 9.28 -53.43 19.60
N CYS F 86 8.20 -52.86 19.08
CA CYS F 86 8.25 -52.28 17.75
C CYS F 86 9.21 -51.09 17.69
N LEU F 87 9.51 -50.48 18.83
CA LEU F 87 10.50 -49.42 18.92
C LEU F 87 11.93 -49.91 18.77
N LEU F 88 12.14 -51.22 18.78
CA LEU F 88 13.50 -51.75 18.87
C LEU F 88 14.28 -51.66 17.56
N PRO F 89 13.68 -51.90 16.38
CA PRO F 89 14.45 -51.77 15.13
C PRO F 89 15.11 -50.41 15.02
N PRO F 90 14.35 -49.30 14.96
CA PRO F 90 15.02 -48.02 14.64
C PRO F 90 16.08 -47.64 15.66
N LEU F 91 15.77 -47.78 16.95
CA LEU F 91 16.75 -47.43 17.97
C LEU F 91 18.05 -48.21 17.80
N GLU F 92 17.97 -49.48 17.41
CA GLU F 92 19.22 -50.23 17.26
C GLU F 92 20.04 -49.69 16.11
N SER F 93 19.37 -49.30 15.02
CA SER F 93 20.07 -48.58 13.96
C SER F 93 20.79 -47.38 14.54
N LEU F 94 20.08 -46.61 15.38
CA LEU F 94 20.65 -45.40 15.94
C LEU F 94 21.77 -45.69 16.94
N ALA F 95 21.87 -46.93 17.41
CA ALA F 95 22.99 -47.28 18.29
C ALA F 95 24.27 -47.59 17.51
N THR F 96 24.20 -47.62 16.18
CA THR F 96 25.37 -47.90 15.36
C THR F 96 25.87 -46.69 14.58
N VAL F 97 25.25 -45.53 14.75
CA VAL F 97 25.70 -44.32 14.08
C VAL F 97 27.12 -43.97 14.54
N GLU F 98 27.84 -43.24 13.68
CA GLU F 98 29.22 -42.87 13.98
C GLU F 98 29.30 -41.83 15.09
N GLU F 99 28.29 -40.97 15.22
CA GLU F 99 28.37 -39.86 16.16
C GLU F 99 28.10 -40.34 17.58
N THR F 100 28.97 -39.94 18.51
CA THR F 100 28.96 -40.52 19.85
C THR F 100 27.70 -40.13 20.63
N VAL F 101 27.24 -38.90 20.46
CA VAL F 101 26.12 -38.46 21.30
C VAL F 101 24.81 -39.05 20.80
N VAL F 102 24.68 -39.28 19.49
CA VAL F 102 23.50 -39.97 18.97
C VAL F 102 23.46 -41.40 19.50
N ARG F 103 24.59 -42.11 19.45
CA ARG F 103 24.68 -43.44 20.03
C ARG F 103 24.27 -43.43 21.50
N ASP F 104 24.82 -42.50 22.27
CA ASP F 104 24.53 -42.49 23.71
C ASP F 104 23.08 -42.13 24.00
N LYS F 105 22.47 -41.28 23.16
CA LYS F 105 21.06 -40.95 23.37
C LYS F 105 20.16 -42.11 22.97
N ALA F 106 20.53 -42.85 21.93
CA ALA F 106 19.79 -44.05 21.59
C ALA F 106 19.89 -45.09 22.71
N VAL F 107 21.07 -45.25 23.28
CA VAL F 107 21.25 -46.15 24.43
C VAL F 107 20.39 -45.70 25.61
N GLU F 108 20.39 -44.39 25.89
CA GLU F 108 19.55 -43.85 26.95
C GLU F 108 18.09 -44.22 26.74
N SER F 109 17.57 -43.97 25.53
CA SER F 109 16.16 -44.25 25.27
C SER F 109 15.88 -45.76 25.29
N LEU F 110 16.85 -46.57 24.89
CA LEU F 110 16.67 -48.03 24.96
C LEU F 110 16.58 -48.48 26.41
N ARG F 111 17.48 -48.00 27.28
CA ARG F 111 17.35 -48.27 28.70
C ARG F 111 16.01 -47.78 29.23
N ALA F 112 15.51 -46.67 28.70
CA ALA F 112 14.24 -46.12 29.15
C ALA F 112 13.08 -47.06 28.83
N ILE F 113 13.01 -47.55 27.59
CA ILE F 113 11.92 -48.45 27.21
C ILE F 113 12.21 -49.90 27.58
N SER F 114 13.40 -50.19 28.12
CA SER F 114 13.69 -51.53 28.64
C SER F 114 12.69 -51.92 29.71
N HIS F 115 12.48 -51.03 30.69
CA HIS F 115 11.57 -51.31 31.78
C HIS F 115 10.12 -51.43 31.32
N GLU F 116 9.82 -51.10 30.07
CA GLU F 116 8.47 -51.24 29.54
C GLU F 116 8.29 -52.55 28.76
N HIS F 117 9.18 -53.51 28.96
CA HIS F 117 9.09 -54.81 28.32
C HIS F 117 8.63 -55.83 29.35
N SER F 118 7.69 -56.69 28.96
CA SER F 118 7.41 -57.86 29.77
C SER F 118 8.62 -58.78 29.74
N PRO F 119 8.89 -59.50 30.83
CA PRO F 119 10.07 -60.39 30.84
C PRO F 119 10.10 -61.31 29.62
N SER F 120 8.93 -61.79 29.20
CA SER F 120 8.83 -62.55 27.96
C SER F 120 9.34 -61.74 26.78
N ASP F 121 8.85 -60.51 26.62
CA ASP F 121 9.33 -59.65 25.54
C ASP F 121 10.79 -59.26 25.73
N LEU F 122 11.25 -59.15 26.97
CA LEU F 122 12.67 -58.90 27.22
C LEU F 122 13.52 -60.00 26.60
N GLU F 123 13.15 -61.27 26.86
CA GLU F 123 13.86 -62.38 26.25
C GLU F 123 13.66 -62.43 24.75
N ALA F 124 12.45 -62.08 24.29
CA ALA F 124 12.08 -62.29 22.89
C ALA F 124 12.79 -61.33 21.95
N HIS F 125 12.79 -60.04 22.28
CA HIS F 125 13.27 -59.04 21.35
C HIS F 125 14.41 -58.17 21.89
N PHE F 126 14.43 -57.89 23.18
CA PHE F 126 15.42 -56.95 23.71
C PHE F 126 16.79 -57.60 23.83
N VAL F 127 16.86 -58.72 24.56
CA VAL F 127 18.13 -59.43 24.71
C VAL F 127 18.73 -59.81 23.36
N PRO F 128 17.95 -60.28 22.37
CA PRO F 128 18.56 -60.51 21.05
C PRO F 128 19.15 -59.25 20.45
N LEU F 129 18.58 -58.08 20.76
CA LEU F 129 19.16 -56.84 20.25
C LEU F 129 20.46 -56.51 20.97
N VAL F 130 20.51 -56.75 22.28
CA VAL F 130 21.74 -56.53 23.04
C VAL F 130 22.87 -57.40 22.51
N LYS F 131 22.57 -58.68 22.22
CA LYS F 131 23.62 -59.54 21.69
C LYS F 131 23.98 -59.17 20.25
N ARG F 132 22.99 -58.77 19.45
CA ARG F 132 23.28 -58.26 18.11
C ARG F 132 24.30 -57.15 18.17
N LEU F 133 24.05 -56.16 19.04
CA LEU F 133 24.99 -55.04 19.16
C LEU F 133 26.32 -55.47 19.75
N ALA F 134 26.32 -56.44 20.67
CA ALA F 134 27.56 -56.88 21.29
C ALA F 134 28.48 -57.54 20.28
N GLY F 135 27.92 -58.24 19.29
CA GLY F 135 28.73 -58.90 18.29
C GLY F 135 28.76 -58.12 17.00
N GLY F 136 28.62 -56.81 17.09
CA GLY F 136 28.64 -55.98 15.90
C GLY F 136 30.04 -55.89 15.30
N ASP F 137 30.08 -55.71 13.98
CA ASP F 137 31.36 -55.69 13.30
C ASP F 137 32.16 -54.44 13.64
N TRP F 138 31.48 -53.33 13.90
CA TRP F 138 32.13 -52.05 14.13
C TRP F 138 32.05 -51.74 15.63
N PHE F 139 33.13 -51.18 16.18
CA PHE F 139 33.26 -51.05 17.63
C PHE F 139 32.14 -50.20 18.23
N THR F 140 31.52 -49.33 17.45
CA THR F 140 30.43 -48.49 17.97
C THR F 140 29.29 -49.37 18.47
N SER F 141 28.99 -50.45 17.75
CA SER F 141 27.95 -51.37 18.19
C SER F 141 28.26 -51.91 19.58
N ARG F 142 29.52 -52.30 19.80
CA ARG F 142 29.90 -52.91 21.06
C ARG F 142 29.85 -51.89 22.20
N THR F 143 30.38 -50.68 21.95
CA THR F 143 30.31 -49.64 22.97
C THR F 143 28.87 -49.36 23.36
N SER F 144 27.98 -49.21 22.37
CA SER F 144 26.57 -49.01 22.67
C SER F 144 26.00 -50.19 23.44
N ALA F 145 26.45 -51.40 23.11
CA ALA F 145 25.91 -52.60 23.77
C ALA F 145 26.25 -52.61 25.25
N CYS F 146 27.43 -52.12 25.61
CA CYS F 146 27.87 -52.17 27.00
C CYS F 146 26.84 -51.54 27.95
N GLY F 147 26.22 -50.44 27.54
CA GLY F 147 25.29 -49.73 28.42
C GLY F 147 23.94 -50.38 28.61
N LEU F 148 23.65 -51.46 27.87
CA LEU F 148 22.33 -52.07 27.82
C LEU F 148 22.17 -53.30 28.70
N PHE F 149 23.17 -53.67 29.49
CA PHE F 149 23.14 -54.97 30.17
C PHE F 149 22.35 -54.91 31.47
N SER F 150 22.68 -53.96 32.34
CA SER F 150 22.14 -53.94 33.70
C SER F 150 20.63 -53.70 33.75
N VAL F 151 19.99 -53.31 32.64
CA VAL F 151 18.56 -53.01 32.68
C VAL F 151 17.70 -54.23 32.39
N CYS F 152 18.23 -55.24 31.71
CA CYS F 152 17.47 -56.42 31.34
C CYS F 152 17.85 -57.66 32.14
N TYR F 153 19.03 -57.67 32.75
CA TYR F 153 19.47 -58.81 33.57
C TYR F 153 18.51 -59.18 34.71
N PRO F 154 18.10 -58.27 35.59
CA PRO F 154 17.52 -58.72 36.87
C PRO F 154 16.20 -59.47 36.75
N ARG F 155 15.47 -59.32 35.66
CA ARG F 155 14.14 -59.91 35.54
C ARG F 155 14.06 -60.91 34.38
N VAL F 156 15.18 -61.55 34.05
CA VAL F 156 15.25 -62.47 32.92
C VAL F 156 15.77 -63.80 33.42
N SER F 157 15.40 -64.88 32.73
CA SER F 157 15.60 -66.24 33.20
C SER F 157 17.09 -66.55 33.40
N SER F 158 17.34 -67.63 34.16
CA SER F 158 18.71 -68.00 34.53
C SER F 158 19.58 -68.26 33.30
N ALA F 159 19.02 -68.91 32.28
CA ALA F 159 19.80 -69.22 31.08
C ALA F 159 20.22 -67.95 30.36
N VAL F 160 19.28 -67.01 30.20
CA VAL F 160 19.62 -65.75 29.56
C VAL F 160 20.57 -64.95 30.43
N LYS F 161 20.45 -65.03 31.76
CA LYS F 161 21.44 -64.42 32.64
C LYS F 161 22.84 -64.95 32.33
N ALA F 162 22.97 -66.26 32.12
CA ALA F 162 24.27 -66.83 31.78
C ALA F 162 24.76 -66.32 30.44
N GLU F 163 23.88 -66.31 29.43
CA GLU F 163 24.25 -65.79 28.12
C GLU F 163 24.79 -64.36 28.22
N LEU F 164 24.08 -63.51 28.95
CA LEU F 164 24.50 -62.13 29.13
C LEU F 164 25.86 -62.04 29.80
N ARG F 165 26.03 -62.78 30.91
CA ARG F 165 27.32 -62.79 31.60
C ARG F 165 28.45 -63.10 30.63
N GLN F 166 28.23 -64.07 29.74
CA GLN F 166 29.32 -64.48 28.86
C GLN F 166 29.58 -63.45 27.76
N TYR F 167 28.51 -62.85 27.21
CA TYR F 167 28.71 -61.78 26.24
C TYR F 167 29.47 -60.62 26.86
N PHE F 168 29.15 -60.27 28.10
CA PHE F 168 29.85 -59.19 28.78
C PHE F 168 31.30 -59.53 29.02
N ARG F 169 31.59 -60.78 29.41
CA ARG F 169 32.97 -61.21 29.51
C ARG F 169 33.71 -61.01 28.18
N ASN F 170 33.05 -61.33 27.06
CA ASN F 170 33.68 -61.10 25.77
C ASN F 170 33.87 -59.62 25.45
N LEU F 171 33.05 -58.75 26.04
CA LEU F 171 33.27 -57.31 25.81
C LEU F 171 34.48 -56.78 26.57
N CYS F 172 34.67 -57.19 27.82
CA CYS F 172 35.82 -56.74 28.61
C CYS F 172 37.14 -57.16 27.99
N SER F 173 37.13 -58.16 27.11
CA SER F 173 38.35 -58.67 26.48
C SER F 173 38.46 -58.24 25.03
N ASP F 174 37.74 -57.20 24.64
CA ASP F 174 37.77 -56.75 23.25
C ASP F 174 39.18 -56.31 22.86
N ASP F 175 39.47 -56.39 21.57
CA ASP F 175 40.77 -56.02 21.06
C ASP F 175 40.95 -54.52 21.00
N THR F 176 39.86 -53.76 20.96
CA THR F 176 39.92 -52.31 20.96
C THR F 176 39.87 -51.79 22.39
N PRO F 177 40.76 -50.90 22.78
CA PRO F 177 40.61 -50.25 24.10
C PRO F 177 39.33 -49.47 24.19
N MET F 178 38.76 -49.09 23.05
CA MET F 178 37.57 -48.26 23.00
C MET F 178 36.36 -48.96 23.58
N VAL F 179 36.32 -50.29 23.55
CA VAL F 179 35.19 -51.04 24.07
C VAL F 179 35.54 -51.60 25.43
N ARG F 180 36.83 -51.86 25.66
CA ARG F 180 37.29 -52.15 27.02
C ARG F 180 36.93 -51.00 27.96
N ARG F 181 37.03 -49.77 27.47
CA ARG F 181 36.67 -48.61 28.28
C ARG F 181 35.18 -48.55 28.57
N ALA F 182 34.34 -48.82 27.57
CA ALA F 182 32.90 -48.87 27.83
C ALA F 182 32.57 -49.93 28.86
N ALA F 183 33.19 -51.11 28.75
CA ALA F 183 32.98 -52.17 29.73
C ALA F 183 33.42 -51.73 31.13
N ALA F 184 34.59 -51.09 31.23
CA ALA F 184 35.05 -50.61 32.53
C ALA F 184 34.14 -49.52 33.09
N SER F 185 33.54 -48.71 32.22
CA SER F 185 32.59 -47.70 32.69
C SER F 185 31.37 -48.37 33.31
N LYS F 186 30.80 -49.34 32.61
CA LYS F 186 29.58 -49.98 33.09
C LYS F 186 29.84 -51.14 34.06
N LEU F 187 31.09 -51.36 34.44
CA LEU F 187 31.42 -52.49 35.31
C LEU F 187 30.63 -52.47 36.61
N GLY F 188 30.68 -51.36 37.36
CA GLY F 188 29.98 -51.31 38.63
C GLY F 188 28.47 -51.31 38.47
N GLU F 189 27.98 -50.55 37.49
CA GLU F 189 26.55 -50.51 37.22
C GLU F 189 26.02 -51.91 36.91
N PHE F 190 26.85 -52.78 36.33
CA PHE F 190 26.45 -54.15 36.05
C PHE F 190 26.64 -55.07 37.25
N ALA F 191 27.67 -54.82 38.06
CA ALA F 191 27.86 -55.63 39.26
C ALA F 191 26.75 -55.40 40.28
N LYS F 192 26.10 -54.23 40.24
CA LYS F 192 25.02 -53.96 41.20
C LYS F 192 23.78 -54.83 40.97
N VAL F 193 23.65 -55.48 39.82
CA VAL F 193 22.50 -56.34 39.55
C VAL F 193 22.87 -57.81 39.51
N LEU F 194 24.10 -58.18 39.85
CA LEU F 194 24.53 -59.56 39.81
C LEU F 194 24.43 -60.19 41.19
N GLU F 195 24.10 -61.49 41.19
CA GLU F 195 24.04 -62.25 42.44
C GLU F 195 25.41 -62.33 43.08
N LEU F 196 25.42 -62.36 44.42
CA LEU F 196 26.66 -62.19 45.17
C LEU F 196 27.72 -63.21 44.80
N ASP F 197 27.30 -64.43 44.45
CA ASP F 197 28.26 -65.46 44.10
C ASP F 197 28.81 -65.28 42.69
N ASN F 198 28.10 -64.53 41.84
CA ASN F 198 28.61 -64.16 40.53
C ASN F 198 29.58 -62.99 40.58
N VAL F 199 29.49 -62.15 41.62
CA VAL F 199 30.39 -61.00 41.71
C VAL F 199 31.80 -61.42 42.12
N LYS F 200 31.92 -62.40 43.02
CA LYS F 200 33.25 -62.89 43.39
C LYS F 200 33.86 -63.75 42.29
N SER F 201 33.05 -64.43 41.50
CA SER F 201 33.55 -65.43 40.55
C SER F 201 33.93 -64.84 39.21
N GLU F 202 33.13 -63.93 38.66
CA GLU F 202 33.39 -63.38 37.34
C GLU F 202 33.68 -61.89 37.34
N ILE F 203 33.06 -61.09 38.22
CA ILE F 203 33.32 -59.66 38.25
C ILE F 203 34.75 -59.38 38.66
N ILE F 204 35.20 -59.97 39.77
CA ILE F 204 36.56 -59.70 40.25
C ILE F 204 37.63 -60.00 39.20
N PRO F 205 37.57 -61.10 38.44
CA PRO F 205 38.57 -61.29 37.38
C PRO F 205 38.57 -60.21 36.31
N MET F 206 37.40 -59.76 35.86
CA MET F 206 37.36 -58.68 34.88
C MET F 206 37.86 -57.37 35.49
N PHE F 207 37.55 -57.13 36.75
CA PHE F 207 38.04 -55.94 37.45
C PHE F 207 39.56 -55.94 37.52
N SER F 208 40.17 -57.10 37.83
CA SER F 208 41.63 -57.16 37.90
C SER F 208 42.27 -57.11 36.52
N ASN F 209 41.61 -57.68 35.50
CA ASN F 209 42.19 -57.69 34.17
C ASN F 209 42.11 -56.32 33.51
N LEU F 210 40.97 -55.63 33.66
CA LEU F 210 40.87 -54.28 33.12
C LEU F 210 41.65 -53.29 33.97
N ALA F 211 41.77 -53.56 35.28
CA ALA F 211 42.53 -52.68 36.15
C ALA F 211 44.03 -52.78 35.89
N SER F 212 44.47 -53.89 35.29
CA SER F 212 45.85 -54.05 34.85
C SER F 212 45.91 -54.10 33.32
N ASP F 213 45.02 -53.38 32.66
CA ASP F 213 44.99 -53.35 31.20
C ASP F 213 46.25 -52.67 30.67
N GLU F 214 46.39 -52.71 29.35
CA GLU F 214 47.56 -52.14 28.70
C GLU F 214 47.41 -50.65 28.44
N GLN F 215 46.29 -50.05 28.84
CA GLN F 215 46.04 -48.64 28.65
C GLN F 215 45.75 -47.97 29.99
N ASP F 216 46.33 -46.78 30.19
CA ASP F 216 46.08 -46.02 31.40
C ASP F 216 44.59 -45.69 31.53
N SER F 217 43.94 -45.41 30.41
CA SER F 217 42.53 -45.03 30.43
C SER F 217 41.65 -46.15 30.98
N VAL F 218 41.86 -47.38 30.49
CA VAL F 218 41.02 -48.49 30.93
C VAL F 218 41.28 -48.83 32.39
N ARG F 219 42.55 -48.81 32.81
CA ARG F 219 42.87 -49.01 34.22
C ARG F 219 42.16 -47.97 35.07
N LEU F 220 42.21 -46.77 34.61
CA LEU F 220 41.54 -45.68 35.32
C LEU F 220 40.10 -46.11 35.52
N LEU F 221 39.43 -46.29 34.44
CA LEU F 221 37.99 -46.52 34.52
C LEU F 221 37.67 -47.68 35.45
N ALA F 222 38.50 -48.73 35.45
CA ALA F 222 38.25 -49.86 36.35
C ALA F 222 38.44 -49.47 37.79
N VAL F 223 39.51 -48.73 38.09
CA VAL F 223 39.74 -48.34 39.48
C VAL F 223 38.70 -47.32 39.93
N GLU F 224 38.11 -46.55 38.99
CA GLU F 224 36.95 -45.75 39.36
C GLU F 224 35.77 -46.65 39.76
N ALA F 225 35.39 -47.56 38.87
CA ALA F 225 34.24 -48.42 39.13
C ALA F 225 34.51 -49.53 40.15
N CYS F 226 35.64 -49.47 40.85
CA CYS F 226 35.92 -50.44 41.92
C CYS F 226 35.14 -50.16 43.21
N VAL F 227 34.91 -48.89 43.54
CA VAL F 227 34.25 -48.54 44.80
C VAL F 227 32.84 -49.13 44.88
N ASN F 228 32.20 -49.34 43.72
CA ASN F 228 30.92 -50.03 43.73
C ASN F 228 31.10 -51.51 44.06
N ILE F 229 32.19 -52.11 43.56
CA ILE F 229 32.46 -53.52 43.84
C ILE F 229 32.68 -53.74 45.33
N ALA F 230 33.48 -52.88 45.95
CA ALA F 230 33.80 -53.06 47.37
C ALA F 230 32.55 -53.06 48.24
N GLN F 231 31.53 -52.30 47.85
CA GLN F 231 30.31 -52.16 48.65
C GLN F 231 29.27 -53.25 48.35
N LEU F 232 29.65 -54.30 47.62
CA LEU F 232 28.77 -55.43 47.37
C LEU F 232 29.23 -56.71 48.02
N LEU F 233 30.54 -56.87 48.19
CA LEU F 233 31.12 -58.00 48.88
C LEU F 233 30.99 -57.83 50.39
N PRO F 234 31.05 -58.92 51.14
CA PRO F 234 31.17 -58.78 52.59
C PRO F 234 32.62 -58.52 52.98
N GLN F 235 32.78 -57.76 54.06
CA GLN F 235 34.09 -57.19 54.39
C GLN F 235 35.19 -58.24 54.46
N GLU F 236 34.83 -59.49 54.78
CA GLU F 236 35.86 -60.53 54.94
C GLU F 236 36.61 -60.79 53.65
N ASP F 237 35.90 -60.88 52.53
CA ASP F 237 36.50 -61.21 51.24
C ASP F 237 37.48 -60.16 50.73
N LEU F 238 37.26 -58.88 51.08
CA LEU F 238 38.02 -57.77 50.50
C LEU F 238 39.52 -58.02 50.38
N GLU F 239 40.18 -58.33 51.49
CA GLU F 239 41.64 -58.43 51.46
C GLU F 239 42.12 -59.48 50.46
N ALA F 240 41.32 -60.51 50.20
CA ALA F 240 41.69 -61.49 49.20
C ALA F 240 41.41 -60.99 47.78
N LEU F 241 40.27 -60.34 47.58
CA LEU F 241 39.82 -59.99 46.22
C LEU F 241 40.22 -58.57 45.81
N VAL F 242 39.64 -57.57 46.47
CA VAL F 242 39.78 -56.20 46.00
C VAL F 242 41.18 -55.65 46.28
N MET F 243 41.74 -55.96 47.44
CA MET F 243 42.94 -55.27 47.92
C MET F 243 44.20 -55.47 47.09
N PRO F 244 44.46 -56.64 46.49
CA PRO F 244 45.63 -56.72 45.60
C PRO F 244 45.55 -55.75 44.42
N THR F 245 44.38 -55.67 43.80
CA THR F 245 44.21 -54.79 42.65
C THR F 245 44.33 -53.32 43.05
N LEU F 246 43.65 -52.94 44.14
CA LEU F 246 43.72 -51.57 44.62
C LEU F 246 45.13 -51.20 45.07
N ARG F 247 45.82 -52.14 45.72
CA ARG F 247 47.22 -51.94 46.09
C ARG F 247 48.09 -51.69 44.87
N GLN F 248 47.93 -52.51 43.81
CA GLN F 248 48.71 -52.26 42.60
C GLN F 248 48.35 -50.93 41.98
N ALA F 249 47.08 -50.53 42.05
CA ALA F 249 46.66 -49.25 41.49
C ALA F 249 47.35 -48.08 42.21
N ALA F 250 47.49 -48.18 43.53
CA ALA F 250 48.11 -47.08 44.28
C ALA F 250 49.55 -46.83 43.89
N GLU F 251 50.21 -47.76 43.18
CA GLU F 251 51.56 -47.58 42.67
C GLU F 251 51.60 -47.76 41.15
N ASP F 252 50.49 -47.51 40.47
CA ASP F 252 50.43 -47.64 39.02
C ASP F 252 51.42 -46.68 38.35
N LYS F 253 51.84 -47.06 37.14
CA LYS F 253 52.80 -46.24 36.39
C LYS F 253 52.17 -44.94 35.90
N SER F 254 50.88 -44.95 35.61
CA SER F 254 50.19 -43.74 35.20
C SER F 254 49.91 -42.89 36.43
N TRP F 255 50.50 -41.69 36.46
CA TRP F 255 50.22 -40.77 37.56
C TRP F 255 48.75 -40.41 37.66
N ARG F 256 47.99 -40.57 36.57
CA ARG F 256 46.56 -40.29 36.60
C ARG F 256 45.77 -41.37 37.32
N VAL F 257 46.21 -42.63 37.24
CA VAL F 257 45.57 -43.69 38.03
C VAL F 257 45.88 -43.48 39.51
N ARG F 258 47.10 -43.06 39.82
CA ARG F 258 47.44 -42.70 41.19
C ARG F 258 46.60 -41.52 41.67
N TYR F 259 46.33 -40.57 40.77
CA TYR F 259 45.42 -39.48 41.11
C TYR F 259 44.01 -40.00 41.37
N MET F 260 43.55 -40.96 40.56
CA MET F 260 42.22 -41.56 40.75
C MET F 260 42.09 -42.21 42.11
N VAL F 261 43.08 -42.99 42.53
CA VAL F 261 43.00 -43.60 43.84
C VAL F 261 43.07 -42.53 44.92
N ALA F 262 43.87 -41.49 44.71
CA ALA F 262 43.94 -40.40 45.67
C ALA F 262 42.57 -39.73 45.85
N ASP F 263 41.83 -39.56 44.77
CA ASP F 263 40.56 -38.83 44.84
C ASP F 263 39.45 -39.67 45.48
N LYS F 264 39.42 -40.97 45.19
CA LYS F 264 38.38 -41.85 45.72
C LYS F 264 38.71 -42.43 47.09
N PHE F 265 39.65 -41.82 47.82
CA PHE F 265 40.26 -42.49 48.97
C PHE F 265 39.27 -42.64 50.13
N THR F 266 38.59 -41.55 50.49
CA THR F 266 37.65 -41.60 51.61
C THR F 266 36.52 -42.58 51.34
N GLU F 267 36.07 -42.65 50.08
CA GLU F 267 35.07 -43.66 49.73
C GLU F 267 35.63 -45.06 49.94
N LEU F 268 36.93 -45.25 49.70
CA LEU F 268 37.52 -46.56 49.90
C LEU F 268 37.58 -46.93 51.37
N GLN F 269 37.94 -45.95 52.22
CA GLN F 269 37.96 -46.26 53.65
C GLN F 269 36.56 -46.39 54.23
N LYS F 270 35.54 -45.83 53.57
CA LYS F 270 34.17 -46.11 53.99
C LYS F 270 33.70 -47.49 53.52
N ALA F 271 34.21 -47.97 52.39
CA ALA F 271 33.74 -49.24 51.84
C ALA F 271 34.49 -50.44 52.40
N VAL F 272 35.81 -50.35 52.57
CA VAL F 272 36.60 -51.50 53.00
C VAL F 272 36.57 -51.72 54.50
N GLY F 273 36.11 -50.75 55.28
CA GLY F 273 36.07 -50.91 56.71
C GLY F 273 37.33 -50.43 57.41
N PRO F 274 37.17 -49.93 58.63
CA PRO F 274 38.30 -49.32 59.33
C PRO F 274 39.46 -50.28 59.55
N GLU F 275 39.18 -51.58 59.57
CA GLU F 275 40.22 -52.61 59.64
C GLU F 275 41.28 -52.39 58.58
N ILE F 276 40.93 -52.65 57.31
CA ILE F 276 41.89 -52.46 56.22
C ILE F 276 42.16 -50.98 55.96
N THR F 277 41.37 -50.07 56.52
CA THR F 277 41.79 -48.67 56.50
C THR F 277 43.08 -48.49 57.30
N LYS F 278 43.16 -49.11 58.47
CA LYS F 278 44.41 -49.09 59.24
C LYS F 278 45.45 -50.01 58.61
N THR F 279 45.03 -51.17 58.12
CA THR F 279 45.97 -52.22 57.74
C THR F 279 46.77 -51.85 56.50
N ASP F 280 46.08 -51.46 55.44
CA ASP F 280 46.69 -51.28 54.13
C ASP F 280 46.58 -49.86 53.58
N LEU F 281 45.50 -49.14 53.89
CA LEU F 281 45.28 -47.83 53.28
C LEU F 281 46.30 -46.81 53.76
N VAL F 282 46.67 -46.84 55.04
CA VAL F 282 47.60 -45.84 55.58
C VAL F 282 48.97 -45.87 54.89
N PRO F 283 49.64 -47.02 54.74
CA PRO F 283 50.97 -46.97 54.07
C PRO F 283 50.91 -46.54 52.62
N ALA F 284 49.89 -46.98 51.88
CA ALA F 284 49.76 -46.52 50.49
C ALA F 284 49.42 -45.03 50.44
N PHE F 285 48.69 -44.53 51.44
CA PHE F 285 48.45 -43.09 51.56
C PHE F 285 49.76 -42.33 51.76
N GLN F 286 50.64 -42.87 52.63
CA GLN F 286 51.97 -42.28 52.79
C GLN F 286 52.73 -42.28 51.47
N ASN F 287 52.66 -43.40 50.73
CA ASN F 287 53.30 -43.46 49.42
C ASN F 287 52.68 -42.50 48.42
N LEU F 288 51.43 -42.11 48.64
CA LEU F 288 50.79 -41.13 47.76
C LEU F 288 51.15 -39.70 48.13
N MET F 289 51.52 -39.46 49.39
CA MET F 289 51.98 -38.13 49.77
C MET F 289 53.43 -37.86 49.37
N LYS F 290 54.20 -38.90 49.02
CA LYS F 290 55.55 -38.76 48.50
C LYS F 290 55.59 -39.04 47.00
N ASP F 291 54.47 -38.86 46.33
CA ASP F 291 54.32 -39.33 44.95
C ASP F 291 55.16 -38.50 43.99
N CYS F 292 55.64 -39.15 42.93
CA CYS F 292 56.49 -38.51 41.94
C CYS F 292 55.86 -37.23 41.39
N GLU F 293 54.73 -37.37 40.71
CA GLU F 293 54.03 -36.21 40.18
C GLU F 293 53.42 -35.40 41.32
N ALA F 294 53.55 -34.08 41.24
CA ALA F 294 53.15 -33.23 42.36
C ALA F 294 51.63 -33.17 42.51
N GLU F 295 50.90 -33.27 41.40
CA GLU F 295 49.44 -33.17 41.47
C GLU F 295 48.84 -34.32 42.29
N VAL F 296 49.51 -35.48 42.29
CA VAL F 296 49.06 -36.59 43.12
C VAL F 296 49.24 -36.23 44.60
N ARG F 297 50.37 -35.63 44.95
CA ARG F 297 50.54 -35.14 46.31
C ARG F 297 49.49 -34.09 46.66
N ALA F 298 49.10 -33.26 45.69
CA ALA F 298 48.03 -32.28 45.92
C ALA F 298 46.72 -32.98 46.28
N ALA F 299 46.32 -33.96 45.46
CA ALA F 299 45.09 -34.69 45.72
C ALA F 299 45.15 -35.44 47.05
N ALA F 300 46.32 -35.97 47.40
CA ALA F 300 46.50 -36.67 48.66
C ALA F 300 46.34 -35.73 49.84
N SER F 301 47.02 -34.57 49.78
CA SER F 301 46.88 -33.57 50.83
C SER F 301 45.44 -33.07 50.94
N HIS F 302 44.71 -33.01 49.82
CA HIS F 302 43.32 -32.58 49.85
C HIS F 302 42.46 -33.44 50.77
N LYS F 303 42.83 -34.70 50.97
CA LYS F 303 42.08 -35.62 51.82
C LYS F 303 42.96 -36.07 52.97
N VAL F 304 43.32 -35.12 53.83
CA VAL F 304 43.97 -35.42 55.10
C VAL F 304 42.99 -35.26 56.24
N LYS F 305 42.26 -34.15 56.23
CA LYS F 305 41.20 -33.92 57.20
C LYS F 305 40.12 -34.99 57.10
N GLU F 306 39.65 -35.27 55.90
CA GLU F 306 38.55 -36.23 55.74
C GLU F 306 39.02 -37.67 55.92
N PHE F 307 40.22 -38.00 55.46
CA PHE F 307 40.72 -39.37 55.62
C PHE F 307 40.86 -39.76 57.08
N CYS F 308 41.48 -38.89 57.88
CA CYS F 308 41.81 -39.22 59.26
C CYS F 308 40.63 -39.11 60.20
N GLU F 309 39.54 -38.45 59.80
CA GLU F 309 38.40 -38.31 60.69
C GLU F 309 37.59 -39.60 60.82
N ASN F 310 37.71 -40.51 59.86
CA ASN F 310 36.95 -41.76 59.86
C ASN F 310 37.77 -42.96 60.31
N LEU F 311 38.87 -42.73 61.04
CA LEU F 311 39.69 -43.83 61.55
C LEU F 311 38.99 -44.45 62.77
N SER F 312 37.77 -44.93 62.53
CA SER F 312 36.90 -45.53 63.55
C SER F 312 36.75 -44.47 64.65
N ALA F 313 36.74 -44.85 65.93
CA ALA F 313 36.71 -43.87 67.00
C ALA F 313 37.99 -43.82 67.81
N ASP F 314 38.67 -44.95 67.99
CA ASP F 314 39.91 -45.08 68.75
C ASP F 314 41.12 -45.06 67.83
N CYS F 315 42.30 -45.05 68.45
CA CYS F 315 43.60 -45.04 67.78
C CYS F 315 43.79 -43.91 66.79
N ARG F 316 42.78 -43.06 66.60
CA ARG F 316 42.95 -41.88 65.76
C ARG F 316 44.27 -41.24 66.14
N GLU F 317 44.40 -40.91 67.42
CA GLU F 317 45.55 -40.19 67.94
C GLU F 317 46.86 -40.90 67.61
N ASN F 318 46.99 -42.16 68.04
CA ASN F 318 48.27 -42.87 67.85
C ASN F 318 48.65 -43.00 66.38
N VAL F 319 47.80 -43.65 65.58
CA VAL F 319 48.19 -43.92 64.20
C VAL F 319 48.27 -42.62 63.41
N ILE F 320 47.35 -41.69 63.65
CA ILE F 320 47.37 -40.43 62.90
C ILE F 320 48.64 -39.65 63.19
N MET F 321 49.09 -39.63 64.45
CA MET F 321 50.26 -38.84 64.82
C MET F 321 51.55 -39.47 64.34
N SER F 322 51.60 -40.81 64.28
CA SER F 322 52.86 -41.50 63.99
C SER F 322 53.24 -41.35 62.52
N GLN F 323 52.25 -41.35 61.61
CA GLN F 323 52.57 -41.34 60.19
C GLN F 323 52.09 -40.10 59.44
N ILE F 324 50.97 -39.48 59.84
CA ILE F 324 50.48 -38.32 59.12
C ILE F 324 51.30 -37.10 59.47
N LEU F 325 51.67 -36.94 60.75
CA LEU F 325 52.42 -35.74 61.11
C LEU F 325 53.80 -35.75 60.47
N PRO F 326 54.58 -36.85 60.51
CA PRO F 326 55.83 -36.87 59.72
C PRO F 326 55.60 -36.65 58.25
N CYS F 327 54.40 -36.94 57.73
CA CYS F 327 54.08 -36.63 56.34
C CYS F 327 53.85 -35.13 56.12
N ILE F 328 53.25 -34.44 57.10
CA ILE F 328 52.99 -33.02 56.88
C ILE F 328 54.25 -32.17 57.08
N LYS F 329 55.19 -32.64 57.92
CA LYS F 329 56.36 -31.84 58.28
C LYS F 329 57.15 -31.41 57.04
N GLU F 330 57.25 -32.29 56.03
CA GLU F 330 57.90 -31.94 54.77
C GLU F 330 56.91 -31.56 53.69
N LEU F 331 55.62 -31.83 53.88
CA LEU F 331 54.63 -31.27 52.96
C LEU F 331 54.46 -29.78 53.19
N VAL F 332 54.80 -29.31 54.38
CA VAL F 332 54.88 -27.87 54.62
C VAL F 332 56.07 -27.28 53.87
N SER F 333 57.19 -27.99 53.85
CA SER F 333 58.41 -27.56 53.17
C SER F 333 58.51 -28.10 51.74
N ASP F 334 57.39 -28.32 51.07
CA ASP F 334 57.40 -28.87 49.73
C ASP F 334 57.93 -27.83 48.74
N ALA F 335 58.19 -28.29 47.52
CA ALA F 335 58.61 -27.38 46.45
C ALA F 335 57.40 -26.77 45.75
N ASN F 336 56.41 -27.59 45.43
CA ASN F 336 55.22 -27.11 44.74
C ASN F 336 54.41 -26.21 45.67
N GLN F 337 53.76 -25.20 45.08
CA GLN F 337 52.89 -24.32 45.84
C GLN F 337 51.44 -24.77 45.83
N HIS F 338 51.03 -25.55 44.83
CA HIS F 338 49.66 -26.08 44.84
C HIS F 338 49.52 -27.22 45.83
N VAL F 339 50.58 -28.00 46.05
CA VAL F 339 50.56 -28.99 47.13
C VAL F 339 50.40 -28.29 48.46
N LYS F 340 51.21 -27.26 48.69
CA LYS F 340 51.13 -26.46 49.92
C LYS F 340 49.72 -25.89 50.12
N SER F 341 49.13 -25.35 49.05
CA SER F 341 47.83 -24.68 49.21
C SER F 341 46.70 -25.68 49.41
N ALA F 342 46.74 -26.80 48.69
CA ALA F 342 45.74 -27.84 48.91
C ALA F 342 45.82 -28.39 50.32
N LEU F 343 47.04 -28.59 50.84
CA LEU F 343 47.20 -29.00 52.24
C LEU F 343 46.63 -27.95 53.19
N ALA F 344 47.01 -26.69 53.01
CA ALA F 344 46.59 -25.62 53.90
C ALA F 344 45.08 -25.40 53.87
N SER F 345 44.41 -25.79 52.78
CA SER F 345 42.99 -25.55 52.67
C SER F 345 42.15 -26.40 53.63
N VAL F 346 42.69 -27.51 54.15
CA VAL F 346 41.89 -28.44 54.93
C VAL F 346 42.48 -28.79 56.28
N ILE F 347 43.75 -28.48 56.54
CA ILE F 347 44.45 -28.92 57.74
C ILE F 347 43.78 -28.49 59.04
N MET F 348 42.80 -27.58 58.99
CA MET F 348 42.11 -27.16 60.19
C MET F 348 40.76 -27.87 60.33
N GLY F 349 40.84 -29.19 60.40
CA GLY F 349 39.75 -30.02 60.83
C GLY F 349 40.32 -30.94 61.88
N LEU F 350 41.58 -30.67 62.21
CA LEU F 350 42.35 -31.43 63.17
C LEU F 350 42.22 -30.90 64.59
N SER F 351 41.28 -29.97 64.83
CA SER F 351 41.02 -29.50 66.18
C SER F 351 40.13 -30.47 66.96
N PRO F 352 39.02 -30.98 66.40
CA PRO F 352 38.27 -32.03 67.12
C PRO F 352 39.05 -33.31 67.29
N ILE F 353 40.09 -33.52 66.48
CA ILE F 353 40.98 -34.67 66.60
C ILE F 353 42.22 -34.18 67.34
N LEU F 354 42.96 -35.11 67.94
CA LEU F 354 44.25 -34.89 68.60
C LEU F 354 44.11 -34.23 69.96
N GLY F 355 42.91 -33.80 70.36
CA GLY F 355 42.72 -33.18 71.65
C GLY F 355 43.31 -31.79 71.82
N LYS F 356 42.80 -31.05 72.81
CA LYS F 356 43.11 -29.63 72.95
C LYS F 356 44.61 -29.37 73.04
N ASP F 357 45.24 -29.89 74.10
CA ASP F 357 46.64 -29.56 74.40
C ASP F 357 47.60 -30.12 73.36
N ASN F 358 47.43 -31.39 72.97
CA ASN F 358 48.35 -32.05 72.05
C ASN F 358 48.48 -31.29 70.73
N THR F 359 47.49 -30.49 70.35
CA THR F 359 47.59 -29.70 69.13
C THR F 359 48.78 -28.75 69.19
N ILE F 360 48.97 -28.07 70.33
CA ILE F 360 50.08 -27.14 70.48
C ILE F 360 51.42 -27.86 70.41
N GLU F 361 51.48 -29.13 70.85
CA GLU F 361 52.74 -29.83 71.01
C GLU F 361 53.56 -29.82 69.71
N HIS F 362 52.94 -30.15 68.59
CA HIS F 362 53.67 -30.07 67.32
C HIS F 362 52.83 -29.67 66.13
N LEU F 363 51.52 -29.42 66.29
CA LEU F 363 50.68 -28.92 65.21
C LEU F 363 50.63 -27.40 65.17
N LEU F 364 51.69 -26.73 65.61
CA LEU F 364 51.71 -25.28 65.69
C LEU F 364 53.02 -24.66 65.20
N PRO F 365 54.20 -25.21 65.55
CA PRO F 365 55.44 -24.66 64.98
C PRO F 365 55.47 -24.62 63.46
N LEU F 366 54.83 -25.57 62.79
CA LEU F 366 54.86 -25.63 61.33
C LEU F 366 53.57 -25.13 60.68
N PHE F 367 52.44 -25.31 61.37
CA PHE F 367 51.24 -24.54 61.07
C PHE F 367 51.59 -23.07 60.87
N LEU F 368 52.39 -22.53 61.79
CA LEU F 368 52.82 -21.14 61.71
C LEU F 368 53.70 -20.90 60.50
N ALA F 369 54.70 -21.77 60.27
CA ALA F 369 55.58 -21.60 59.12
C ALA F 369 54.80 -21.57 57.82
N GLN F 370 53.73 -22.38 57.72
CA GLN F 370 52.85 -22.28 56.56
C GLN F 370 52.17 -20.93 56.51
N LEU F 371 51.76 -20.41 57.67
CA LEU F 371 51.20 -19.07 57.67
C LEU F 371 52.22 -18.01 57.26
N LYS F 372 53.50 -18.28 57.48
CA LYS F 372 54.59 -17.38 57.10
C LYS F 372 55.12 -17.60 55.69
N ASP F 373 54.63 -18.61 54.96
CA ASP F 373 55.13 -18.86 53.61
C ASP F 373 54.70 -17.72 52.70
N GLU F 374 55.57 -17.36 51.75
CA GLU F 374 55.36 -16.20 50.86
C GLU F 374 54.42 -16.47 49.69
N CYS F 375 53.31 -17.19 49.91
CA CYS F 375 52.41 -17.46 48.80
C CYS F 375 51.07 -16.74 49.03
N PRO F 376 50.44 -16.25 47.96
CA PRO F 376 49.10 -15.65 48.11
C PRO F 376 47.99 -16.66 48.38
N GLU F 377 48.29 -17.95 48.33
CA GLU F 377 47.30 -18.99 48.57
C GLU F 377 47.48 -19.74 49.88
N VAL F 378 48.72 -19.93 50.32
CA VAL F 378 48.95 -20.64 51.57
C VAL F 378 48.38 -19.85 52.75
N ARG F 379 48.76 -18.58 52.87
CA ARG F 379 48.25 -17.75 53.95
C ARG F 379 46.73 -17.56 53.84
N LEU F 380 46.25 -17.24 52.64
CA LEU F 380 44.82 -17.05 52.43
C LEU F 380 44.02 -18.27 52.87
N ASN F 381 44.44 -19.46 52.42
CA ASN F 381 43.73 -20.67 52.81
C ASN F 381 43.91 -20.99 54.28
N ILE F 382 45.04 -20.59 54.87
CA ILE F 382 45.23 -20.84 56.28
C ILE F 382 44.24 -20.03 57.12
N ILE F 383 43.83 -18.84 56.66
CA ILE F 383 42.90 -18.13 57.52
C ILE F 383 41.44 -18.17 57.07
N SER F 384 41.20 -18.35 55.76
CA SER F 384 39.87 -18.14 55.19
C SER F 384 38.76 -18.86 55.96
N ASN F 385 38.84 -20.18 56.08
CA ASN F 385 37.82 -20.96 56.77
C ASN F 385 38.36 -21.51 58.09
N LEU F 386 39.10 -20.69 58.84
CA LEU F 386 39.76 -21.22 60.02
C LEU F 386 39.29 -20.63 61.34
N ASP F 387 38.01 -20.78 61.64
CA ASP F 387 37.48 -20.39 62.93
C ASP F 387 37.63 -21.51 63.96
N CYS F 388 37.76 -22.75 63.50
CA CYS F 388 37.79 -23.90 64.42
C CYS F 388 39.03 -23.86 65.30
N VAL F 389 40.17 -23.40 64.77
CA VAL F 389 41.37 -23.34 65.59
C VAL F 389 41.28 -22.21 66.62
N ASN F 390 40.38 -21.25 66.44
CA ASN F 390 40.11 -20.30 67.51
C ASN F 390 39.04 -20.80 68.47
N GLU F 391 38.39 -21.93 68.16
CA GLU F 391 37.43 -22.54 69.06
C GLU F 391 38.10 -23.41 70.12
N VAL F 392 39.41 -23.60 70.05
CA VAL F 392 40.16 -24.29 71.10
C VAL F 392 40.92 -23.25 71.93
N ILE F 393 40.18 -22.52 72.78
CA ILE F 393 40.66 -21.38 73.57
C ILE F 393 41.48 -20.43 72.70
N GLY F 394 41.13 -20.39 71.42
CA GLY F 394 41.91 -19.70 70.40
C GLY F 394 42.43 -18.33 70.77
N ILE F 395 41.62 -17.52 71.46
CA ILE F 395 42.00 -16.12 71.65
C ILE F 395 43.34 -16.02 72.35
N ARG F 396 43.58 -16.85 73.37
CA ARG F 396 44.89 -16.92 73.99
C ARG F 396 45.90 -17.59 73.05
N GLN F 397 45.71 -18.87 72.78
CA GLN F 397 46.78 -19.68 72.21
C GLN F 397 47.12 -19.29 70.77
N LEU F 398 46.17 -18.70 70.04
CA LEU F 398 46.50 -18.10 68.75
C LEU F 398 47.52 -16.98 68.94
N SER F 399 47.18 -16.00 69.78
CA SER F 399 48.04 -14.84 69.97
C SER F 399 49.36 -15.18 70.64
N GLN F 400 49.52 -16.40 71.17
CA GLN F 400 50.86 -16.88 71.49
C GLN F 400 51.74 -16.86 70.25
N SER F 401 51.21 -17.35 69.14
CA SER F 401 51.98 -17.45 67.91
C SER F 401 51.20 -16.92 66.72
N LEU F 402 50.38 -15.89 66.90
CA LEU F 402 49.65 -15.34 65.76
C LEU F 402 49.96 -13.87 65.54
N LEU F 403 49.82 -13.05 66.57
CA LEU F 403 50.34 -11.69 66.49
C LEU F 403 51.83 -11.67 66.22
N PRO F 404 52.69 -12.53 66.85
CA PRO F 404 54.11 -12.55 66.47
C PRO F 404 54.33 -13.16 65.10
N ALA F 405 53.31 -13.13 64.25
CA ALA F 405 53.41 -13.55 62.86
C ALA F 405 52.69 -12.52 61.99
N ILE F 406 51.49 -12.12 62.40
CA ILE F 406 50.77 -11.06 61.70
C ILE F 406 51.57 -9.77 61.75
N VAL F 407 52.02 -9.37 62.93
CA VAL F 407 52.83 -8.16 63.04
C VAL F 407 54.12 -8.29 62.25
N GLU F 408 54.74 -9.48 62.28
CA GLU F 408 55.99 -9.68 61.54
C GLU F 408 55.79 -9.55 60.04
N LEU F 409 54.59 -9.86 59.54
CA LEU F 409 54.31 -9.68 58.12
C LEU F 409 53.86 -8.26 57.80
N ALA F 410 53.10 -7.64 58.70
CA ALA F 410 52.55 -6.31 58.46
C ALA F 410 53.63 -5.26 58.34
N GLU F 411 54.67 -5.34 59.17
CA GLU F 411 55.74 -4.35 59.18
C GLU F 411 56.97 -4.94 58.51
N ASP F 412 56.87 -5.13 57.19
CA ASP F 412 57.95 -5.64 56.36
C ASP F 412 58.44 -4.54 55.42
N ALA F 413 59.69 -4.67 54.98
CA ALA F 413 60.28 -3.67 54.10
C ALA F 413 59.55 -3.59 52.76
N LYS F 414 58.96 -4.69 52.31
CA LYS F 414 58.31 -4.77 51.01
C LYS F 414 56.80 -4.59 51.19
N TRP F 415 56.25 -3.59 50.51
CA TRP F 415 54.80 -3.35 50.58
C TRP F 415 54.01 -4.42 49.85
N ARG F 416 54.63 -5.16 48.91
CA ARG F 416 53.96 -6.31 48.33
C ARG F 416 53.54 -7.29 49.40
N VAL F 417 54.30 -7.35 50.50
CA VAL F 417 53.96 -8.19 51.63
C VAL F 417 52.92 -7.52 52.51
N ARG F 418 53.12 -6.22 52.80
CA ARG F 418 52.21 -5.50 53.69
C ARG F 418 50.79 -5.49 53.14
N LEU F 419 50.66 -5.29 51.83
CA LEU F 419 49.34 -5.26 51.19
C LEU F 419 48.67 -6.63 51.24
N ALA F 420 49.45 -7.70 51.19
CA ALA F 420 48.89 -9.04 51.11
C ALA F 420 48.01 -9.35 52.32
N ILE F 421 48.33 -8.81 53.49
CA ILE F 421 47.62 -9.15 54.72
C ILE F 421 46.57 -8.10 55.09
N ILE F 422 46.34 -7.11 54.23
CA ILE F 422 45.30 -6.11 54.51
C ILE F 422 43.93 -6.62 54.09
N GLU F 423 43.77 -7.00 52.82
CA GLU F 423 42.52 -7.53 52.30
C GLU F 423 42.18 -8.88 52.93
N TYR F 424 42.85 -9.18 54.03
CA TYR F 424 42.95 -10.50 54.62
C TYR F 424 42.60 -10.47 56.09
N MET F 425 42.51 -9.29 56.69
CA MET F 425 42.07 -8.94 58.03
C MET F 425 40.56 -8.76 58.18
N PRO F 426 39.81 -8.23 57.16
CA PRO F 426 38.37 -8.03 57.36
C PRO F 426 37.62 -9.34 57.63
N LEU F 427 37.77 -10.32 56.74
CA LEU F 427 37.18 -11.63 57.02
C LEU F 427 37.85 -12.30 58.22
N LEU F 428 39.09 -11.91 58.56
CA LEU F 428 39.74 -12.43 59.76
C LEU F 428 39.07 -11.89 61.01
N ALA F 429 38.67 -10.62 61.00
CA ALA F 429 38.04 -10.01 62.16
C ALA F 429 36.56 -10.29 62.23
N GLY F 430 35.91 -10.56 61.10
CA GLY F 430 34.52 -10.96 61.09
C GLY F 430 34.31 -12.16 61.98
N GLN F 431 34.82 -13.31 61.57
CA GLN F 431 34.97 -14.43 62.49
C GLN F 431 35.95 -14.06 63.59
N LEU F 432 36.15 -14.99 64.50
CA LEU F 432 37.16 -14.78 65.57
C LEU F 432 36.82 -13.64 66.54
N GLY F 433 35.60 -13.16 66.66
CA GLY F 433 35.27 -12.23 67.73
C GLY F 433 35.74 -10.80 67.54
N VAL F 434 34.94 -9.85 68.02
CA VAL F 434 35.41 -8.47 68.10
C VAL F 434 36.32 -8.26 69.29
N GLU F 435 36.33 -9.19 70.25
CA GLU F 435 37.09 -9.00 71.48
C GLU F 435 38.59 -9.03 71.23
N PHE F 436 39.04 -9.87 70.29
CA PHE F 436 40.46 -9.92 69.97
C PHE F 436 40.88 -8.70 69.17
N PHE F 437 40.03 -8.25 68.24
CA PHE F 437 40.38 -7.20 67.28
C PHE F 437 41.10 -6.00 67.90
N ASP F 438 40.52 -5.41 68.95
CA ASP F 438 41.07 -4.16 69.46
C ASP F 438 42.32 -4.35 70.32
N GLU F 439 42.64 -5.57 70.75
CA GLU F 439 43.73 -5.80 71.70
C GLU F 439 45.05 -5.28 71.15
N LYS F 440 45.55 -5.90 70.09
CA LYS F 440 46.69 -5.33 69.37
C LYS F 440 46.59 -5.56 67.88
N LEU F 441 45.42 -5.96 67.36
CA LEU F 441 45.21 -6.13 65.94
C LEU F 441 44.53 -4.91 65.31
N ASN F 442 44.10 -3.95 66.12
CA ASN F 442 43.57 -2.70 65.59
C ASN F 442 44.65 -1.62 65.48
N SER F 443 45.73 -1.77 66.25
CA SER F 443 46.88 -0.89 66.10
C SER F 443 47.60 -1.12 64.78
N LEU F 444 47.59 -2.36 64.29
CA LEU F 444 48.20 -2.65 62.99
C LEU F 444 47.38 -2.07 61.85
N CYS F 445 46.05 -2.16 61.95
CA CYS F 445 45.20 -1.60 60.92
C CYS F 445 45.28 -0.08 60.88
N MET F 446 45.77 0.56 61.95
CA MET F 446 45.94 2.01 61.97
C MET F 446 47.26 2.44 61.32
N ALA F 447 48.37 1.86 61.75
CA ALA F 447 49.69 2.20 61.21
C ALA F 447 49.79 2.03 59.70
N TRP F 448 48.78 1.44 59.06
CA TRP F 448 48.78 1.30 57.62
C TRP F 448 48.38 2.61 56.93
N LEU F 449 47.42 3.34 57.50
CA LEU F 449 46.94 4.56 56.87
C LEU F 449 48.01 5.64 56.78
N VAL F 450 49.12 5.49 57.48
CA VAL F 450 50.22 6.45 57.42
C VAL F 450 51.44 5.75 56.86
N ASP F 451 51.22 4.80 55.96
CA ASP F 451 52.32 4.13 55.30
C ASP F 451 52.81 4.98 54.14
N HIS F 452 54.12 4.89 53.87
CA HIS F 452 54.71 5.67 52.79
C HIS F 452 54.02 5.39 51.45
N VAL F 453 53.93 4.11 51.08
CA VAL F 453 53.32 3.73 49.81
C VAL F 453 51.82 3.97 49.87
N TYR F 454 51.26 4.43 48.74
CA TYR F 454 49.86 4.85 48.66
C TYR F 454 48.89 3.67 48.61
N ALA F 455 49.32 2.55 48.02
CA ALA F 455 48.44 1.39 47.89
C ALA F 455 48.01 0.88 49.26
N ILE F 456 48.93 0.84 50.22
CA ILE F 456 48.60 0.43 51.57
C ILE F 456 47.56 1.38 52.16
N ARG F 457 47.68 2.68 51.86
CA ARG F 457 46.75 3.68 52.39
C ARG F 457 45.33 3.45 51.87
N GLU F 458 45.18 3.27 50.55
CA GLU F 458 43.85 3.02 50.00
C GLU F 458 43.29 1.68 50.50
N ALA F 459 44.13 0.66 50.55
CA ALA F 459 43.71 -0.62 51.11
C ALA F 459 43.16 -0.45 52.52
N ALA F 460 43.83 0.37 53.34
CA ALA F 460 43.39 0.55 54.72
C ALA F 460 42.05 1.28 54.78
N THR F 461 41.85 2.29 53.93
CA THR F 461 40.57 3.01 53.91
C THR F 461 39.41 2.07 53.56
N SER F 462 39.59 1.26 52.51
CA SER F 462 38.50 0.35 52.15
C SER F 462 38.37 -0.78 53.17
N ASN F 463 39.48 -1.17 53.81
CA ASN F 463 39.44 -2.09 54.92
C ASN F 463 38.55 -1.53 56.04
N LEU F 464 38.66 -0.23 56.30
CA LEU F 464 37.83 0.40 57.32
C LEU F 464 36.35 0.31 56.96
N LYS F 465 36.01 0.54 55.68
CA LYS F 465 34.60 0.39 55.30
C LYS F 465 34.11 -1.03 55.57
N LYS F 466 34.87 -2.02 55.10
CA LYS F 466 34.47 -3.42 55.30
C LYS F 466 34.33 -3.74 56.78
N LEU F 467 35.21 -3.16 57.61
CA LEU F 467 35.19 -3.48 59.03
C LEU F 467 33.99 -2.86 59.73
N VAL F 468 33.59 -1.67 59.30
CA VAL F 468 32.42 -1.04 59.93
C VAL F 468 31.10 -1.58 59.42
N GLU F 469 31.02 -2.12 58.20
CA GLU F 469 29.75 -2.73 57.82
C GLU F 469 29.51 -4.05 58.52
N LYS F 470 30.53 -4.65 59.14
CA LYS F 470 30.37 -5.87 59.90
C LYS F 470 30.42 -5.68 61.41
N PHE F 471 30.76 -4.48 61.89
CA PHE F 471 30.70 -4.17 63.31
C PHE F 471 29.64 -3.09 63.53
N GLY F 472 29.29 -2.87 64.80
CA GLY F 472 28.22 -1.95 65.13
C GLY F 472 28.55 -0.48 64.89
N LYS F 473 27.49 0.34 64.92
CA LYS F 473 27.66 1.78 64.80
C LYS F 473 28.37 2.37 66.00
N GLU F 474 28.16 1.79 67.18
CA GLU F 474 28.98 2.15 68.33
C GLU F 474 30.45 1.95 68.02
N TRP F 475 30.79 0.84 67.37
CA TRP F 475 32.20 0.52 67.09
C TRP F 475 32.84 1.59 66.23
N ALA F 476 32.18 1.98 65.13
CA ALA F 476 32.73 3.04 64.29
C ALA F 476 32.88 4.35 65.08
N HIS F 477 31.83 4.72 65.82
CA HIS F 477 31.90 5.91 66.66
C HIS F 477 32.93 5.75 67.78
N ALA F 478 33.03 4.55 68.37
CA ALA F 478 33.88 4.38 69.55
C ALA F 478 35.36 4.50 69.20
N THR F 479 35.87 3.57 68.39
CA THR F 479 37.30 3.44 68.17
C THR F 479 37.79 4.12 66.90
N ILE F 480 36.99 4.08 65.83
CA ILE F 480 37.50 4.44 64.51
C ILE F 480 37.54 5.95 64.32
N ILE F 481 36.41 6.64 64.52
CA ILE F 481 36.33 8.05 64.15
C ILE F 481 37.30 8.93 64.95
N PRO F 482 37.53 8.73 66.25
CA PRO F 482 38.46 9.64 66.95
C PRO F 482 39.86 9.69 66.32
N LYS F 483 40.46 8.54 66.02
CA LYS F 483 41.82 8.55 65.50
C LYS F 483 41.86 9.15 64.09
N VAL F 484 40.94 8.73 63.21
CA VAL F 484 40.93 9.30 61.87
C VAL F 484 40.55 10.77 61.91
N LEU F 485 39.70 11.17 62.86
CA LEU F 485 39.33 12.57 62.98
C LEU F 485 40.49 13.39 63.53
N ALA F 486 41.24 12.83 64.49
CA ALA F 486 42.44 13.46 65.02
C ALA F 486 43.63 13.32 64.09
N MET F 487 43.59 12.38 63.15
CA MET F 487 44.66 12.25 62.16
C MET F 487 44.79 13.50 61.31
N SER F 488 43.68 14.21 61.09
CA SER F 488 43.68 15.40 60.24
C SER F 488 44.56 16.52 60.79
N GLY F 489 44.82 16.55 62.08
CA GLY F 489 45.39 17.75 62.67
C GLY F 489 46.81 18.12 62.27
N ASP F 490 47.80 17.32 62.65
CA ASP F 490 49.18 17.82 62.61
C ASP F 490 50.10 17.33 61.48
N PRO F 491 49.89 16.15 60.87
CA PRO F 491 50.90 15.67 59.91
C PRO F 491 51.02 16.50 58.64
N ASN F 492 51.68 15.93 57.63
CA ASN F 492 51.73 16.58 56.33
C ASN F 492 50.38 16.44 55.64
N TYR F 493 50.21 17.17 54.54
CA TYR F 493 48.91 17.24 53.89
C TYR F 493 48.46 15.90 53.33
N LEU F 494 49.37 14.92 53.21
CA LEU F 494 48.95 13.60 52.74
C LEU F 494 48.03 12.92 53.73
N HIS F 495 48.32 13.02 55.04
CA HIS F 495 47.49 12.34 56.02
C HIS F 495 46.14 13.04 56.20
N ARG F 496 46.10 14.37 56.09
CA ARG F 496 44.83 15.09 56.14
C ARG F 496 43.88 14.61 55.05
N MET F 497 44.42 14.35 53.86
CA MET F 497 43.61 13.82 52.77
C MET F 497 43.11 12.42 53.11
N THR F 498 43.96 11.58 53.69
CA THR F 498 43.51 10.25 54.07
C THR F 498 42.38 10.32 55.10
N THR F 499 42.40 11.32 55.99
CA THR F 499 41.26 11.48 56.90
C THR F 499 40.00 11.81 56.12
N LEU F 500 40.10 12.69 55.13
CA LEU F 500 38.93 13.00 54.32
C LEU F 500 38.42 11.75 53.60
N PHE F 501 39.34 10.96 53.06
CA PHE F 501 38.95 9.74 52.34
C PHE F 501 38.27 8.75 53.27
N CYS F 502 38.77 8.64 54.50
CA CYS F 502 38.12 7.79 55.50
C CYS F 502 36.72 8.30 55.83
N ILE F 503 36.58 9.62 55.92
CA ILE F 503 35.27 10.20 56.21
C ILE F 503 34.27 9.84 55.11
N ASN F 504 34.74 9.84 53.86
CA ASN F 504 33.84 9.48 52.76
C ASN F 504 33.58 7.98 52.70
N VAL F 505 34.56 7.17 53.08
CA VAL F 505 34.37 5.74 53.11
C VAL F 505 33.50 5.32 54.29
N LEU F 506 33.55 6.09 55.38
CA LEU F 506 32.64 5.86 56.51
C LEU F 506 31.31 6.58 56.35
N SER F 507 31.17 7.46 55.35
CA SER F 507 29.91 8.16 55.14
C SER F 507 28.86 7.31 54.46
N GLU F 508 29.27 6.19 53.86
CA GLU F 508 28.36 5.28 53.17
C GLU F 508 27.91 4.12 54.03
N VAL F 509 28.36 4.04 55.28
CA VAL F 509 27.98 2.92 56.15
C VAL F 509 27.32 3.44 57.42
N CYS F 510 27.75 4.60 57.90
CA CYS F 510 27.33 5.07 59.21
C CYS F 510 26.04 5.88 59.19
N GLY F 511 25.39 5.99 58.03
CA GLY F 511 24.08 6.59 57.98
C GLY F 511 24.09 8.10 58.13
N GLN F 512 22.86 8.65 58.12
CA GLN F 512 22.67 10.09 58.20
C GLN F 512 23.11 10.65 59.54
N ASP F 513 22.79 9.96 60.64
CA ASP F 513 22.93 10.54 61.97
C ASP F 513 24.39 10.82 62.36
N ILE F 514 25.25 9.79 62.29
CA ILE F 514 26.60 9.90 62.84
C ILE F 514 27.45 10.88 62.04
N THR F 515 27.41 10.81 60.70
CA THR F 515 28.35 11.63 59.92
C THR F 515 28.02 13.11 60.04
N THR F 516 26.74 13.47 60.20
CA THR F 516 26.40 14.88 60.37
C THR F 516 26.98 15.42 61.67
N LYS F 517 26.86 14.64 62.76
CA LYS F 517 27.31 15.10 64.07
C LYS F 517 28.84 15.10 64.17
N HIS F 518 29.45 13.93 64.01
CA HIS F 518 30.87 13.74 64.30
C HIS F 518 31.81 13.93 63.11
N MET F 519 31.33 14.02 61.87
CA MET F 519 32.25 14.09 60.76
C MET F 519 32.23 15.40 59.96
N LEU F 520 31.17 16.21 60.05
CA LEU F 520 31.12 17.44 59.28
C LEU F 520 31.94 18.60 59.87
N PRO F 521 31.89 18.84 61.19
CA PRO F 521 32.82 19.81 61.76
C PRO F 521 34.26 19.56 61.33
N THR F 522 34.64 18.29 61.20
CA THR F 522 36.01 17.97 60.79
C THR F 522 36.26 18.36 59.34
N VAL F 523 35.34 18.02 58.43
CA VAL F 523 35.57 18.35 57.01
C VAL F 523 35.58 19.85 56.78
N LEU F 524 34.77 20.62 57.54
CA LEU F 524 34.74 22.06 57.28
C LEU F 524 36.03 22.72 57.74
N ARG F 525 36.63 22.26 58.84
CA ARG F 525 37.95 22.75 59.22
C ARG F 525 38.98 22.40 58.15
N MET F 526 38.87 21.22 57.54
CA MET F 526 39.76 20.86 56.45
C MET F 526 39.70 21.85 55.31
N ALA F 527 38.53 22.47 55.09
CA ALA F 527 38.38 23.44 54.01
C ALA F 527 39.30 24.64 54.18
N GLY F 528 39.58 25.03 55.42
CA GLY F 528 40.46 26.17 55.67
C GLY F 528 41.92 25.94 55.33
N ASP F 529 42.32 24.68 55.20
CA ASP F 529 43.73 24.30 55.20
C ASP F 529 44.52 25.13 54.18
N PRO F 530 45.77 25.50 54.48
CA PRO F 530 46.56 26.27 53.51
C PRO F 530 46.85 25.52 52.22
N VAL F 531 47.13 24.21 52.29
CA VAL F 531 47.50 23.46 51.11
C VAL F 531 46.28 23.34 50.18
N ALA F 532 46.55 23.35 48.87
CA ALA F 532 45.47 23.33 47.89
C ALA F 532 44.87 21.94 47.74
N ASN F 533 45.71 20.88 47.81
CA ASN F 533 45.23 19.52 47.56
C ASN F 533 44.10 19.14 48.51
N VAL F 534 44.31 19.34 49.81
CA VAL F 534 43.29 19.03 50.81
C VAL F 534 42.06 19.90 50.60
N ARG F 535 42.24 21.15 50.15
CA ARG F 535 41.10 22.07 50.01
C ARG F 535 40.11 21.58 48.96
N PHE F 536 40.59 21.24 47.75
CA PHE F 536 39.69 20.70 46.72
C PHE F 536 39.23 19.29 47.04
N ASN F 537 40.09 18.50 47.70
CA ASN F 537 39.64 17.21 48.20
C ASN F 537 38.45 17.37 49.14
N VAL F 538 38.39 18.48 49.85
CA VAL F 538 37.22 18.79 50.69
C VAL F 538 35.97 18.88 49.84
N ALA F 539 36.05 19.53 48.69
CA ALA F 539 34.87 19.59 47.82
C ALA F 539 34.47 18.21 47.34
N LYS F 540 35.45 17.40 46.92
CA LYS F 540 35.14 16.04 46.48
C LYS F 540 34.47 15.24 47.60
N SER F 541 35.05 15.28 48.79
CA SER F 541 34.55 14.52 49.93
C SER F 541 33.19 15.02 50.40
N LEU F 542 33.15 16.30 50.49
CA LEU F 542 31.89 16.92 50.87
C LEU F 542 30.82 16.36 49.92
N GLN F 543 30.87 16.71 48.67
CA GLN F 543 29.79 16.34 47.75
C GLN F 543 29.54 14.84 47.70
N LYS F 544 30.57 14.02 47.94
CA LYS F 544 30.33 12.60 48.15
C LYS F 544 29.37 12.38 49.32
N ILE F 545 29.58 13.14 50.40
CA ILE F 545 28.71 13.04 51.57
C ILE F 545 27.32 13.59 51.27
N GLY F 546 27.24 14.69 50.53
CA GLY F 546 26.03 15.45 50.28
C GLY F 546 24.71 14.71 50.25
N PRO F 547 24.57 13.70 49.38
CA PRO F 547 23.29 12.96 49.32
C PRO F 547 22.77 12.50 50.67
N ILE F 548 23.67 12.11 51.58
CA ILE F 548 23.26 11.52 52.85
C ILE F 548 22.64 12.54 53.80
N LEU F 549 22.97 13.81 53.66
CA LEU F 549 22.41 14.84 54.54
C LEU F 549 20.94 15.13 54.20
N ASP F 550 20.34 16.00 55.02
CA ASP F 550 19.02 16.57 54.79
C ASP F 550 19.17 18.02 54.31
N ASN F 551 18.05 18.61 53.90
CA ASN F 551 18.07 19.95 53.33
C ASN F 551 18.46 21.00 54.37
N SER F 552 17.86 20.92 55.57
CA SER F 552 17.99 22.01 56.54
C SER F 552 19.43 22.22 56.97
N THR F 553 20.13 21.13 57.29
CA THR F 553 21.54 21.26 57.64
C THR F 553 22.39 21.63 56.42
N LEU F 554 22.04 21.09 55.26
CA LEU F 554 22.78 21.29 54.01
C LEU F 554 22.87 22.76 53.65
N GLN F 555 21.74 23.39 53.32
CA GLN F 555 21.84 24.77 52.86
C GLN F 555 22.34 25.72 53.94
N SER F 556 22.29 25.32 55.21
CA SER F 556 22.69 26.23 56.28
C SER F 556 24.19 26.20 56.56
N GLU F 557 24.85 25.05 56.51
CA GLU F 557 26.28 25.09 56.83
C GLU F 557 27.21 24.59 55.74
N VAL F 558 26.81 23.62 54.93
CA VAL F 558 27.73 23.15 53.89
C VAL F 558 27.71 24.08 52.69
N LYS F 559 26.54 24.63 52.35
CA LYS F 559 26.46 25.53 51.19
C LYS F 559 27.32 26.79 51.36
N PRO F 560 27.35 27.47 52.51
CA PRO F 560 28.25 28.63 52.64
C PRO F 560 29.72 28.28 52.50
N ILE F 561 30.14 27.08 52.91
CA ILE F 561 31.56 26.77 52.75
C ILE F 561 31.87 26.46 51.29
N LEU F 562 30.91 25.88 50.56
CA LEU F 562 31.06 25.80 49.11
C LEU F 562 31.07 27.18 48.47
N GLU F 563 30.34 28.13 49.06
CA GLU F 563 30.41 29.51 48.58
C GLU F 563 31.82 30.05 48.70
N LYS F 564 32.43 29.85 49.87
CA LYS F 564 33.81 30.30 50.10
C LYS F 564 34.78 29.57 49.17
N LEU F 565 34.52 28.29 48.90
CA LEU F 565 35.45 27.48 48.10
C LEU F 565 35.34 27.78 46.61
N THR F 566 34.14 28.10 46.13
CA THR F 566 33.93 28.31 44.69
C THR F 566 34.66 29.53 44.16
N GLN F 567 34.96 30.51 45.02
CA GLN F 567 35.79 31.64 44.65
C GLN F 567 37.09 31.49 45.44
N ASP F 568 38.05 30.82 44.81
CA ASP F 568 39.30 30.44 45.45
C ASP F 568 40.45 30.84 44.54
N GLN F 569 41.67 30.71 45.05
CA GLN F 569 42.85 31.04 44.27
C GLN F 569 43.17 29.95 43.25
N ASP F 570 42.97 28.68 43.62
CA ASP F 570 43.36 27.56 42.78
C ASP F 570 42.19 27.13 41.90
N VAL F 571 42.45 27.06 40.58
CA VAL F 571 41.40 26.76 39.61
C VAL F 571 40.78 25.38 39.86
N ASP F 572 41.57 24.43 40.35
CA ASP F 572 41.05 23.09 40.57
C ASP F 572 40.05 23.07 41.72
N VAL F 573 40.34 23.81 42.79
CA VAL F 573 39.40 23.92 43.90
C VAL F 573 38.09 24.50 43.41
N LYS F 574 38.17 25.52 42.54
CA LYS F 574 36.98 26.12 41.96
C LYS F 574 36.18 25.10 41.15
N TYR F 575 36.86 24.40 40.25
CA TYR F 575 36.21 23.39 39.41
C TYR F 575 35.46 22.37 40.27
N PHE F 576 36.16 21.79 41.25
CA PHE F 576 35.53 20.70 42.00
C PHE F 576 34.47 21.21 42.96
N ALA F 577 34.62 22.42 43.51
CA ALA F 577 33.56 22.99 44.32
C ALA F 577 32.30 23.23 43.50
N GLN F 578 32.46 23.69 42.25
CA GLN F 578 31.30 23.95 41.43
C GLN F 578 30.61 22.65 40.99
N GLU F 579 31.40 21.63 40.67
CA GLU F 579 30.81 20.32 40.37
C GLU F 579 30.10 19.74 41.59
N ALA F 580 30.73 19.88 42.75
CA ALA F 580 30.17 19.41 44.01
C ALA F 580 28.80 20.03 44.26
N LEU F 581 28.74 21.37 44.35
CA LEU F 581 27.45 21.99 44.60
C LEU F 581 26.46 21.73 43.47
N THR F 582 26.95 21.50 42.24
CA THR F 582 26.03 21.25 41.12
C THR F 582 25.26 19.96 41.33
N VAL F 583 25.94 18.88 41.74
CA VAL F 583 25.21 17.64 41.99
C VAL F 583 24.29 17.79 43.20
N LEU F 584 24.65 18.64 44.16
CA LEU F 584 23.93 18.76 45.42
C LEU F 584 22.79 19.77 45.31
N SER F 585 23.09 21.00 44.88
CA SER F 585 22.04 22.00 44.77
C SER F 585 21.04 21.70 43.66
N LEU F 586 21.25 20.62 42.90
CA LEU F 586 20.29 20.14 41.91
C LEU F 586 20.17 18.62 41.94
N ASP G 4 24.56 12.99 2.23
CA ASP G 4 24.57 13.11 3.71
C ASP G 4 24.76 11.72 4.33
N TRP G 5 25.63 11.55 5.29
CA TRP G 5 25.74 10.18 5.79
C TRP G 5 24.62 9.81 6.75
N GLU G 6 23.96 10.80 7.37
CA GLU G 6 22.91 10.48 8.33
C GLU G 6 21.55 10.24 7.67
N VAL G 7 21.27 10.84 6.51
CA VAL G 7 20.03 10.48 5.83
C VAL G 7 20.10 9.06 5.27
N GLU G 8 21.27 8.60 4.90
CA GLU G 8 21.29 7.19 4.46
C GLU G 8 21.19 6.35 5.72
N ARG G 9 21.87 6.76 6.75
CA ARG G 9 21.87 5.97 7.99
C ARG G 9 20.48 5.89 8.63
N ALA G 10 19.62 6.90 8.40
CA ALA G 10 18.28 6.89 8.97
C ALA G 10 17.35 5.92 8.24
N GLU G 11 17.59 5.66 6.96
CA GLU G 11 16.77 4.70 6.24
C GLU G 11 16.99 3.29 6.77
N LEU G 12 18.24 2.95 7.10
CA LEU G 12 18.55 1.63 7.66
C LEU G 12 17.89 1.46 9.04
N GLN G 13 17.92 2.50 9.87
CA GLN G 13 17.30 2.40 11.19
C GLN G 13 15.79 2.23 11.08
N ALA G 14 15.14 2.99 10.19
CA ALA G 14 13.71 2.80 9.98
C ALA G 14 13.41 1.39 9.52
N ARG G 15 14.28 0.83 8.66
CA ARG G 15 14.11 -0.55 8.22
C ARG G 15 14.16 -1.52 9.40
N ILE G 16 15.16 -1.37 10.27
CA ILE G 16 15.33 -2.28 11.39
C ILE G 16 14.16 -2.18 12.37
N ALA G 17 13.70 -0.94 12.64
CA ALA G 17 12.57 -0.78 13.56
C ALA G 17 11.33 -1.46 13.00
N PHE G 18 11.08 -1.29 11.70
CA PHE G 18 9.90 -1.90 11.09
C PHE G 18 9.99 -3.43 11.13
N LEU G 19 11.17 -3.97 10.79
CA LEU G 19 11.35 -5.42 10.78
C LEU G 19 11.15 -6.03 12.17
N GLN G 20 11.70 -5.38 13.21
CA GLN G 20 11.51 -5.92 14.56
C GLN G 20 10.05 -5.86 14.97
N GLY G 21 9.35 -4.80 14.56
CA GLY G 21 7.94 -4.70 14.88
C GLY G 21 7.12 -5.83 14.30
N GLU G 22 7.39 -6.20 13.04
CA GLU G 22 6.67 -7.33 12.45
C GLU G 22 7.12 -8.67 13.05
N ARG G 23 8.43 -8.80 13.33
CA ARG G 23 8.97 -10.05 13.87
C ARG G 23 8.31 -10.45 15.18
N LYS G 24 8.10 -9.49 16.09
CA LYS G 24 7.46 -9.85 17.35
C LYS G 24 6.07 -10.46 17.09
N GLY G 25 5.32 -9.85 16.18
CA GLY G 25 4.03 -10.40 15.82
C GLY G 25 4.12 -11.83 15.30
N GLN G 26 5.12 -12.09 14.44
CA GLN G 26 5.25 -13.46 13.92
C GLN G 26 5.53 -14.45 15.05
N GLU G 27 6.35 -14.04 16.01
CA GLU G 27 6.65 -14.94 17.14
C GLU G 27 5.38 -15.23 17.94
N ASN G 28 4.62 -14.18 18.25
CA ASN G 28 3.42 -14.34 19.06
C ASN G 28 2.23 -14.90 18.29
N LEU G 29 2.36 -15.07 16.96
CA LEU G 29 1.43 -15.88 16.19
C LEU G 29 1.80 -17.36 16.25
N LYS G 30 3.09 -17.67 16.07
CA LYS G 30 3.54 -19.05 16.19
C LYS G 30 3.23 -19.62 17.57
N LYS G 31 3.33 -18.78 18.61
CA LYS G 31 2.97 -19.19 19.96
C LYS G 31 1.54 -19.72 20.01
N ASP G 32 0.60 -18.93 19.50
CA ASP G 32 -0.80 -19.34 19.49
C ASP G 32 -1.03 -20.55 18.60
N LEU G 33 -0.29 -20.64 17.49
CA LEU G 33 -0.43 -21.79 16.60
C LEU G 33 -0.05 -23.09 17.31
N VAL G 34 1.09 -23.09 17.99
CA VAL G 34 1.49 -24.27 18.75
C VAL G 34 0.47 -24.59 19.83
N ARG G 35 -0.07 -23.55 20.48
CA ARG G 35 -1.13 -23.80 21.46
C ARG G 35 -2.30 -24.53 20.82
N ARG G 36 -2.70 -24.10 19.61
CA ARG G 36 -3.78 -24.76 18.89
C ARG G 36 -3.45 -26.21 18.59
N ILE G 37 -2.19 -26.48 18.22
CA ILE G 37 -1.76 -27.85 17.96
C ILE G 37 -1.92 -28.70 19.21
N LYS G 38 -1.49 -28.18 20.36
CA LYS G 38 -1.66 -28.92 21.61
C LYS G 38 -3.13 -29.15 21.93
N MET G 39 -3.97 -28.14 21.71
CA MET G 39 -5.40 -28.26 21.94
C MET G 39 -6.00 -29.38 21.09
N LEU G 40 -5.64 -29.43 19.81
CA LEU G 40 -6.15 -30.49 18.95
C LEU G 40 -5.60 -31.85 19.34
N GLU G 41 -4.31 -31.92 19.73
CA GLU G 41 -3.75 -33.17 20.24
C GLU G 41 -4.57 -33.69 21.41
N TYR G 42 -4.84 -32.81 22.37
CA TYR G 42 -5.57 -33.22 23.56
C TYR G 42 -7.00 -33.64 23.20
N ALA G 43 -7.65 -32.90 22.29
CA ALA G 43 -9.00 -33.26 21.89
C ALA G 43 -9.03 -34.63 21.23
N LEU G 44 -8.06 -34.93 20.38
CA LEU G 44 -7.98 -36.25 19.76
C LEU G 44 -7.75 -37.33 20.81
N LYS G 45 -6.85 -37.06 21.76
CA LYS G 45 -6.62 -37.99 22.85
C LYS G 45 -7.92 -38.27 23.61
N GLN G 46 -8.76 -37.24 23.77
CA GLN G 46 -10.03 -37.40 24.47
C GLN G 46 -11.02 -38.23 23.68
N GLU G 47 -11.19 -37.91 22.38
CA GLU G 47 -12.20 -38.58 21.56
C GLU G 47 -11.90 -40.06 21.38
N ARG G 48 -10.63 -40.45 21.42
CA ARG G 48 -10.28 -41.86 21.27
C ARG G 48 -10.84 -42.67 22.44
N ALA G 49 -10.82 -42.10 23.64
CA ALA G 49 -11.37 -42.74 24.82
C ALA G 49 -12.90 -42.80 24.76
N TRP H 5 35.60 4.59 10.04
CA TRP H 5 34.95 5.18 11.18
C TRP H 5 33.45 4.92 11.13
N GLU H 6 32.90 4.87 9.92
CA GLU H 6 31.52 4.42 9.72
C GLU H 6 31.49 2.95 9.32
N VAL H 7 32.22 2.12 10.07
CA VAL H 7 32.14 0.68 9.89
C VAL H 7 30.75 0.20 10.29
N GLU H 8 30.03 1.03 11.04
CA GLU H 8 28.66 0.77 11.44
C GLU H 8 27.75 0.57 10.23
N ARG H 9 28.14 1.08 9.06
CA ARG H 9 27.35 0.86 7.87
C ARG H 9 27.28 -0.63 7.55
N ALA H 10 28.32 -1.39 7.93
CA ALA H 10 28.27 -2.84 7.83
C ALA H 10 27.54 -3.49 8.99
N GLU H 11 27.58 -2.87 10.18
CA GLU H 11 26.90 -3.45 11.33
C GLU H 11 25.38 -3.40 11.17
N LEU H 12 24.85 -2.28 10.68
CA LEU H 12 23.41 -2.19 10.45
C LEU H 12 22.96 -3.15 9.34
N GLN H 13 23.72 -3.21 8.25
CA GLN H 13 23.34 -4.07 7.12
C GLN H 13 23.34 -5.54 7.51
N ALA H 14 24.40 -5.98 8.21
CA ALA H 14 24.42 -7.35 8.70
C ALA H 14 23.24 -7.60 9.61
N ARG H 15 22.85 -6.59 10.38
CA ARG H 15 21.67 -6.68 11.21
C ARG H 15 20.43 -6.87 10.33
N ILE H 16 20.28 -6.03 9.29
CA ILE H 16 19.11 -6.12 8.43
C ILE H 16 19.07 -7.45 7.70
N ALA H 17 20.23 -7.89 7.20
CA ALA H 17 20.31 -9.17 6.51
C ALA H 17 19.90 -10.27 7.45
N PHE H 18 20.29 -10.17 8.72
CA PHE H 18 19.85 -11.16 9.68
C PHE H 18 18.35 -11.09 9.89
N LEU H 19 17.81 -9.89 10.08
CA LEU H 19 16.37 -9.78 10.33
C LEU H 19 15.60 -10.30 9.13
N GLN H 20 16.02 -9.90 7.92
CA GLN H 20 15.37 -10.38 6.72
C GLN H 20 15.49 -11.90 6.63
N GLY H 21 16.60 -12.44 7.12
CA GLY H 21 16.75 -13.88 7.16
C GLY H 21 15.75 -14.56 8.08
N GLU H 22 15.50 -13.97 9.26
CA GLU H 22 14.53 -14.58 10.15
C GLU H 22 13.10 -14.42 9.63
N ARG H 23 12.79 -13.27 9.03
CA ARG H 23 11.46 -13.04 8.46
C ARG H 23 11.11 -14.13 7.47
N LYS H 24 12.07 -14.49 6.61
CA LYS H 24 11.89 -15.64 5.73
C LYS H 24 11.70 -16.92 6.54
N GLY H 25 12.63 -17.17 7.47
CA GLY H 25 12.61 -18.42 8.21
C GLY H 25 11.30 -18.65 8.95
N GLN H 26 10.80 -17.61 9.63
CA GLN H 26 9.56 -17.76 10.37
C GLN H 26 8.40 -18.10 9.45
N GLU H 27 8.35 -17.49 8.27
CA GLU H 27 7.16 -17.63 7.44
C GLU H 27 6.89 -19.08 7.06
N ASN H 28 7.85 -19.73 6.43
CA ASN H 28 7.60 -21.10 6.01
C ASN H 28 7.75 -22.08 7.17
N LEU H 29 8.04 -21.59 8.38
CA LEU H 29 7.82 -22.43 9.54
C LEU H 29 6.35 -22.44 9.92
N LYS H 30 5.73 -21.25 9.98
CA LYS H 30 4.31 -21.18 10.29
C LYS H 30 3.51 -21.97 9.27
N LYS H 31 3.97 -21.96 8.02
CA LYS H 31 3.33 -22.74 6.96
C LYS H 31 3.19 -24.19 7.39
N ASP H 32 4.31 -24.81 7.81
CA ASP H 32 4.25 -26.21 8.20
C ASP H 32 3.35 -26.39 9.40
N LEU H 33 3.39 -25.44 10.35
CA LEU H 33 2.54 -25.57 11.53
C LEU H 33 1.09 -25.62 11.13
N VAL H 34 0.67 -24.73 10.22
CA VAL H 34 -0.73 -24.74 9.80
C VAL H 34 -1.09 -26.10 9.23
N ARG H 35 -0.18 -26.68 8.43
CA ARG H 35 -0.45 -28.00 7.88
C ARG H 35 -0.70 -29.02 8.98
N ARG H 36 0.13 -29.00 10.03
CA ARG H 36 -0.07 -29.95 11.11
C ARG H 36 -1.44 -29.76 11.74
N ILE H 37 -1.89 -28.51 11.90
CA ILE H 37 -3.22 -28.30 12.47
C ILE H 37 -4.25 -28.97 11.57
N LYS H 38 -4.13 -28.75 10.26
CA LYS H 38 -5.05 -29.39 9.32
C LYS H 38 -4.97 -30.89 9.46
N MET H 39 -3.75 -31.42 9.57
CA MET H 39 -3.59 -32.86 9.71
C MET H 39 -4.36 -33.35 10.91
N LEU H 40 -4.16 -32.69 12.05
CA LEU H 40 -4.87 -33.14 13.25
C LEU H 40 -6.36 -32.92 13.07
N GLU H 41 -6.74 -31.78 12.48
CA GLU H 41 -8.15 -31.55 12.21
C GLU H 41 -8.75 -32.73 11.46
N TYR H 42 -8.08 -33.12 10.37
CA TYR H 42 -8.64 -34.20 9.56
C TYR H 42 -8.74 -35.48 10.38
N ALA H 43 -7.70 -35.79 11.17
CA ALA H 43 -7.74 -37.00 11.97
C ALA H 43 -8.90 -36.96 12.94
N LEU H 44 -9.13 -35.81 13.58
CA LEU H 44 -10.24 -35.73 14.52
C LEU H 44 -11.55 -35.94 13.81
N LYS H 45 -11.73 -35.34 12.63
CA LYS H 45 -12.97 -35.55 11.90
C LYS H 45 -13.18 -37.04 11.66
N GLN H 46 -12.12 -37.75 11.29
CA GLN H 46 -12.26 -39.18 11.03
C GLN H 46 -12.63 -39.91 12.32
N GLU H 47 -11.91 -39.60 13.41
CA GLU H 47 -12.22 -40.29 14.65
C GLU H 47 -13.61 -39.93 15.15
N ARG H 48 -14.10 -38.73 14.83
CA ARG H 48 -15.47 -38.42 15.24
C ARG H 48 -16.48 -39.24 14.45
N ALA H 49 -16.20 -39.47 13.17
CA ALA H 49 -17.12 -40.25 12.35
C ALA H 49 -17.12 -41.72 12.76
N LYS H 50 -15.94 -42.26 13.07
CA LYS H 50 -15.83 -43.64 13.54
C LYS H 50 -16.33 -43.78 14.98
C1 TME I . 2.20 -7.63 27.33
C2 TME I . 2.46 -7.22 25.89
C3 TME I . 3.76 -7.83 25.39
C1 TME J . -21.70 34.41 -7.09
C2 TME J . -22.93 35.29 -7.00
C3 TME J . -23.94 34.80 -8.01
C1 TME K . 17.29 -45.43 11.35
C2 TME K . 17.92 -44.50 10.34
C3 TME K . 19.37 -44.25 10.67
C1 TME L . 15.17 -38.23 4.37
C2 TME L . 14.00 -39.05 3.91
C3 TME L . 12.88 -38.16 3.43
C1 TME M . 17.35 -35.43 3.62
C2 TME M . 18.61 -34.69 3.20
C3 TME M . 18.29 -33.29 2.69
C1 TME N . 26.61 -32.58 17.61
C2 TME N . 25.10 -32.57 17.42
C3 TME N . 24.41 -31.82 18.54
#